data_7BUH
# 
_entry.id   7BUH 
# 
_audit_conform.dict_name       mmcif_pdbx.dic 
_audit_conform.dict_version    5.380 
_audit_conform.dict_location   http://mmcif.pdb.org/dictionaries/ascii/mmcif_pdbx.dic 
# 
loop_
_database_2.database_id 
_database_2.database_code 
_database_2.pdbx_database_accession 
_database_2.pdbx_DOI 
PDB   7BUH         pdb_00007buh 10.2210/pdb7buh/pdb 
WWPDB D_1300014963 ?            ?                   
# 
_pdbx_database_related.db_name        PDB 
_pdbx_database_related.details        . 
_pdbx_database_related.db_id          7BUG 
_pdbx_database_related.content_type   unspecified 
# 
_pdbx_database_status.status_code                     REL 
_pdbx_database_status.status_code_sf                  REL 
_pdbx_database_status.status_code_mr                  ? 
_pdbx_database_status.entry_id                        7BUH 
_pdbx_database_status.recvd_initial_deposition_date   2020-04-06 
_pdbx_database_status.SG_entry                        N 
_pdbx_database_status.deposit_site                    PDBJ 
_pdbx_database_status.process_site                    PDBJ 
_pdbx_database_status.status_code_cs                  ? 
_pdbx_database_status.status_code_nmr_data            ? 
_pdbx_database_status.methods_development_category    ? 
_pdbx_database_status.pdb_format_compatible           Y 
# 
loop_
_audit_author.name 
_audit_author.pdbx_ordinal 
_audit_author.identifier_ORCID 
'Matsuzawa, J.'        1 ? 
'Wang, Y.X.'           2 ? 
'Suzuki-Minakuchi, C.' 3 ? 
'Nojiri, H.'           4 ? 
# 
_citation.abstract                  ? 
_citation.abstract_id_CAS           ? 
_citation.book_id_ISBN              ? 
_citation.book_publisher            ? 
_citation.book_publisher_city       ? 
_citation.book_title                ? 
_citation.coordinate_linkage        ? 
_citation.country                   ? 
_citation.database_id_Medline       ? 
_citation.details                   ? 
_citation.id                        primary 
_citation.journal_abbrev            'To Be Published' 
_citation.journal_id_ASTM           ? 
_citation.journal_id_CSD            0353 
_citation.journal_id_ISSN           ? 
_citation.journal_full              ? 
_citation.journal_issue             ? 
_citation.journal_volume            ? 
_citation.language                  ? 
_citation.page_first                ? 
_citation.page_last                 ? 
_citation.title                     'Reduced ferredoxin of carbazole 1,9a-dioxygenase' 
_citation.year                      ? 
_citation.database_id_CSD           ? 
_citation.pdbx_database_id_DOI      ? 
_citation.pdbx_database_id_PubMed   ? 
_citation.unpublished_flag          ? 
# 
loop_
_citation_author.citation_id 
_citation_author.name 
_citation_author.ordinal 
_citation_author.identifier_ORCID 
primary 'Matsuzawa, J.'        1 ? 
primary 'Wang, Y.X.'           2 ? 
primary 'Suzuki-Minakuchi, C.' 3 ? 
primary 'Nojiri, H.'           4 ? 
# 
_cell.angle_alpha                  90.000 
_cell.angle_alpha_esd              ? 
_cell.angle_beta                   90.000 
_cell.angle_beta_esd               ? 
_cell.angle_gamma                  90.000 
_cell.angle_gamma_esd              ? 
_cell.entry_id                     7BUH 
_cell.details                      ? 
_cell.formula_units_Z              ? 
_cell.length_a                     61.045 
_cell.length_a_esd                 ? 
_cell.length_b                     67.725 
_cell.length_b_esd                 ? 
_cell.length_c                     45.450 
_cell.length_c_esd                 ? 
_cell.volume                       ? 
_cell.volume_esd                   ? 
_cell.Z_PDB                        8 
_cell.reciprocal_angle_alpha       ? 
_cell.reciprocal_angle_beta        ? 
_cell.reciprocal_angle_gamma       ? 
_cell.reciprocal_angle_alpha_esd   ? 
_cell.reciprocal_angle_beta_esd    ? 
_cell.reciprocal_angle_gamma_esd   ? 
_cell.reciprocal_length_a          ? 
_cell.reciprocal_length_b          ? 
_cell.reciprocal_length_c          ? 
_cell.reciprocal_length_a_esd      ? 
_cell.reciprocal_length_b_esd      ? 
_cell.reciprocal_length_c_esd      ? 
_cell.pdbx_unique_axis             ? 
# 
_symmetry.entry_id                         7BUH 
_symmetry.cell_setting                     ? 
_symmetry.Int_Tables_number                20 
_symmetry.space_group_name_Hall            ? 
_symmetry.space_group_name_H-M             'C 2 2 21' 
_symmetry.pdbx_full_space_group_name_H-M   ? 
# 
loop_
_entity.id 
_entity.type 
_entity.src_method 
_entity.pdbx_description 
_entity.formula_weight 
_entity.pdbx_number_of_molecules 
_entity.pdbx_ec 
_entity.pdbx_mutation 
_entity.pdbx_fragment 
_entity.details 
1 polymer     man 'Ferredoxin CarAc'           12448.059 1   ? ? ? ? 
2 non-polymer syn 'FE2/S2 (INORGANIC) CLUSTER' 175.820   1   ? ? ? ? 
3 non-polymer syn 'SODIUM ION'                 22.990    1   ? ? ? ? 
4 non-polymer nat 1,2-ETHANEDIOL               62.068    1   ? ? ? ? 
5 water       nat water                        18.015    106 ? ? ? ? 
# 
_entity_name_com.entity_id   1 
_entity_name_com.name        'Carbazole 1,9a-dioxygenase,ferredoxin component,CARDO' 
# 
_entity_poly.entity_id                      1 
_entity_poly.type                           'polypeptide(L)' 
_entity_poly.nstd_linkage                   no 
_entity_poly.nstd_monomer                   no 
_entity_poly.pdbx_seq_one_letter_code       
;MNQIWLKVCAASDMQPGTIRRVNRVGAAPLAVYRVGDQFYATEDTCTHGIASLSEGTLDGDVIECPFHGGAFNVCTGMPA
SSPCTVPLGVFEVEVKEGEVYVAGEKKLEHHHHHH
;
_entity_poly.pdbx_seq_one_letter_code_can   
;MNQIWLKVCAASDMQPGTIRRVNRVGAAPLAVYRVGDQFYATEDTCTHGIASLSEGTLDGDVIECPFHGGAFNVCTGMPA
SSPCTVPLGVFEVEVKEGEVYVAGEKKLEHHHHHH
;
_entity_poly.pdbx_strand_id                 A 
_entity_poly.pdbx_target_identifier         ? 
# 
loop_
_entity_poly_seq.entity_id 
_entity_poly_seq.num 
_entity_poly_seq.mon_id 
_entity_poly_seq.hetero 
1 1   MET n 
1 2   ASN n 
1 3   GLN n 
1 4   ILE n 
1 5   TRP n 
1 6   LEU n 
1 7   LYS n 
1 8   VAL n 
1 9   CYS n 
1 10  ALA n 
1 11  ALA n 
1 12  SER n 
1 13  ASP n 
1 14  MET n 
1 15  GLN n 
1 16  PRO n 
1 17  GLY n 
1 18  THR n 
1 19  ILE n 
1 20  ARG n 
1 21  ARG n 
1 22  VAL n 
1 23  ASN n 
1 24  ARG n 
1 25  VAL n 
1 26  GLY n 
1 27  ALA n 
1 28  ALA n 
1 29  PRO n 
1 30  LEU n 
1 31  ALA n 
1 32  VAL n 
1 33  TYR n 
1 34  ARG n 
1 35  VAL n 
1 36  GLY n 
1 37  ASP n 
1 38  GLN n 
1 39  PHE n 
1 40  TYR n 
1 41  ALA n 
1 42  THR n 
1 43  GLU n 
1 44  ASP n 
1 45  THR n 
1 46  CYS n 
1 47  THR n 
1 48  HIS n 
1 49  GLY n 
1 50  ILE n 
1 51  ALA n 
1 52  SER n 
1 53  LEU n 
1 54  SER n 
1 55  GLU n 
1 56  GLY n 
1 57  THR n 
1 58  LEU n 
1 59  ASP n 
1 60  GLY n 
1 61  ASP n 
1 62  VAL n 
1 63  ILE n 
1 64  GLU n 
1 65  CYS n 
1 66  PRO n 
1 67  PHE n 
1 68  HIS n 
1 69  GLY n 
1 70  GLY n 
1 71  ALA n 
1 72  PHE n 
1 73  ASN n 
1 74  VAL n 
1 75  CYS n 
1 76  THR n 
1 77  GLY n 
1 78  MET n 
1 79  PRO n 
1 80  ALA n 
1 81  SER n 
1 82  SER n 
1 83  PRO n 
1 84  CYS n 
1 85  THR n 
1 86  VAL n 
1 87  PRO n 
1 88  LEU n 
1 89  GLY n 
1 90  VAL n 
1 91  PHE n 
1 92  GLU n 
1 93  VAL n 
1 94  GLU n 
1 95  VAL n 
1 96  LYS n 
1 97  GLU n 
1 98  GLY n 
1 99  GLU n 
1 100 VAL n 
1 101 TYR n 
1 102 VAL n 
1 103 ALA n 
1 104 GLY n 
1 105 GLU n 
1 106 LYS n 
1 107 LYS n 
1 108 LEU n 
1 109 GLU n 
1 110 HIS n 
1 111 HIS n 
1 112 HIS n 
1 113 HIS n 
1 114 HIS n 
1 115 HIS n 
# 
_entity_src_gen.entity_id                          1 
_entity_src_gen.pdbx_src_id                        1 
_entity_src_gen.pdbx_alt_source_flag               sample 
_entity_src_gen.pdbx_seq_type                      'Biological sequence' 
_entity_src_gen.pdbx_beg_seq_num                   1 
_entity_src_gen.pdbx_end_seq_num                   115 
_entity_src_gen.gene_src_common_name               ? 
_entity_src_gen.gene_src_genus                     ? 
_entity_src_gen.pdbx_gene_src_gene                 carAc 
_entity_src_gen.gene_src_species                   ? 
_entity_src_gen.gene_src_strain                    ? 
_entity_src_gen.gene_src_tissue                    ? 
_entity_src_gen.gene_src_tissue_fraction           ? 
_entity_src_gen.gene_src_details                   ? 
_entity_src_gen.pdbx_gene_src_fragment             ? 
_entity_src_gen.pdbx_gene_src_scientific_name      'Pseudomonas resinovorans' 
_entity_src_gen.pdbx_gene_src_ncbi_taxonomy_id     53412 
_entity_src_gen.pdbx_gene_src_variant              ? 
_entity_src_gen.pdbx_gene_src_cell_line            ? 
_entity_src_gen.pdbx_gene_src_atcc                 ? 
_entity_src_gen.pdbx_gene_src_organ                ? 
_entity_src_gen.pdbx_gene_src_organelle            ? 
_entity_src_gen.pdbx_gene_src_cell                 ? 
_entity_src_gen.pdbx_gene_src_cellular_location    ? 
_entity_src_gen.host_org_common_name               ? 
_entity_src_gen.pdbx_host_org_scientific_name      'Escherichia coli BL21(DE3)' 
_entity_src_gen.pdbx_host_org_ncbi_taxonomy_id     469008 
_entity_src_gen.host_org_genus                     ? 
_entity_src_gen.pdbx_host_org_gene                 ? 
_entity_src_gen.pdbx_host_org_organ                ? 
_entity_src_gen.host_org_species                   ? 
_entity_src_gen.pdbx_host_org_tissue               ? 
_entity_src_gen.pdbx_host_org_tissue_fraction      ? 
_entity_src_gen.pdbx_host_org_strain               'BL21(DE3)' 
_entity_src_gen.pdbx_host_org_variant              ? 
_entity_src_gen.pdbx_host_org_cell_line            ? 
_entity_src_gen.pdbx_host_org_atcc                 ? 
_entity_src_gen.pdbx_host_org_culture_collection   ? 
_entity_src_gen.pdbx_host_org_cell                 ? 
_entity_src_gen.pdbx_host_org_organelle            ? 
_entity_src_gen.pdbx_host_org_cellular_location    ? 
_entity_src_gen.pdbx_host_org_vector_type          ? 
_entity_src_gen.pdbx_host_org_vector               ? 
_entity_src_gen.host_org_details                   ? 
_entity_src_gen.expression_system_id               ? 
_entity_src_gen.plasmid_name                       ? 
_entity_src_gen.plasmid_details                    ? 
_entity_src_gen.pdbx_description                   ? 
# 
_struct_ref.id                         1 
_struct_ref.db_name                    UNP 
_struct_ref.db_code                    CARAC_PSERE 
_struct_ref.pdbx_db_accession          Q8GI16 
_struct_ref.pdbx_db_isoform            ? 
_struct_ref.entity_id                  1 
_struct_ref.pdbx_seq_one_letter_code   
;MNQIWLKVCAASDMQPGTIRRVNRVGAAPLAVYRVGDQFYATEDTCTHGIASLSEGTLDGDVIECPFHGGAFNVCTGMPA
SSPCTVPLGVFEVEVKEGEVYVAGEKK
;
_struct_ref.pdbx_align_begin           1 
# 
_struct_ref_seq.align_id                      1 
_struct_ref_seq.ref_id                        1 
_struct_ref_seq.pdbx_PDB_id_code              7BUH 
_struct_ref_seq.pdbx_strand_id                A 
_struct_ref_seq.seq_align_beg                 1 
_struct_ref_seq.pdbx_seq_align_beg_ins_code   ? 
_struct_ref_seq.seq_align_end                 107 
_struct_ref_seq.pdbx_seq_align_end_ins_code   ? 
_struct_ref_seq.pdbx_db_accession             Q8GI16 
_struct_ref_seq.db_align_beg                  1 
_struct_ref_seq.pdbx_db_align_beg_ins_code    ? 
_struct_ref_seq.db_align_end                  107 
_struct_ref_seq.pdbx_db_align_end_ins_code    ? 
_struct_ref_seq.pdbx_auth_seq_align_beg       1 
_struct_ref_seq.pdbx_auth_seq_align_end       107 
# 
loop_
_struct_ref_seq_dif.align_id 
_struct_ref_seq_dif.pdbx_pdb_id_code 
_struct_ref_seq_dif.mon_id 
_struct_ref_seq_dif.pdbx_pdb_strand_id 
_struct_ref_seq_dif.seq_num 
_struct_ref_seq_dif.pdbx_pdb_ins_code 
_struct_ref_seq_dif.pdbx_seq_db_name 
_struct_ref_seq_dif.pdbx_seq_db_accession_code 
_struct_ref_seq_dif.db_mon_id 
_struct_ref_seq_dif.pdbx_seq_db_seq_num 
_struct_ref_seq_dif.details 
_struct_ref_seq_dif.pdbx_auth_seq_num 
_struct_ref_seq_dif.pdbx_ordinal 
1 7BUH LEU A 108 ? UNP Q8GI16 ? ? 'expression tag' 108 1 
1 7BUH GLU A 109 ? UNP Q8GI16 ? ? 'expression tag' 109 2 
1 7BUH HIS A 110 ? UNP Q8GI16 ? ? 'expression tag' 110 3 
1 7BUH HIS A 111 ? UNP Q8GI16 ? ? 'expression tag' 111 4 
1 7BUH HIS A 112 ? UNP Q8GI16 ? ? 'expression tag' 112 5 
1 7BUH HIS A 113 ? UNP Q8GI16 ? ? 'expression tag' 113 6 
1 7BUH HIS A 114 ? UNP Q8GI16 ? ? 'expression tag' 114 7 
1 7BUH HIS A 115 ? UNP Q8GI16 ? ? 'expression tag' 115 8 
# 
loop_
_chem_comp.id 
_chem_comp.type 
_chem_comp.mon_nstd_flag 
_chem_comp.name 
_chem_comp.pdbx_synonyms 
_chem_comp.formula 
_chem_comp.formula_weight 
ALA 'L-peptide linking' y ALANINE                      ?                 'C3 H7 N O2'     89.093  
ARG 'L-peptide linking' y ARGININE                     ?                 'C6 H15 N4 O2 1' 175.209 
ASN 'L-peptide linking' y ASPARAGINE                   ?                 'C4 H8 N2 O3'    132.118 
ASP 'L-peptide linking' y 'ASPARTIC ACID'              ?                 'C4 H7 N O4'     133.103 
CYS 'L-peptide linking' y CYSTEINE                     ?                 'C3 H7 N O2 S'   121.158 
EDO non-polymer         . 1,2-ETHANEDIOL               'ETHYLENE GLYCOL' 'C2 H6 O2'       62.068  
FES non-polymer         . 'FE2/S2 (INORGANIC) CLUSTER' ?                 'Fe2 S2'         175.820 
GLN 'L-peptide linking' y GLUTAMINE                    ?                 'C5 H10 N2 O3'   146.144 
GLU 'L-peptide linking' y 'GLUTAMIC ACID'              ?                 'C5 H9 N O4'     147.129 
GLY 'peptide linking'   y GLYCINE                      ?                 'C2 H5 N O2'     75.067  
HIS 'L-peptide linking' y HISTIDINE                    ?                 'C6 H10 N3 O2 1' 156.162 
HOH non-polymer         . WATER                        ?                 'H2 O'           18.015  
ILE 'L-peptide linking' y ISOLEUCINE                   ?                 'C6 H13 N O2'    131.173 
LEU 'L-peptide linking' y LEUCINE                      ?                 'C6 H13 N O2'    131.173 
LYS 'L-peptide linking' y LYSINE                       ?                 'C6 H15 N2 O2 1' 147.195 
MET 'L-peptide linking' y METHIONINE                   ?                 'C5 H11 N O2 S'  149.211 
NA  non-polymer         . 'SODIUM ION'                 ?                 'Na 1'           22.990  
PHE 'L-peptide linking' y PHENYLALANINE                ?                 'C9 H11 N O2'    165.189 
PRO 'L-peptide linking' y PROLINE                      ?                 'C5 H9 N O2'     115.130 
SER 'L-peptide linking' y SERINE                       ?                 'C3 H7 N O3'     105.093 
THR 'L-peptide linking' y THREONINE                    ?                 'C4 H9 N O3'     119.119 
TRP 'L-peptide linking' y TRYPTOPHAN                   ?                 'C11 H12 N2 O2'  204.225 
TYR 'L-peptide linking' y TYROSINE                     ?                 'C9 H11 N O3'    181.189 
VAL 'L-peptide linking' y VALINE                       ?                 'C5 H11 N O2'    117.146 
# 
_exptl.absorpt_coefficient_mu     ? 
_exptl.absorpt_correction_T_max   ? 
_exptl.absorpt_correction_T_min   ? 
_exptl.absorpt_correction_type    ? 
_exptl.absorpt_process_details    ? 
_exptl.entry_id                   7BUH 
_exptl.crystals_number            1 
_exptl.details                    ? 
_exptl.method                     'X-RAY DIFFRACTION' 
_exptl.method_details             ? 
# 
_exptl_crystal.colour                      ? 
_exptl_crystal.density_diffrn              ? 
_exptl_crystal.density_Matthews            1.89 
_exptl_crystal.density_method              ? 
_exptl_crystal.density_percent_sol         34.81 
_exptl_crystal.description                 ? 
_exptl_crystal.F_000                       ? 
_exptl_crystal.id                          1 
_exptl_crystal.preparation                 ? 
_exptl_crystal.size_max                    ? 
_exptl_crystal.size_mid                    ? 
_exptl_crystal.size_min                    ? 
_exptl_crystal.size_rad                    ? 
_exptl_crystal.colour_lustre               ? 
_exptl_crystal.colour_modifier             ? 
_exptl_crystal.colour_primary              ? 
_exptl_crystal.density_meas                ? 
_exptl_crystal.density_meas_esd            ? 
_exptl_crystal.density_meas_gt             ? 
_exptl_crystal.density_meas_lt             ? 
_exptl_crystal.density_meas_temp           ? 
_exptl_crystal.density_meas_temp_esd       ? 
_exptl_crystal.density_meas_temp_gt        ? 
_exptl_crystal.density_meas_temp_lt        ? 
_exptl_crystal.pdbx_crystal_image_url      ? 
_exptl_crystal.pdbx_crystal_image_format   ? 
_exptl_crystal.pdbx_mosaicity              ? 
_exptl_crystal.pdbx_mosaicity_esd          ? 
# 
_exptl_crystal_grow.apparatus       ? 
_exptl_crystal_grow.atmosphere      ? 
_exptl_crystal_grow.crystal_id      1 
_exptl_crystal_grow.details         ? 
_exptl_crystal_grow.method          'VAPOR DIFFUSION, HANGING DROP' 
_exptl_crystal_grow.method_ref      ? 
_exptl_crystal_grow.pH              7.5 
_exptl_crystal_grow.pressure        ? 
_exptl_crystal_grow.pressure_esd    ? 
_exptl_crystal_grow.seeding         ? 
_exptl_crystal_grow.seeding_ref     ? 
_exptl_crystal_grow.temp            293 
_exptl_crystal_grow.temp_details    ? 
_exptl_crystal_grow.temp_esd        ? 
_exptl_crystal_grow.time            ? 
_exptl_crystal_grow.pdbx_details    
;Buffer: 5 mM Tris pH 7.5, 
Reservior: 0.2 M Ammonium acetate, 0.1 M Sodium acetate trihydrate pH 4.1, 30% w/v Polyethylene glycol 4000
;
_exptl_crystal_grow.pdbx_pH_range   ? 
# 
_diffrn.ambient_environment              ? 
_diffrn.ambient_temp                     90 
_diffrn.ambient_temp_details             ? 
_diffrn.ambient_temp_esd                 ? 
_diffrn.crystal_id                       1 
_diffrn.crystal_support                  ? 
_diffrn.crystal_treatment                ? 
_diffrn.details                          ? 
_diffrn.id                               1 
_diffrn.ambient_pressure                 ? 
_diffrn.ambient_pressure_esd             ? 
_diffrn.ambient_pressure_gt              ? 
_diffrn.ambient_pressure_lt              ? 
_diffrn.ambient_temp_gt                  ? 
_diffrn.ambient_temp_lt                  ? 
_diffrn.pdbx_serial_crystal_experiment   N 
# 
_diffrn_detector.details                      ? 
_diffrn_detector.detector                     CCD 
_diffrn_detector.diffrn_id                    1 
_diffrn_detector.type                         'RAYONIX MX225HE' 
_diffrn_detector.area_resol_mean              ? 
_diffrn_detector.dtime                        ? 
_diffrn_detector.pdbx_frames_total            ? 
_diffrn_detector.pdbx_collection_time_total   ? 
_diffrn_detector.pdbx_collection_date         2016-07-20 
_diffrn_detector.pdbx_frequency               ? 
# 
_diffrn_radiation.collimation                      ? 
_diffrn_radiation.diffrn_id                        1 
_diffrn_radiation.filter_edge                      ? 
_diffrn_radiation.inhomogeneity                    ? 
_diffrn_radiation.monochromator                    ? 
_diffrn_radiation.polarisn_norm                    ? 
_diffrn_radiation.polarisn_ratio                   ? 
_diffrn_radiation.probe                            ? 
_diffrn_radiation.type                             ? 
_diffrn_radiation.xray_symbol                      ? 
_diffrn_radiation.wavelength_id                    1 
_diffrn_radiation.pdbx_monochromatic_or_laue_m_l   M 
_diffrn_radiation.pdbx_wavelength_list             ? 
_diffrn_radiation.pdbx_wavelength                  ? 
_diffrn_radiation.pdbx_diffrn_protocol             'SINGLE WAVELENGTH' 
_diffrn_radiation.pdbx_analyzer                    ? 
_diffrn_radiation.pdbx_scattering_type             x-ray 
# 
_diffrn_radiation_wavelength.id           1 
_diffrn_radiation_wavelength.wavelength   1.0 
_diffrn_radiation_wavelength.wt           1.0 
# 
_diffrn_source.current                     ? 
_diffrn_source.details                     ? 
_diffrn_source.diffrn_id                   1 
_diffrn_source.power                       ? 
_diffrn_source.size                        ? 
_diffrn_source.source                      SYNCHROTRON 
_diffrn_source.target                      ? 
_diffrn_source.type                        'SPRING-8 BEAMLINE BL26B1' 
_diffrn_source.voltage                     ? 
_diffrn_source.take-off_angle              ? 
_diffrn_source.pdbx_wavelength_list        1.0 
_diffrn_source.pdbx_wavelength             ? 
_diffrn_source.pdbx_synchrotron_beamline   BL26B1 
_diffrn_source.pdbx_synchrotron_site       SPring-8 
# 
_reflns.B_iso_Wilson_estimate            ? 
_reflns.entry_id                         7BUH 
_reflns.data_reduction_details           ? 
_reflns.data_reduction_method            ? 
_reflns.d_resolution_high                1.79 
_reflns.d_resolution_low                 45.45 
_reflns.details                          ? 
_reflns.limit_h_max                      ? 
_reflns.limit_h_min                      ? 
_reflns.limit_k_max                      ? 
_reflns.limit_k_min                      ? 
_reflns.limit_l_max                      ? 
_reflns.limit_l_min                      ? 
_reflns.number_all                       ? 
_reflns.number_obs                       9143 
_reflns.observed_criterion               ? 
_reflns.observed_criterion_F_max         ? 
_reflns.observed_criterion_F_min         ? 
_reflns.observed_criterion_I_max         ? 
_reflns.observed_criterion_I_min         ? 
_reflns.observed_criterion_sigma_F       ? 
_reflns.observed_criterion_sigma_I       ? 
_reflns.percent_possible_obs             99.9 
_reflns.R_free_details                   ? 
_reflns.Rmerge_F_all                     ? 
_reflns.Rmerge_F_obs                     ? 
_reflns.Friedel_coverage                 ? 
_reflns.number_gt                        ? 
_reflns.threshold_expression             ? 
_reflns.pdbx_redundancy                  26.2 
_reflns.pdbx_Rmerge_I_obs                0.150 
_reflns.pdbx_Rmerge_I_all                ? 
_reflns.pdbx_Rsym_value                  ? 
_reflns.pdbx_netI_over_av_sigmaI         ? 
_reflns.pdbx_netI_over_sigmaI            29.6 
_reflns.pdbx_res_netI_over_av_sigmaI_2   ? 
_reflns.pdbx_res_netI_over_sigmaI_2      ? 
_reflns.pdbx_chi_squared                 ? 
_reflns.pdbx_scaling_rejects             ? 
_reflns.pdbx_d_res_high_opt              ? 
_reflns.pdbx_d_res_low_opt               ? 
_reflns.pdbx_d_res_opt_method            ? 
_reflns.phase_calculation_details        ? 
_reflns.pdbx_Rrim_I_all                  ? 
_reflns.pdbx_Rpim_I_all                  ? 
_reflns.pdbx_d_opt                       ? 
_reflns.pdbx_number_measured_all         ? 
_reflns.pdbx_diffrn_id                   1 
_reflns.pdbx_ordinal                     1 
_reflns.pdbx_CC_half                     ? 
_reflns.pdbx_CC_star                     ? 
_reflns.pdbx_R_split                     ? 
# 
_reflns_shell.d_res_high                  1.79 
_reflns_shell.d_res_low                   1.83 
_reflns_shell.meanI_over_sigI_all         ? 
_reflns_shell.meanI_over_sigI_obs         ? 
_reflns_shell.number_measured_all         ? 
_reflns_shell.number_measured_obs         ? 
_reflns_shell.number_possible             ? 
_reflns_shell.number_unique_all           ? 
_reflns_shell.number_unique_obs           532 
_reflns_shell.percent_possible_all        ? 
_reflns_shell.percent_possible_obs        ? 
_reflns_shell.Rmerge_F_all                ? 
_reflns_shell.Rmerge_F_obs                ? 
_reflns_shell.Rmerge_I_all                ? 
_reflns_shell.Rmerge_I_obs                0.829 
_reflns_shell.meanI_over_sigI_gt          ? 
_reflns_shell.meanI_over_uI_all           ? 
_reflns_shell.meanI_over_uI_gt            ? 
_reflns_shell.number_measured_gt          ? 
_reflns_shell.number_unique_gt            ? 
_reflns_shell.percent_possible_gt         ? 
_reflns_shell.Rmerge_F_gt                 ? 
_reflns_shell.Rmerge_I_gt                 ? 
_reflns_shell.pdbx_redundancy             ? 
_reflns_shell.pdbx_Rsym_value             ? 
_reflns_shell.pdbx_chi_squared            ? 
_reflns_shell.pdbx_netI_over_sigmaI_all   ? 
_reflns_shell.pdbx_netI_over_sigmaI_obs   ? 
_reflns_shell.pdbx_Rrim_I_all             ? 
_reflns_shell.pdbx_Rpim_I_all             ? 
_reflns_shell.pdbx_rejects                ? 
_reflns_shell.pdbx_ordinal                1 
_reflns_shell.pdbx_diffrn_id              1 
_reflns_shell.pdbx_CC_half                ? 
_reflns_shell.pdbx_CC_star                ? 
_reflns_shell.pdbx_R_split                ? 
# 
_refine.aniso_B[1][1]                            -0.0100 
_refine.aniso_B[1][2]                            0.0000 
_refine.aniso_B[1][3]                            -0.0000 
_refine.aniso_B[2][2]                            0.0100 
_refine.aniso_B[2][3]                            -0.0000 
_refine.aniso_B[3][3]                            -0.0000 
_refine.B_iso_max                                94.230 
_refine.B_iso_mean                               19.7980 
_refine.B_iso_min                                9.480 
_refine.correlation_coeff_Fo_to_Fc               0.9640 
_refine.correlation_coeff_Fo_to_Fc_free          0.9540 
_refine.details                                  
'HYDROGENS HAVE BEEN ADDED IN THE RIDING POSITIONS U VALUES      : REFINED INDIVIDUALLY' 
_refine.diff_density_max                         ? 
_refine.diff_density_max_esd                     ? 
_refine.diff_density_min                         ? 
_refine.diff_density_min_esd                     ? 
_refine.diff_density_rms                         ? 
_refine.diff_density_rms_esd                     ? 
_refine.entry_id                                 7BUH 
_refine.pdbx_refine_id                           'X-RAY DIFFRACTION' 
_refine.ls_abs_structure_details                 ? 
_refine.ls_abs_structure_Flack                   ? 
_refine.ls_abs_structure_Flack_esd               ? 
_refine.ls_abs_structure_Rogers                  ? 
_refine.ls_abs_structure_Rogers_esd              ? 
_refine.ls_d_res_high                            1.7900 
_refine.ls_d_res_low                             45.3400 
_refine.ls_extinction_coef                       ? 
_refine.ls_extinction_coef_esd                   ? 
_refine.ls_extinction_expression                 ? 
_refine.ls_extinction_method                     ? 
_refine.ls_goodness_of_fit_all                   ? 
_refine.ls_goodness_of_fit_all_esd               ? 
_refine.ls_goodness_of_fit_obs                   ? 
_refine.ls_goodness_of_fit_obs_esd               ? 
_refine.ls_hydrogen_treatment                    ? 
_refine.ls_matrix_type                           ? 
_refine.ls_number_constraints                    ? 
_refine.ls_number_parameters                     ? 
_refine.ls_number_reflns_all                     ? 
_refine.ls_number_reflns_obs                     8671 
_refine.ls_number_reflns_R_free                  458 
_refine.ls_number_reflns_R_work                  ? 
_refine.ls_number_restraints                     ? 
_refine.ls_percent_reflns_obs                    99.9200 
_refine.ls_percent_reflns_R_free                 5.0000 
_refine.ls_R_factor_all                          ? 
_refine.ls_R_factor_obs                          0.1594 
_refine.ls_R_factor_R_free                       0.2011 
_refine.ls_R_factor_R_free_error                 ? 
_refine.ls_R_factor_R_free_error_details         ? 
_refine.ls_R_factor_R_work                       0.1572 
_refine.ls_R_Fsqd_factor_obs                     ? 
_refine.ls_R_I_factor_obs                        ? 
_refine.ls_redundancy_reflns_all                 ? 
_refine.ls_redundancy_reflns_obs                 ? 
_refine.ls_restrained_S_all                      ? 
_refine.ls_restrained_S_obs                      ? 
_refine.ls_shift_over_esd_max                    ? 
_refine.ls_shift_over_esd_mean                   ? 
_refine.ls_structure_factor_coef                 ? 
_refine.ls_weighting_details                     ? 
_refine.ls_weighting_scheme                      ? 
_refine.ls_wR_factor_all                         ? 
_refine.ls_wR_factor_obs                         ? 
_refine.ls_wR_factor_R_free                      ? 
_refine.ls_wR_factor_R_work                      ? 
_refine.occupancy_max                            ? 
_refine.occupancy_min                            ? 
_refine.solvent_model_details                    MASK 
_refine.solvent_model_param_bsol                 ? 
_refine.solvent_model_param_ksol                 ? 
_refine.pdbx_R_complete                          ? 
_refine.ls_R_factor_gt                           ? 
_refine.ls_goodness_of_fit_gt                    ? 
_refine.ls_goodness_of_fit_ref                   ? 
_refine.ls_shift_over_su_max                     ? 
_refine.ls_shift_over_su_max_lt                  ? 
_refine.ls_shift_over_su_mean                    ? 
_refine.ls_shift_over_su_mean_lt                 ? 
_refine.pdbx_ls_sigma_I                          ? 
_refine.pdbx_ls_sigma_F                          0.000 
_refine.pdbx_ls_sigma_Fsqd                       ? 
_refine.pdbx_data_cutoff_high_absF               ? 
_refine.pdbx_data_cutoff_high_rms_absF           ? 
_refine.pdbx_data_cutoff_low_absF                ? 
_refine.pdbx_isotropic_thermal_model             ? 
_refine.pdbx_ls_cross_valid_method               THROUGHOUT 
_refine.pdbx_method_to_determine_struct          'MOLECULAR REPLACEMENT' 
_refine.pdbx_starting_model                      1VCK 
_refine.pdbx_stereochemistry_target_values       'MAXIMUM LIKELIHOOD' 
_refine.pdbx_R_Free_selection_details            RANDOM 
_refine.pdbx_stereochem_target_val_spec_case     ? 
_refine.pdbx_overall_ESU_R                       0.1300 
_refine.pdbx_overall_ESU_R_Free                  0.1230 
_refine.pdbx_solvent_vdw_probe_radii             1.2000 
_refine.pdbx_solvent_ion_probe_radii             0.8000 
_refine.pdbx_solvent_shrinkage_radii             0.8000 
_refine.pdbx_real_space_R                        ? 
_refine.pdbx_density_correlation                 ? 
_refine.pdbx_pd_number_of_powder_patterns        ? 
_refine.pdbx_pd_number_of_points                 ? 
_refine.pdbx_pd_meas_number_of_points            ? 
_refine.pdbx_pd_proc_ls_prof_R_factor            ? 
_refine.pdbx_pd_proc_ls_prof_wR_factor           ? 
_refine.pdbx_pd_Marquardt_correlation_coeff      ? 
_refine.pdbx_pd_Fsqrd_R_factor                   ? 
_refine.pdbx_pd_ls_matrix_band_width             ? 
_refine.pdbx_overall_phase_error                 ? 
_refine.pdbx_overall_SU_R_free_Cruickshank_DPI   ? 
_refine.pdbx_overall_SU_R_free_Blow_DPI          ? 
_refine.pdbx_overall_SU_R_Blow_DPI               ? 
_refine.pdbx_TLS_residual_ADP_flag               ? 
_refine.pdbx_diffrn_id                           1 
_refine.overall_SU_B                             2.7040 
_refine.overall_SU_ML                            0.0830 
_refine.overall_SU_R_Cruickshank_DPI             ? 
_refine.overall_SU_R_free                        ? 
_refine.overall_FOM_free_R_set                   ? 
_refine.overall_FOM_work_R_set                   ? 
_refine.pdbx_average_fsc_overall                 ? 
_refine.pdbx_average_fsc_work                    ? 
_refine.pdbx_average_fsc_free                    ? 
# 
_refine_hist.pdbx_refine_id                   'X-RAY DIFFRACTION' 
_refine_hist.cycle_id                         final 
_refine_hist.details                          ? 
_refine_hist.d_res_high                       1.7900 
_refine_hist.d_res_low                        45.3400 
_refine_hist.number_atoms_solvent             106 
_refine_hist.number_atoms_total               956 
_refine_hist.number_reflns_all                ? 
_refine_hist.number_reflns_obs                ? 
_refine_hist.number_reflns_R_free             ? 
_refine_hist.number_reflns_R_work             ? 
_refine_hist.R_factor_all                     ? 
_refine_hist.R_factor_obs                     ? 
_refine_hist.R_factor_R_free                  ? 
_refine_hist.R_factor_R_work                  ? 
_refine_hist.pdbx_number_residues_total       113 
_refine_hist.pdbx_B_iso_mean_ligand           23.35 
_refine_hist.pdbx_B_iso_mean_solvent          27.76 
_refine_hist.pdbx_number_atoms_protein        841 
_refine_hist.pdbx_number_atoms_nucleic_acid   0 
_refine_hist.pdbx_number_atoms_ligand         9 
_refine_hist.pdbx_number_atoms_lipid          ? 
_refine_hist.pdbx_number_atoms_carb           ? 
_refine_hist.pdbx_pseudo_atom_details         ? 
# 
loop_
_refine_ls_restr.pdbx_refine_id 
_refine_ls_restr.criterion 
_refine_ls_restr.dev_ideal 
_refine_ls_restr.dev_ideal_target 
_refine_ls_restr.number 
_refine_ls_restr.rejects 
_refine_ls_restr.type 
_refine_ls_restr.weight 
_refine_ls_restr.pdbx_restraint_function 
'X-RAY DIFFRACTION' ? 0.010  0.013  897  ? r_bond_refined_d       ? ? 
'X-RAY DIFFRACTION' ? 0.001  0.017  774  ? r_bond_other_d         ? ? 
'X-RAY DIFFRACTION' ? 1.825  1.643  1225 ? r_angle_refined_deg    ? ? 
'X-RAY DIFFRACTION' ? 1.414  1.567  1801 ? r_angle_other_deg      ? ? 
'X-RAY DIFFRACTION' ? 7.655  5.000  120  ? r_dihedral_angle_1_deg ? ? 
'X-RAY DIFFRACTION' ? 35.653 22.889 45   ? r_dihedral_angle_2_deg ? ? 
'X-RAY DIFFRACTION' ? 12.593 15.000 126  ? r_dihedral_angle_3_deg ? ? 
'X-RAY DIFFRACTION' ? 22.463 15.000 4    ? r_dihedral_angle_4_deg ? ? 
'X-RAY DIFFRACTION' ? 0.077  0.200  116  ? r_chiral_restr         ? ? 
'X-RAY DIFFRACTION' ? 0.008  0.020  1044 ? r_gen_planes_refined   ? ? 
'X-RAY DIFFRACTION' ? 0.002  0.020  188  ? r_gen_planes_other     ? ? 
# 
_refine_ls_shell.pdbx_refine_id                   'X-RAY DIFFRACTION' 
_refine_ls_shell.d_res_high                       1.7940 
_refine_ls_shell.d_res_low                        1.8400 
_refine_ls_shell.number_reflns_all                651 
_refine_ls_shell.number_reflns_obs                ? 
_refine_ls_shell.number_reflns_R_free             45 
_refine_ls_shell.number_reflns_R_work             606 
_refine_ls_shell.percent_reflns_obs               98.9400 
_refine_ls_shell.percent_reflns_R_free            ? 
_refine_ls_shell.R_factor_all                     ? 
_refine_ls_shell.R_factor_obs                     ? 
_refine_ls_shell.R_factor_R_free                  0.2500 
_refine_ls_shell.R_factor_R_free_error            0.0000 
_refine_ls_shell.R_factor_R_work                  0.1980 
_refine_ls_shell.redundancy_reflns_all            ? 
_refine_ls_shell.redundancy_reflns_obs            ? 
_refine_ls_shell.wR_factor_all                    ? 
_refine_ls_shell.wR_factor_obs                    ? 
_refine_ls_shell.wR_factor_R_free                 ? 
_refine_ls_shell.wR_factor_R_work                 ? 
_refine_ls_shell.pdbx_R_complete                  ? 
_refine_ls_shell.pdbx_total_number_of_bins_used   20 
_refine_ls_shell.pdbx_phase_error                 ? 
_refine_ls_shell.pdbx_fsc_work                    ? 
_refine_ls_shell.pdbx_fsc_free                    ? 
# 
_struct.entry_id                     7BUH 
_struct.title                        'Reduced ferredoxin of carbazole 1,9a-dioxygenase' 
_struct.pdbx_model_details           ? 
_struct.pdbx_formula_weight          ? 
_struct.pdbx_formula_weight_method   ? 
_struct.pdbx_model_type_details      ? 
_struct.pdbx_CASP_flag               N 
# 
_struct_keywords.entry_id        7BUH 
_struct_keywords.text            'Rieske Iron-sulfur Protein, OXIDOREDUCTASE' 
_struct_keywords.pdbx_keywords   OXIDOREDUCTASE 
# 
loop_
_struct_asym.id 
_struct_asym.pdbx_blank_PDB_chainid_flag 
_struct_asym.pdbx_modified 
_struct_asym.entity_id 
_struct_asym.details 
A N N 1 ? 
B N N 2 ? 
C N N 3 ? 
D N N 4 ? 
E N N 5 ? 
# 
loop_
_struct_conf.conf_type_id 
_struct_conf.id 
_struct_conf.pdbx_PDB_helix_id 
_struct_conf.beg_label_comp_id 
_struct_conf.beg_label_asym_id 
_struct_conf.beg_label_seq_id 
_struct_conf.pdbx_beg_PDB_ins_code 
_struct_conf.end_label_comp_id 
_struct_conf.end_label_asym_id 
_struct_conf.end_label_seq_id 
_struct_conf.pdbx_end_PDB_ins_code 
_struct_conf.beg_auth_comp_id 
_struct_conf.beg_auth_asym_id 
_struct_conf.beg_auth_seq_id 
_struct_conf.end_auth_comp_id 
_struct_conf.end_auth_asym_id 
_struct_conf.end_auth_seq_id 
_struct_conf.pdbx_PDB_helix_class 
_struct_conf.details 
_struct_conf.pdbx_PDB_helix_length 
HELX_P HELX_P1 AA1 SER A 12 ? MET A 14 ? SER A 12 MET A 14 5 ? 3 
HELX_P HELX_P2 AA2 SER A 52 ? GLY A 56 ? SER A 52 GLY A 56 5 ? 5 
# 
_struct_conf_type.id          HELX_P 
_struct_conf_type.criteria    ? 
_struct_conf_type.reference   ? 
# 
loop_
_struct_conn.id 
_struct_conn.conn_type_id 
_struct_conn.pdbx_leaving_atom_flag 
_struct_conn.pdbx_PDB_id 
_struct_conn.ptnr1_label_asym_id 
_struct_conn.ptnr1_label_comp_id 
_struct_conn.ptnr1_label_seq_id 
_struct_conn.ptnr1_label_atom_id 
_struct_conn.pdbx_ptnr1_label_alt_id 
_struct_conn.pdbx_ptnr1_PDB_ins_code 
_struct_conn.pdbx_ptnr1_standard_comp_id 
_struct_conn.ptnr1_symmetry 
_struct_conn.ptnr2_label_asym_id 
_struct_conn.ptnr2_label_comp_id 
_struct_conn.ptnr2_label_seq_id 
_struct_conn.ptnr2_label_atom_id 
_struct_conn.pdbx_ptnr2_label_alt_id 
_struct_conn.pdbx_ptnr2_PDB_ins_code 
_struct_conn.ptnr1_auth_asym_id 
_struct_conn.ptnr1_auth_comp_id 
_struct_conn.ptnr1_auth_seq_id 
_struct_conn.ptnr2_auth_asym_id 
_struct_conn.ptnr2_auth_comp_id 
_struct_conn.ptnr2_auth_seq_id 
_struct_conn.ptnr2_symmetry 
_struct_conn.pdbx_ptnr3_label_atom_id 
_struct_conn.pdbx_ptnr3_label_seq_id 
_struct_conn.pdbx_ptnr3_label_comp_id 
_struct_conn.pdbx_ptnr3_label_asym_id 
_struct_conn.pdbx_ptnr3_label_alt_id 
_struct_conn.pdbx_ptnr3_PDB_ins_code 
_struct_conn.details 
_struct_conn.pdbx_dist_value 
_struct_conn.pdbx_value_order 
_struct_conn.pdbx_role 
metalc1  metalc ? ? A CYS 46 SG  ? ? ? 1_555 B FES . FE2 ? ? A CYS 46  A FES 501 1_555 ? ? ? ? ? ? ? 2.293 ? ? 
metalc2  metalc ? ? A HIS 48 ND1 ? ? ? 1_555 B FES . FE1 ? ? A HIS 48  A FES 501 1_555 ? ? ? ? ? ? ? 2.141 ? ? 
metalc3  metalc ? ? A ASP 59 OD2 ? ? ? 1_555 C NA  . NA  ? ? A ASP 59  A NA  502 1_555 ? ? ? ? ? ? ? 2.358 ? ? 
metalc4  metalc ? ? A GLU 64 OE2 ? ? ? 1_555 C NA  . NA  ? ? A GLU 64  A NA  502 1_555 ? ? ? ? ? ? ? 2.217 ? ? 
metalc5  metalc ? ? A CYS 65 SG  ? ? ? 1_555 B FES . FE2 ? ? A CYS 65  A FES 501 1_555 ? ? ? ? ? ? ? 2.307 ? ? 
metalc6  metalc ? ? A HIS 68 ND1 ? ? ? 1_555 B FES . FE1 ? ? A HIS 68  A FES 501 1_555 ? ? ? ? ? ? ? 2.136 ? ? 
metalc7  metalc ? ? C NA  .  NA  ? ? ? 1_555 E HOH . O   ? ? A NA  502 A HOH 652 1_555 ? ? ? ? ? ? ? 2.350 ? ? 
metalc8  metalc ? ? C NA  .  NA  ? ? ? 1_555 E HOH . O   ? ? A NA  502 A HOH 652 4_545 ? ? ? ? ? ? ? 2.350 ? ? 
metalc9  metalc ? ? C NA  .  NA  ? ? ? 1_555 E HOH . O   ? ? A NA  502 A HOH 681 1_555 ? ? ? ? ? ? ? 2.612 ? ? 
metalc10 metalc ? ? C NA  .  NA  ? ? ? 1_555 E HOH . O   ? ? A NA  502 A HOH 681 4_545 ? ? ? ? ? ? ? 2.628 ? ? 
# 
_struct_conn_type.id          metalc 
_struct_conn_type.criteria    ? 
_struct_conn_type.reference   ? 
# 
loop_
_struct_mon_prot_cis.pdbx_id 
_struct_mon_prot_cis.label_comp_id 
_struct_mon_prot_cis.label_seq_id 
_struct_mon_prot_cis.label_asym_id 
_struct_mon_prot_cis.label_alt_id 
_struct_mon_prot_cis.pdbx_PDB_ins_code 
_struct_mon_prot_cis.auth_comp_id 
_struct_mon_prot_cis.auth_seq_id 
_struct_mon_prot_cis.auth_asym_id 
_struct_mon_prot_cis.pdbx_label_comp_id_2 
_struct_mon_prot_cis.pdbx_label_seq_id_2 
_struct_mon_prot_cis.pdbx_label_asym_id_2 
_struct_mon_prot_cis.pdbx_PDB_ins_code_2 
_struct_mon_prot_cis.pdbx_auth_comp_id_2 
_struct_mon_prot_cis.pdbx_auth_seq_id_2 
_struct_mon_prot_cis.pdbx_auth_asym_id_2 
_struct_mon_prot_cis.pdbx_PDB_model_num 
_struct_mon_prot_cis.pdbx_omega_angle 
1 SER 82 A . ? SER 82 A PRO 83 A ? PRO 83 A 1 8.04 
2 SER 82 A . ? SER 82 A PRO 83 A ? PRO 83 A 1 8.45 
# 
loop_
_struct_sheet.id 
_struct_sheet.type 
_struct_sheet.number_strands 
_struct_sheet.details 
AA1 ? 3 ? 
AA2 ? 4 ? 
AA3 ? 4 ? 
# 
loop_
_struct_sheet_order.sheet_id 
_struct_sheet_order.range_id_1 
_struct_sheet_order.range_id_2 
_struct_sheet_order.offset 
_struct_sheet_order.sense 
AA1 1 2 ? anti-parallel 
AA1 2 3 ? anti-parallel 
AA2 1 2 ? anti-parallel 
AA2 2 3 ? anti-parallel 
AA2 3 4 ? anti-parallel 
AA3 1 2 ? anti-parallel 
AA3 2 3 ? anti-parallel 
AA3 3 4 ? anti-parallel 
# 
loop_
_struct_sheet_range.sheet_id 
_struct_sheet_range.id 
_struct_sheet_range.beg_label_comp_id 
_struct_sheet_range.beg_label_asym_id 
_struct_sheet_range.beg_label_seq_id 
_struct_sheet_range.pdbx_beg_PDB_ins_code 
_struct_sheet_range.end_label_comp_id 
_struct_sheet_range.end_label_asym_id 
_struct_sheet_range.end_label_seq_id 
_struct_sheet_range.pdbx_end_PDB_ins_code 
_struct_sheet_range.beg_auth_comp_id 
_struct_sheet_range.beg_auth_asym_id 
_struct_sheet_range.beg_auth_seq_id 
_struct_sheet_range.end_auth_comp_id 
_struct_sheet_range.end_auth_asym_id 
_struct_sheet_range.end_auth_seq_id 
AA1 1 TRP A 5  ? ALA A 10  ? TRP A 5  ALA A 10  
AA1 2 GLU A 99 ? ALA A 103 ? GLU A 99 ALA A 103 
AA1 3 VAL A 93 ? LYS A 96  ? VAL A 93 LYS A 96  
AA2 1 ARG A 20 ? ARG A 24  ? ARG A 20 ARG A 24  
AA2 2 ALA A 27 ? VAL A 35  ? ALA A 27 VAL A 35  
AA2 3 GLN A 38 ? GLU A 43  ? GLN A 38 GLU A 43  
AA2 4 VAL A 90 ? PHE A 91  ? VAL A 90 PHE A 91  
AA3 1 THR A 57 ? ASP A 59  ? THR A 57 ASP A 59  
AA3 2 VAL A 62 ? GLU A 64  ? VAL A 62 GLU A 64  
AA3 3 ALA A 71 ? ASN A 73  ? ALA A 71 ASN A 73  
AA3 4 PRO A 79 ? SER A 81  ? PRO A 79 SER A 81  
# 
loop_
_pdbx_struct_sheet_hbond.sheet_id 
_pdbx_struct_sheet_hbond.range_id_1 
_pdbx_struct_sheet_hbond.range_id_2 
_pdbx_struct_sheet_hbond.range_1_label_atom_id 
_pdbx_struct_sheet_hbond.range_1_label_comp_id 
_pdbx_struct_sheet_hbond.range_1_label_asym_id 
_pdbx_struct_sheet_hbond.range_1_label_seq_id 
_pdbx_struct_sheet_hbond.range_1_PDB_ins_code 
_pdbx_struct_sheet_hbond.range_1_auth_atom_id 
_pdbx_struct_sheet_hbond.range_1_auth_comp_id 
_pdbx_struct_sheet_hbond.range_1_auth_asym_id 
_pdbx_struct_sheet_hbond.range_1_auth_seq_id 
_pdbx_struct_sheet_hbond.range_2_label_atom_id 
_pdbx_struct_sheet_hbond.range_2_label_comp_id 
_pdbx_struct_sheet_hbond.range_2_label_asym_id 
_pdbx_struct_sheet_hbond.range_2_label_seq_id 
_pdbx_struct_sheet_hbond.range_2_PDB_ins_code 
_pdbx_struct_sheet_hbond.range_2_auth_atom_id 
_pdbx_struct_sheet_hbond.range_2_auth_comp_id 
_pdbx_struct_sheet_hbond.range_2_auth_asym_id 
_pdbx_struct_sheet_hbond.range_2_auth_seq_id 
AA1 1 2 N VAL A 8  ? N VAL A 8  O VAL A 100 ? O VAL A 100 
AA1 2 3 O GLU A 99 ? O GLU A 99 N LYS A 96  ? N LYS A 96  
AA2 1 2 N ARG A 24 ? N ARG A 24 O ALA A 27  ? O ALA A 27  
AA2 2 3 N TYR A 33 ? N TYR A 33 O TYR A 40  ? O TYR A 40  
AA2 3 4 N ALA A 41 ? N ALA A 41 O PHE A 91  ? O PHE A 91  
AA3 1 2 N THR A 57 ? N THR A 57 O GLU A 64  ? O GLU A 64  
AA3 2 3 N ILE A 63 ? N ILE A 63 O PHE A 72  ? O PHE A 72  
AA3 3 4 N ALA A 71 ? N ALA A 71 O ALA A 80  ? O ALA A 80  
# 
loop_
_struct_site.id 
_struct_site.pdbx_evidence_code 
_struct_site.pdbx_auth_asym_id 
_struct_site.pdbx_auth_comp_id 
_struct_site.pdbx_auth_seq_id 
_struct_site.pdbx_auth_ins_code 
_struct_site.pdbx_num_residues 
_struct_site.details 
AC1 Software A FES 501 ? 7 'binding site for residue FES A 501' 
AC2 Software A NA  502 ? 7 'binding site for residue NA A 502'  
AC3 Software A EDO 503 ? 5 'binding site for residue EDO A 503' 
# 
loop_
_struct_site_gen.id 
_struct_site_gen.site_id 
_struct_site_gen.pdbx_num_res 
_struct_site_gen.label_comp_id 
_struct_site_gen.label_asym_id 
_struct_site_gen.label_seq_id 
_struct_site_gen.pdbx_auth_ins_code 
_struct_site_gen.auth_comp_id 
_struct_site_gen.auth_asym_id 
_struct_site_gen.auth_seq_id 
_struct_site_gen.label_atom_id 
_struct_site_gen.label_alt_id 
_struct_site_gen.symmetry 
_struct_site_gen.details 
1  AC1 7 CYS A 46  ? CYS A 46  . ? 1_555 ? 
2  AC1 7 HIS A 48  ? HIS A 48  . ? 1_555 ? 
3  AC1 7 GLY A 49  ? GLY A 49  . ? 1_555 ? 
4  AC1 7 CYS A 65  ? CYS A 65  . ? 1_555 ? 
5  AC1 7 PHE A 67  ? PHE A 67  . ? 1_555 ? 
6  AC1 7 HIS A 68  ? HIS A 68  . ? 1_555 ? 
7  AC1 7 GLY A 70  ? GLY A 70  . ? 1_555 ? 
8  AC2 7 ASP A 59  ? ASP A 59  . ? 1_555 ? 
9  AC2 7 GLU A 64  ? GLU A 64  . ? 1_555 ? 
10 AC2 7 HIS A 113 ? HIS A 113 . ? 7_444 ? 
11 AC2 7 HOH E .   ? HOH A 652 . ? 4_545 ? 
12 AC2 7 HOH E .   ? HOH A 652 . ? 1_555 ? 
13 AC2 7 HOH E .   ? HOH A 681 . ? 1_555 ? 
14 AC2 7 HOH E .   ? HOH A 681 . ? 4_545 ? 
15 AC3 5 GLY A 17  ? GLY A 17  . ? 1_555 ? 
16 AC3 5 LEU A 58  ? LEU A 58  . ? 1_555 ? 
17 AC3 5 ASP A 59  ? ASP A 59  . ? 1_555 ? 
18 AC3 5 GLY A 60  ? GLY A 60  . ? 1_555 ? 
19 AC3 5 HOH E .   ? HOH A 633 . ? 1_555 ? 
# 
_atom_sites.entry_id                    7BUH 
_atom_sites.Cartn_transf_matrix[1][1]   ? 
_atom_sites.Cartn_transf_matrix[1][2]   ? 
_atom_sites.Cartn_transf_matrix[1][3]   ? 
_atom_sites.Cartn_transf_matrix[2][1]   ? 
_atom_sites.Cartn_transf_matrix[2][2]   ? 
_atom_sites.Cartn_transf_matrix[2][3]   ? 
_atom_sites.Cartn_transf_matrix[3][1]   ? 
_atom_sites.Cartn_transf_matrix[3][2]   ? 
_atom_sites.Cartn_transf_matrix[3][3]   ? 
_atom_sites.Cartn_transf_vector[1]      ? 
_atom_sites.Cartn_transf_vector[2]      ? 
_atom_sites.Cartn_transf_vector[3]      ? 
_atom_sites.fract_transf_matrix[1][1]   -0.00694409 
_atom_sites.fract_transf_matrix[1][2]   -0.00255790 
_atom_sites.fract_transf_matrix[1][3]   0.01461417 
_atom_sites.fract_transf_matrix[2][1]   0.01029560 
_atom_sites.fract_transf_matrix[2][2]   0.00845222 
_atom_sites.fract_transf_matrix[2][3]   0.00637145 
_atom_sites.fract_transf_matrix[3][1]   -0.01271825 
_atom_sites.fract_transf_matrix[3][2]   0.01771076 
_atom_sites.fract_transf_matrix[3][3]   -0.00294333 
_atom_sites.fract_transf_vector[1]      -0.127158 
_atom_sites.fract_transf_vector[2]      -0.233700 
_atom_sites.fract_transf_vector[3]      -0.050196 
_atom_sites.solution_primary            ? 
_atom_sites.solution_secondary          ? 
_atom_sites.solution_hydrogens          ? 
_atom_sites.special_details             ? 
# 
loop_
_atom_type.symbol 
C  
FE 
N  
NA 
O  
S  
# 
loop_
_atom_site.group_PDB 
_atom_site.id 
_atom_site.type_symbol 
_atom_site.label_atom_id 
_atom_site.label_alt_id 
_atom_site.label_comp_id 
_atom_site.label_asym_id 
_atom_site.label_entity_id 
_atom_site.label_seq_id 
_atom_site.pdbx_PDB_ins_code 
_atom_site.Cartn_x 
_atom_site.Cartn_y 
_atom_site.Cartn_z 
_atom_site.occupancy 
_atom_site.B_iso_or_equiv 
_atom_site.pdbx_formal_charge 
_atom_site.auth_seq_id 
_atom_site.auth_comp_id 
_atom_site.auth_asym_id 
_atom_site.auth_atom_id 
_atom_site.pdbx_PDB_model_num 
ATOM   1   N  N   . ASN A 1 2   ? 12.808  3.038   8.097   1.00 60.41 ? 2   ASN A N   1 
ATOM   2   C  CA  . ASN A 1 2   ? 13.618  3.165   9.353   1.00 52.24 ? 2   ASN A CA  1 
ATOM   3   C  C   . ASN A 1 2   ? 13.688  4.656   9.698   1.00 42.26 ? 2   ASN A C   1 
ATOM   4   O  O   . ASN A 1 2   ? 13.014  5.067   10.659  1.00 40.05 ? 2   ASN A O   1 
ATOM   5   C  CB  . ASN A 1 2   ? 14.994  2.494   9.214   1.00 57.43 ? 2   ASN A CB  1 
ATOM   6   C  CG  . ASN A 1 2   ? 15.677  2.160   10.528  1.00 61.07 ? 2   ASN A CG  1 
ATOM   7   O  OD1 . ASN A 1 2   ? 15.084  2.264   11.603  1.00 62.24 ? 2   ASN A OD1 1 
ATOM   8   N  ND2 . ASN A 1 2   ? 16.934  1.751   10.452  1.00 59.43 ? 2   ASN A ND2 1 
ATOM   9   N  N   . GLN A 1 3   ? 14.424  5.447   8.913   1.00 32.88 ? 3   GLN A N   1 
ATOM   10  C  CA  . GLN A 1 3   ? 14.541  6.903   9.154   1.00 26.93 ? 3   GLN A CA  1 
ATOM   11  C  C   . GLN A 1 3   ? 13.266  7.599   8.632   1.00 22.45 ? 3   GLN A C   1 
ATOM   12  O  O   . GLN A 1 3   ? 12.696  8.321   9.427   1.00 18.01 ? 3   GLN A O   1 
ATOM   13  C  CB  . GLN A 1 3   ? 15.828  7.512   8.582   1.00 27.42 ? 3   GLN A CB  1 
ATOM   14  C  CG  . GLN A 1 3   ? 15.747  9.022   8.489   1.00 29.65 ? 3   GLN A CG  1 
ATOM   15  C  CD  . GLN A 1 3   ? 16.999  9.712   8.013   1.00 33.79 ? 3   GLN A CD  1 
ATOM   16  O  OE1 . GLN A 1 3   ? 17.221  9.844   6.810   1.00 34.95 ? 3   GLN A OE1 1 
ATOM   17  N  NE2 . GLN A 1 3   ? 17.805  10.181  8.961   1.00 33.94 ? 3   GLN A NE2 1 
ATOM   18  N  N   . ILE A 1 4   ? 12.823  7.381   7.382   1.00 21.02 ? 4   ILE A N   1 
ATOM   19  C  CA  . ILE A 1 4   ? 11.710  8.170   6.748   1.00 19.96 ? 4   ILE A CA  1 
ATOM   20  C  C   . ILE A 1 4   ? 10.350  7.581   7.129   1.00 19.00 ? 4   ILE A C   1 
ATOM   21  O  O   . ILE A 1 4   ? 10.101  6.394   6.852   1.00 18.29 ? 4   ILE A O   1 
ATOM   22  C  CB  . ILE A 1 4   ? 11.822  8.268   5.212   1.00 20.33 ? 4   ILE A CB  1 
ATOM   23  C  CG1 . ILE A 1 4   ? 13.152  8.861   4.747   1.00 23.28 ? 4   ILE A CG1 1 
ATOM   24  C  CG2 . ILE A 1 4   ? 10.653  9.060   4.647   1.00 20.05 ? 4   ILE A CG2 1 
ATOM   25  C  CD1 . ILE A 1 4   ? 13.426  8.603   3.266   1.00 23.59 ? 4   ILE A CD1 1 
ATOM   26  N  N   . TRP A 1 5   ? 9.484   8.412   7.696   1.00 16.46 ? 5   TRP A N   1 
ATOM   27  C  CA  . TRP A 1 5   ? 8.078   8.084   8.042   1.00 15.87 ? 5   TRP A CA  1 
ATOM   28  C  C   . TRP A 1 5   ? 7.195   9.166   7.461   1.00 15.84 ? 5   TRP A C   1 
ATOM   29  O  O   . TRP A 1 5   ? 7.571   10.354  7.566   1.00 16.85 ? 5   TRP A O   1 
ATOM   30  C  CB  . TRP A 1 5   ? 7.942   7.964   9.554   1.00 16.29 ? 5   TRP A CB  1 
ATOM   31  C  CG  . TRP A 1 5   ? 8.659   6.763   10.068  1.00 16.31 ? 5   TRP A CG  1 
ATOM   32  C  CD1 . TRP A 1 5   ? 9.929   6.645   10.559  1.00 17.36 ? 5   TRP A CD1 1 
ATOM   33  C  CD2 . TRP A 1 5   ? 8.086   5.448   10.114  1.00 17.14 ? 5   TRP A CD2 1 
ATOM   34  N  NE1 . TRP A 1 5   ? 10.195  5.331   10.874  1.00 19.32 ? 5   TRP A NE1 1 
ATOM   35  C  CE2 . TRP A 1 5   ? 9.079   4.575   10.608  1.00 17.51 ? 5   TRP A CE2 1 
ATOM   36  C  CE3 . TRP A 1 5   ? 6.842   4.938   9.727   1.00 17.68 ? 5   TRP A CE3 1 
ATOM   37  C  CZ2 . TRP A 1 5   ? 8.828   3.221   10.803  1.00 20.32 ? 5   TRP A CZ2 1 
ATOM   38  C  CZ3 . TRP A 1 5   ? 6.603   3.592   9.903   1.00 18.27 ? 5   TRP A CZ3 1 
ATOM   39  C  CH2 . TRP A 1 5   ? 7.581   2.751   10.435  1.00 19.70 ? 5   TRP A CH2 1 
ATOM   40  N  N   . LEU A 1 6   ? 6.101   8.776   6.810   1.00 14.61 ? 6   LEU A N   1 
ATOM   41  C  CA  . LEU A 1 6   ? 5.164   9.719   6.179   1.00 15.91 ? 6   LEU A CA  1 
ATOM   42  C  C   . LEU A 1 6   ? 3.871   9.762   6.989   1.00 15.73 ? 6   LEU A C   1 
ATOM   43  O  O   . LEU A 1 6   ? 3.252   8.703   7.179   1.00 14.44 ? 6   LEU A O   1 
ATOM   44  C  CB  . LEU A 1 6   ? 4.886   9.260   4.749   1.00 16.37 ? 6   LEU A CB  1 
ATOM   45  C  CG  . LEU A 1 6   ? 6.099   9.081   3.857   1.00 16.73 ? 6   LEU A CG  1 
ATOM   46  C  CD1 . LEU A 1 6   ? 5.635   8.748   2.465   1.00 18.82 ? 6   LEU A CD1 1 
ATOM   47  C  CD2 . LEU A 1 6   ? 7.007   10.323  3.852   1.00 18.53 ? 6   LEU A CD2 1 
ATOM   48  N  N   . LYS A 1 7   ? 3.481   10.935  7.459   1.00 16.48 ? 7   LYS A N   1 
ATOM   49  C  CA  . LYS A 1 7   ? 2.262   11.075  8.265   1.00 18.46 ? 7   LYS A CA  1 
ATOM   50  C  C   . LYS A 1 7   ? 1.082   10.975  7.304   1.00 17.76 ? 7   LYS A C   1 
ATOM   51  O  O   . LYS A 1 7   ? 1.041   11.706  6.278   1.00 21.55 ? 7   LYS A O   1 
ATOM   52  C  CB  . LYS A 1 7   ? 2.266   12.348  9.102   1.00 22.48 ? 7   LYS A CB  1 
ATOM   53  C  CG  . LYS A 1 7   ? 0.959   12.595  9.854   1.00 25.40 ? 7   LYS A CG  1 
ATOM   54  C  CD  . LYS A 1 7   ? 0.995   13.860  10.693  1.00 29.51 ? 7   LYS A CD  1 
ATOM   55  C  CE  . LYS A 1 7   ? 1.964   13.739  11.844  1.00 34.46 ? 7   LYS A CE  1 
ATOM   56  N  NZ  . LYS A 1 7   ? 2.096   14.996  12.627  1.00 38.03 ? 7   LYS A NZ  1 
ATOM   57  N  N   . VAL A 1 8   ? 0.143   10.088  7.612   1.00 16.36 ? 8   VAL A N   1 
ATOM   58  C  CA  . VAL A 1 8   ? -1.044  9.840   6.750   1.00 16.54 ? 8   VAL A CA  1 
ATOM   59  C  C   . VAL A 1 8   ? -2.239  10.586  7.321   1.00 17.00 ? 8   VAL A C   1 
ATOM   60  O  O   . VAL A 1 8   ? -2.800  11.481  6.622   1.00 18.52 ? 8   VAL A O   1 
ATOM   61  C  CB  . VAL A 1 8   ? -1.281  8.328   6.629   1.00 16.52 ? 8   VAL A CB  1 
ATOM   62  C  CG1 . VAL A 1 8   ? -2.440  7.984   5.716   1.00 18.92 ? 8   VAL A CG1 1 
ATOM   63  C  CG2 . VAL A 1 8   ? -0.010  7.676   6.148   1.00 16.54 ? 8   VAL A CG2 1 
ATOM   64  N  N   . CYS A 1 9   ? -2.681  10.221  8.516   1.00 15.88 ? 9   CYS A N   1 
ATOM   65  C  CA  . CYS A 1 9   ? -3.920  10.767  9.113   1.00 15.71 ? 9   CYS A CA  1 
ATOM   66  C  C   . CYS A 1 9   ? -4.038  10.239  10.529  1.00 15.42 ? 9   CYS A C   1 
ATOM   67  O  O   . CYS A 1 9   ? -3.260  9.389   10.881  1.00 17.22 ? 9   CYS A O   1 
ATOM   68  C  CB  . CYS A 1 9   ? -5.158  10.328  8.345   1.00 16.35 ? 9   CYS A CB  1 
ATOM   69  S  SG  . CYS A 1 9   ? -5.297  8.529   8.157   1.00 21.51 ? 9   CYS A SG  1 
ATOM   70  N  N   . ALA A 1 10  ? -5.012  10.717  11.283  1.00 15.59 ? 10  ALA A N   1 
ATOM   71  C  CA  . ALA A 1 10  ? -5.395  10.111  12.565  1.00 14.63 ? 10  ALA A CA  1 
ATOM   72  C  C   . ALA A 1 10  ? -5.909  8.694   12.314  1.00 13.84 ? 10  ALA A C   1 
ATOM   73  O  O   . ALA A 1 10  ? -6.679  8.504   11.356  1.00 15.24 ? 10  ALA A O   1 
ATOM   74  C  CB  . ALA A 1 10  ? -6.448  10.956  13.233  1.00 16.11 ? 10  ALA A CB  1 
ATOM   75  N  N   . ALA A 1 11  ? -5.541  7.747   13.168  1.00 13.66 ? 11  ALA A N   1 
ATOM   76  C  CA  . ALA A 1 11  ? -6.061  6.358   13.120  1.00 13.30 ? 11  ALA A CA  1 
ATOM   77  C  C   . ALA A 1 11  ? -7.582  6.382   13.130  1.00 14.23 ? 11  ALA A C   1 
ATOM   78  O  O   . ALA A 1 11  ? -8.192  5.634   12.340  1.00 15.61 ? 11  ALA A O   1 
ATOM   79  C  CB  . ALA A 1 11  ? -5.497  5.517   14.249  1.00 13.53 ? 11  ALA A CB  1 
ATOM   80  N  N   . SER A 1 12  ? -8.202  7.287   13.884  1.00 14.67 ? 12  SER A N   1 
ATOM   81  C  CA  . SER A 1 12  ? -9.688  7.304   14.003  1.00 17.06 ? 12  SER A CA  1 
ATOM   82  C  C   . SER A 1 12  ? -10.367 7.835   12.718  1.00 18.11 ? 12  SER A C   1 
ATOM   83  O  O   . SER A 1 12  ? -11.594 7.641   12.556  1.00 18.50 ? 12  SER A O   1 
ATOM   84  C  CB  . SER A 1 12  ? -10.069 8.062   15.230  1.00 17.48 ? 12  SER A CB  1 
ATOM   85  O  OG  . SER A 1 12  ? -9.563  9.380   15.185  1.00 18.15 ? 12  SER A OG  1 
ATOM   86  N  N   . ASP A 1 13  ? -9.595  8.459   11.824  1.00 20.28 ? 13  ASP A N   1 
ATOM   87  C  CA  . ASP A 1 13  ? -10.040 8.980   10.500  1.00 22.90 ? 13  ASP A CA  1 
ATOM   88  C  C   . ASP A 1 13  ? -10.206 7.831   9.505   1.00 20.45 ? 13  ASP A C   1 
ATOM   89  O  O   . ASP A 1 13  ? -10.795 8.059   8.456   1.00 20.93 ? 13  ASP A O   1 
ATOM   90  C  CB  . ASP A 1 13  ? -9.007  9.937   9.890   1.00 26.68 ? 13  ASP A CB  1 
ATOM   91  C  CG  . ASP A 1 13  ? -8.981  11.322  10.511  1.00 32.03 ? 13  ASP A CG  1 
ATOM   92  O  OD1 . ASP A 1 13  ? -10.009 11.694  11.089  1.00 31.11 ? 13  ASP A OD1 1 
ATOM   93  O  OD2 . ASP A 1 13  ? -7.917  12.024  10.387  1.00 41.94 ? 13  ASP A OD2 1 
ATOM   94  N  N   . MET A 1 14  ? -9.682  6.642   9.800   1.00 18.40 ? 14  MET A N   1 
ATOM   95  C  CA  . MET A 1 14  ? -9.856  5.467   8.907   1.00 18.29 ? 14  MET A CA  1 
ATOM   96  C  C   . MET A 1 14  ? -10.813 4.469   9.551   1.00 17.14 ? 14  MET A C   1 
ATOM   97  O  O   . MET A 1 14  ? -10.514 3.939   10.638  1.00 16.27 ? 14  MET A O   1 
ATOM   98  C  CB  . MET A 1 14  ? -8.508  4.808   8.609   1.00 17.94 ? 14  MET A CB  1 
ATOM   99  C  CG  . MET A 1 14  ? -7.609  5.674   7.748   1.00 19.18 ? 14  MET A CG  1 
ATOM   100 S  SD  . MET A 1 14  ? -6.169  4.734   7.139   1.00 20.01 ? 14  MET A SD  1 
ATOM   101 C  CE  . MET A 1 14  ? -6.919  3.605   5.962   1.00 19.44 ? 14  MET A CE  1 
ATOM   102 N  N   . GLN A 1 15  ? -11.945 4.236   8.896   1.00 17.38 ? 15  GLN A N   1 
ATOM   103 C  CA  . GLN A 1 15  ? -12.873 3.168   9.310   1.00 19.41 ? 15  GLN A CA  1 
ATOM   104 C  C   . GLN A 1 15  ? -12.203 1.861   8.916   1.00 18.00 ? 15  GLN A C   1 
ATOM   105 O  O   . GLN A 1 15  ? -11.480 1.832   7.929   1.00 19.12 ? 15  GLN A O   1 
ATOM   106 C  CB  . GLN A 1 15  ? -14.247 3.295   8.637   1.00 22.29 ? 15  GLN A CB  1 
ATOM   107 C  CG  . GLN A 1 15  ? -15.083 4.471   9.128   1.00 23.92 ? 15  GLN A CG  1 
ATOM   108 C  CD  . GLN A 1 15  ? -15.445 4.257   10.577  1.00 27.56 ? 15  GLN A CD  1 
ATOM   109 O  OE1 . GLN A 1 15  ? -16.159 3.319   10.925  1.00 30.73 ? 15  GLN A OE1 1 
ATOM   110 N  NE2 . GLN A 1 15  ? -14.897 5.095   11.433  1.00 30.80 ? 15  GLN A NE2 1 
ATOM   111 N  N   . PRO A 1 16  ? -12.497 0.753   9.619   1.00 18.15 ? 16  PRO A N   1 
ATOM   112 C  CA  . PRO A 1 16  ? -12.045 -0.561  9.180   1.00 19.06 ? 16  PRO A CA  1 
ATOM   113 C  C   . PRO A 1 16  ? -12.545 -0.837  7.748   1.00 18.56 ? 16  PRO A C   1 
ATOM   114 O  O   . PRO A 1 16  ? -13.677 -0.460  7.372   1.00 16.50 ? 16  PRO A O   1 
ATOM   115 C  CB  . PRO A 1 16  ? -12.606 -1.525  10.239  1.00 20.13 ? 16  PRO A CB  1 
ATOM   116 C  CG  . PRO A 1 16  ? -12.928 -0.620  11.430  1.00 20.25 ? 16  PRO A CG  1 
ATOM   117 C  CD  . PRO A 1 16  ? -13.313 0.713   10.843  1.00 19.50 ? 16  PRO A CD  1 
ATOM   118 N  N   . GLY A 1 17  ? -11.699 -1.479  6.945   1.00 16.89 ? 17  GLY A N   1 
ATOM   119 C  CA  . GLY A 1 17  ? -12.049 -1.809  5.563   1.00 17.56 ? 17  GLY A CA  1 
ATOM   120 C  C   . GLY A 1 17  ? -11.924 -0.618  4.633   1.00 17.89 ? 17  GLY A C   1 
ATOM   121 O  O   . GLY A 1 17  ? -12.527 -0.678  3.543   1.00 20.86 ? 17  GLY A O   1 
ATOM   122 N  N   . THR A 1 18  ? -11.093 0.378   4.960   1.00 18.18 ? 18  THR A N   1 
ATOM   123 C  CA  . THR A 1 18  ? -10.875 1.568   4.093   1.00 19.89 ? 18  THR A CA  1 
ATOM   124 C  C   . THR A 1 18  ? -9.410  1.661   3.671   1.00 18.39 ? 18  THR A C   1 
ATOM   125 O  O   . THR A 1 18  ? -8.557  1.055   4.323   1.00 16.45 ? 18  THR A O   1 
ATOM   126 C  CB  . THR A 1 18  ? -11.307 2.895   4.724   1.00 20.08 ? 18  THR A CB  1 
ATOM   127 O  OG1 . THR A 1 18  ? -10.597 3.149   5.935   1.00 19.28 ? 18  THR A OG1 1 
ATOM   128 C  CG2 . THR A 1 18  ? -12.805 2.943   4.967   1.00 22.84 ? 18  THR A CG2 1 
ATOM   129 N  N   . ILE A 1 19  ? -9.157  2.414   2.605   1.00 18.52 ? 19  ILE A N   1 
ATOM   130 C  CA  . ILE A 1 19  ? -7.793  2.601   2.023   1.00 17.63 ? 19  ILE A CA  1 
ATOM   131 C  C   . ILE A 1 19  ? -7.578  4.095   1.877   1.00 17.77 ? 19  ILE A C   1 
ATOM   132 O  O   . ILE A 1 19  ? -8.538  4.780   1.491   1.00 19.47 ? 19  ILE A O   1 
ATOM   133 C  CB  . ILE A 1 19  ? -7.620  1.878   0.670   1.00 17.72 ? 19  ILE A CB  1 
ATOM   134 C  CG1 . ILE A 1 19  ? -8.251  0.477   0.643   1.00 19.46 ? 19  ILE A CG1 1 
ATOM   135 C  CG2 . ILE A 1 19  ? -6.158  1.804   0.248   1.00 16.61 ? 19  ILE A CG2 1 
ATOM   136 C  CD1 . ILE A 1 19  ? -9.431  0.350   -0.252  1.00 20.01 ? 19  ILE A CD1 1 
ATOM   137 N  N   . ARG A 1 20  ? -6.367  4.559   2.117   1.00 17.67 ? 20  ARG A N   1 
ATOM   138 C  CA  . ARG A 1 20  ? -5.915  5.947   1.846   1.00 19.46 ? 20  ARG A CA  1 
ATOM   139 C  C   . ARG A 1 20  ? -4.716  5.869   0.920   1.00 16.82 ? 20  ARG A C   1 
ATOM   140 O  O   . ARG A 1 20  ? -3.775  5.100   1.211   1.00 14.92 ? 20  ARG A O   1 
ATOM   141 C  CB  . ARG A 1 20  ? -5.458  6.680   3.107   1.00 22.83 ? 20  ARG A CB  1 
ATOM   142 C  CG  . ARG A 1 20  ? -6.576  7.208   3.992   1.00 28.12 ? 20  ARG A CG  1 
ATOM   143 C  CD  . ARG A 1 20  ? -6.916  8.661   3.680   1.00 34.69 ? 20  ARG A CD  1 
ATOM   144 N  NE  . ARG A 1 20  ? -7.450  9.374   4.842   1.00 38.61 ? 20  ARG A NE  1 
ATOM   145 C  CZ  . ARG A 1 20  ? -8.600  9.081   5.440   1.00 38.46 ? 20  ARG A CZ  1 
ATOM   146 N  NH1 . ARG A 1 20  ? -9.015  9.795   6.463   1.00 43.15 ? 20  ARG A NH1 1 
ATOM   147 N  NH2 . ARG A 1 20  ? -9.352  8.090   5.011   1.00 41.29 ? 20  ARG A NH2 1 
ATOM   148 N  N   . ARG A 1 21  ? -4.715  6.686   -0.117  1.00 16.07 ? 21  ARG A N   1 
ATOM   149 C  CA  . ARG A 1 21  ? -3.535  6.845   -0.989  1.00 15.50 ? 21  ARG A CA  1 
ATOM   150 C  C   . ARG A 1 21  ? -2.608  7.885   -0.374  1.00 15.65 ? 21  ARG A C   1 
ATOM   151 O  O   . ARG A 1 21  ? -3.078  8.891   0.153   1.00 14.46 ? 21  ARG A O   1 
ATOM   152 C  CB  . ARG A 1 21  ? -3.967  7.213   -2.399  1.00 16.68 ? 21  ARG A CB  1 
ATOM   153 C  CG  . ARG A 1 21  ? -2.831  7.420   -3.374  1.00 19.52 ? 21  ARG A CG  1 
ATOM   154 C  CD  . ARG A 1 21  ? -3.405  7.616   -4.748  1.00 22.42 ? 21  ARG A CD  1 
ATOM   155 N  NE  . ARG A 1 21  ? -2.344  7.973   -5.645  1.00 26.63 ? 21  ARG A NE  1 
ATOM   156 C  CZ  . ARG A 1 21  ? -2.525  8.293   -6.897  1.00 30.26 ? 21  ARG A CZ  1 
ATOM   157 N  NH1 . ARG A 1 21  ? -3.748  8.315   -7.393  1.00 33.91 ? 21  ARG A NH1 1 
ATOM   158 N  NH2 . ARG A 1 21  ? -1.484  8.626   -7.630  1.00 34.93 ? 21  ARG A NH2 1 
ATOM   159 N  N   . VAL A 1 22  ? -1.325  7.589   -0.403  1.00 13.54 ? 22  VAL A N   1 
ATOM   160 C  CA  . VAL A 1 22  ? -0.224  8.458   0.070   1.00 14.36 ? 22  VAL A CA  1 
ATOM   161 C  C   . VAL A 1 22  ? 0.667   8.800   -1.124  1.00 14.74 ? 22  VAL A C   1 
ATOM   162 O  O   . VAL A 1 22  ? 1.331   7.900   -1.701  1.00 11.75 ? 22  VAL A O   1 
ATOM   163 C  CB  . VAL A 1 22  ? 0.573   7.800   1.201   1.00 14.52 ? 22  VAL A CB  1 
ATOM   164 C  CG1 . VAL A 1 22  ? 1.718   8.693   1.604   1.00 14.49 ? 22  VAL A CG1 1 
ATOM   165 C  CG2 . VAL A 1 22  ? -0.319  7.445   2.382   1.00 14.80 ? 22  VAL A CG2 1 
ATOM   166 N  N   . ASN A 1 23  ? 0.696   10.083  -1.503  1.00 15.56 ? 23  ASN A N   1 
ATOM   167 C  CA  . ASN A 1 23  ? 1.549   10.508  -2.640  1.00 17.10 ? 23  ASN A CA  1 
ATOM   168 C  C   . ASN A 1 23  ? 2.934   10.895  -2.110  1.00 19.12 ? 23  ASN A C   1 
ATOM   169 O  O   . ASN A 1 23  ? 3.020   11.453  -0.988  1.00 21.43 ? 23  ASN A O   1 
ATOM   170 C  CB  . ASN A 1 23  ? 0.869   11.614  -3.432  1.00 17.44 ? 23  ASN A CB  1 
ATOM   171 C  CG  . ASN A 1 23  ? -0.474  11.180  -3.960  1.00 16.58 ? 23  ASN A CG  1 
ATOM   172 O  OD1 . ASN A 1 23  ? -0.552  10.411  -4.922  1.00 18.72 ? 23  ASN A OD1 1 
ATOM   173 N  ND2 . ASN A 1 23  ? -1.521  11.615  -3.291  1.00 16.14 ? 23  ASN A ND2 1 
ATOM   174 N  N   . ARG A 1 24  ? 3.971   10.561  -2.866  1.00 18.53 ? 24  ARG A N   1 
ATOM   175 C  CA  . ARG A 1 24  ? 5.386   10.863  -2.531  1.00 22.65 ? 24  ARG A CA  1 
ATOM   176 C  C   . ARG A 1 24  ? 5.999   11.660  -3.685  1.00 24.95 ? 24  ARG A C   1 
ATOM   177 O  O   . ARG A 1 24  ? 6.149   11.112  -4.799  1.00 24.86 ? 24  ARG A O   1 
ATOM   178 C  CB  . ARG A 1 24  ? 6.169   9.578   -2.300  1.00 20.30 ? 24  ARG A CB  1 
ATOM   179 C  CG  . ARG A 1 24  ? 5.603   8.713   -1.179  1.00 19.61 ? 24  ARG A CG  1 
ATOM   180 C  CD  . ARG A 1 24  ? 6.539   7.588   -0.870  1.00 19.88 ? 24  ARG A CD  1 
ATOM   181 N  NE  . ARG A 1 24  ? 6.521   6.612   -1.938  1.00 19.74 ? 24  ARG A NE  1 
ATOM   182 C  CZ  . ARG A 1 24  ? 7.447   5.679   -2.149  1.00 21.07 ? 24  ARG A CZ  1 
ATOM   183 N  NH1 . ARG A 1 24  ? 8.516   5.602   -1.382  1.00 21.42 ? 24  ARG A NH1 1 
ATOM   184 N  NH2 . ARG A 1 24  ? 7.313   4.829   -3.151  1.00 20.40 ? 24  ARG A NH2 1 
ATOM   185 N  N   . VAL A 1 25  ? 6.336   12.913  -3.414  1.00 33.77 ? 25  VAL A N   1 
ATOM   186 C  CA  . VAL A 1 25  ? 6.995   13.816  -4.399  1.00 38.82 ? 25  VAL A CA  1 
ATOM   187 C  C   . VAL A 1 25  ? 8.104   13.011  -5.081  1.00 33.55 ? 25  VAL A C   1 
ATOM   188 O  O   . VAL A 1 25  ? 8.981   12.522  -4.361  1.00 35.09 ? 25  VAL A O   1 
ATOM   189 C  CB  . VAL A 1 25  ? 7.506   15.101  -3.713  1.00 47.54 ? 25  VAL A CB  1 
ATOM   190 C  CG1 . VAL A 1 25  ? 6.367   16.095  -3.498  1.00 53.56 ? 25  VAL A CG1 1 
ATOM   191 C  CG2 . VAL A 1 25  ? 8.221   14.810  -2.393  1.00 50.25 ? 25  VAL A CG2 1 
ATOM   192 N  N   . GLY A 1 26  ? 7.968   12.766  -6.392  1.00 33.97 ? 26  GLY A N   1 
ATOM   193 C  CA  . GLY A 1 26  ? 8.981   12.129  -7.258  1.00 32.84 ? 26  GLY A CA  1 
ATOM   194 C  C   . GLY A 1 26  ? 9.149   10.633  -7.028  1.00 33.57 ? 26  GLY A C   1 
ATOM   195 O  O   . GLY A 1 26  ? 10.170  10.063  -7.502  1.00 31.62 ? 26  GLY A O   1 
ATOM   196 N  N   . ALA A 1 27  ? 8.206   9.979   -6.332  1.00 28.74 ? 27  ALA A N   1 
ATOM   197 C  CA  . ALA A 1 27  ? 8.236   8.518   -6.115  1.00 23.95 ? 27  ALA A CA  1 
ATOM   198 C  C   . ALA A 1 27  ? 6.816   7.949   -6.278  1.00 19.93 ? 27  ALA A C   1 
ATOM   199 O  O   . ALA A 1 27  ? 5.837   8.718   -6.475  1.00 17.69 ? 27  ALA A O   1 
ATOM   200 C  CB  . ALA A 1 27  ? 8.852   8.166   -4.778  1.00 24.15 ? 27  ALA A CB  1 
ATOM   201 N  N   . ALA A 1 28  ? 6.748   6.634   -6.287  1.00 17.51 ? 28  ALA A N   1 
ATOM   202 C  CA  . ALA A 1 28  ? 5.498   5.884   -6.529  1.00 18.71 ? 28  ALA A CA  1 
ATOM   203 C  C   . ALA A 1 28  ? 4.568   6.102   -5.345  1.00 15.32 ? 28  ALA A C   1 
ATOM   204 O  O   . ALA A 1 28  ? 5.024   6.124   -4.196  1.00 14.82 ? 28  ALA A O   1 
ATOM   205 C  CB  . ALA A 1 28  ? 5.808   4.426   -6.677  1.00 18.13 ? 28  ALA A CB  1 
ATOM   206 N  N   . PRO A 1 29  ? 3.254   6.201   -5.583  1.00 12.98 ? 29  PRO A N   1 
ATOM   207 C  CA  . PRO A 1 29  ? 2.294   6.349   -4.496  1.00 11.94 ? 29  PRO A CA  1 
ATOM   208 C  C   . PRO A 1 29  ? 2.146   5.031   -3.724  1.00 10.82 ? 29  PRO A C   1 
ATOM   209 O  O   . PRO A 1 29  ? 2.416   3.961   -4.243  1.00 10.96 ? 29  PRO A O   1 
ATOM   210 C  CB  . PRO A 1 29  ? 1.021   6.754   -5.225  1.00 12.60 ? 29  PRO A CB  1 
ATOM   211 C  CG  . PRO A 1 29  ? 1.179   6.092   -6.551  1.00 12.71 ? 29  PRO A CG  1 
ATOM   212 C  CD  . PRO A 1 29  ? 2.618   6.318   -6.900  1.00 13.01 ? 29  PRO A CD  1 
ATOM   213 N  N   . LEU A 1 30  ? 1.780   5.175   -2.457  1.00 11.07 ? 30  LEU A N   1 
ATOM   214 C  CA  . LEU A 1 30  ? 1.479   4.043   -1.543  1.00 11.37 ? 30  LEU A CA  1 
ATOM   215 C  C   . LEU A 1 30  ? -0.028  4.010   -1.254  1.00 10.90 ? 30  LEU A C   1 
ATOM   216 O  O   . LEU A 1 30  ? -0.718  5.038   -1.360  1.00 10.45 ? 30  LEU A O   1 
ATOM   217 C  CB  . LEU A 1 30  ? 2.285   4.197   -0.252  1.00 11.83 ? 30  LEU A CB  1 
ATOM   218 C  CG  . LEU A 1 30  ? 3.782   4.445   -0.451  1.00 12.41 ? 30  LEU A CG  1 
ATOM   219 C  CD1 . LEU A 1 30  ? 4.481   4.681   0.876   1.00 13.62 ? 30  LEU A CD1 1 
ATOM   220 C  CD2 . LEU A 1 30  ? 4.426   3.304   -1.214  1.00 13.05 ? 30  LEU A CD2 1 
ATOM   221 N  N   . ALA A 1 31  ? -0.506  2.834   -0.893  1.00 11.57 ? 31  ALA A N   1 
ATOM   222 C  CA  . ALA A 1 31  ? -1.869  2.625   -0.358  1.00 11.10 ? 31  ALA A CA  1 
ATOM   223 C  C   . ALA A 1 31  ? -1.706  2.171   1.088   1.00 10.83 ? 31  ALA A C   1 
ATOM   224 O  O   . ALA A 1 31  ? -0.881  1.288   1.346   1.00 9.55  ? 31  ALA A O   1 
ATOM   225 C  CB  . ALA A 1 31  ? -2.602  1.623   -1.196  1.00 11.86 ? 31  ALA A CB  1 
ATOM   226 N  N   . VAL A 1 32  ? -2.435  2.791   1.999   1.00 9.92  ? 32  VAL A N   1 
ATOM   227 C  CA  . VAL A 1 32  ? -2.483  2.380   3.422   1.00 10.96 ? 32  VAL A CA  1 
ATOM   228 C  C   . VAL A 1 32  ? -3.870  1.802   3.702   1.00 10.70 ? 32  VAL A C   1 
ATOM   229 O  O   . VAL A 1 32  ? -4.887  2.467   3.377   1.00 12.11 ? 32  VAL A O   1 
ATOM   230 C  CB  . VAL A 1 32  ? -2.174  3.568   4.341   1.00 11.89 ? 32  VAL A CB  1 
ATOM   231 C  CG1 . VAL A 1 32  ? -2.283  3.181   5.789   1.00 12.69 ? 32  VAL A CG1 1 
ATOM   232 C  CG2 . VAL A 1 32  ? -0.796  4.106   4.031   1.00 13.14 ? 32  VAL A CG2 1 
ATOM   233 N  N   . TYR A 1 33  ? -3.921  0.602   4.261   1.00 11.58 ? 33  TYR A N   1 
ATOM   234 C  CA  . TYR A 1 33  ? -5.181  -0.158  4.451   1.00 11.60 ? 33  TYR A CA  1 
ATOM   235 C  C   . TYR A 1 33  ? -5.422  -0.325  5.941   1.00 12.17 ? 33  TYR A C   1 
ATOM   236 O  O   . TYR A 1 33  ? -4.455  -0.614  6.641   1.00 11.46 ? 33  TYR A O   1 
ATOM   237 C  CB  . TYR A 1 33  ? -5.079  -1.554  3.835   1.00 11.31 ? 33  TYR A CB  1 
ATOM   238 C  CG  . TYR A 1 33  ? -4.500  -1.613  2.455   1.00 10.78 ? 33  TYR A CG  1 
ATOM   239 C  CD1 . TYR A 1 33  ? -3.143  -1.739  2.233   1.00 10.19 ? 33  TYR A CD1 1 
ATOM   240 C  CD2 . TYR A 1 33  ? -5.325  -1.598  1.352   1.00 10.71 ? 33  TYR A CD2 1 
ATOM   241 C  CE1 . TYR A 1 33  ? -2.603  -1.828  0.962   1.00 10.00 ? 33  TYR A CE1 1 
ATOM   242 C  CE2 . TYR A 1 33  ? -4.803  -1.689  0.074   1.00 10.64 ? 33  TYR A CE2 1 
ATOM   243 C  CZ  . TYR A 1 33  ? -3.443  -1.794  -0.130  1.00 10.82 ? 33  TYR A CZ  1 
ATOM   244 O  OH  . TYR A 1 33  ? -2.977  -1.921  -1.411  1.00 11.73 ? 33  TYR A OH  1 
ATOM   245 N  N   . ARG A 1 34  ? -6.657  -0.084  6.398   1.00 12.13 ? 34  ARG A N   1 
ATOM   246 C  CA  . ARG A 1 34  ? -7.076  -0.450  7.763   1.00 12.14 ? 34  ARG A CA  1 
ATOM   247 C  C   . ARG A 1 34  ? -7.896  -1.733  7.618   1.00 12.27 ? 34  ARG A C   1 
ATOM   248 O  O   . ARG A 1 34  ? -8.980  -1.686  6.999   1.00 12.50 ? 34  ARG A O   1 
ATOM   249 C  CB  . ARG A 1 34  ? -7.885  0.641   8.457   1.00 12.21 ? 34  ARG A CB  1 
ATOM   250 C  CG  . ARG A 1 34  ? -8.210  0.238   9.888   1.00 12.75 ? 34  ARG A CG  1 
ATOM   251 C  CD  . ARG A 1 34  ? -8.992  1.269   10.677  1.00 14.55 ? 34  ARG A CD  1 
ATOM   252 N  NE  . ARG A 1 34  ? -9.255  0.778   12.016  1.00 14.84 ? 34  ARG A NE  1 
ATOM   253 C  CZ  . ARG A 1 34  ? -9.339  1.528   13.118  1.00 16.32 ? 34  ARG A CZ  1 
ATOM   254 N  NH1 . ARG A 1 34  ? -9.092  2.826   13.076  1.00 15.78 ? 34  ARG A NH1 1 
ATOM   255 N  NH2 . ARG A 1 34  ? -9.569  0.945   14.289  1.00 16.64 ? 34  ARG A NH2 1 
ATOM   256 N  N   . VAL A 1 35  ? -7.351  -2.835  8.108   1.00 12.28 ? 35  VAL A N   1 
ATOM   257 C  CA  . VAL A 1 35  ? -8.035  -4.147  8.109   1.00 13.08 ? 35  VAL A CA  1 
ATOM   258 C  C   . VAL A 1 35  ? -8.410  -4.402  9.561   1.00 12.97 ? 35  VAL A C   1 
ATOM   259 O  O   . VAL A 1 35  ? -7.483  -4.648  10.364  1.00 12.28 ? 35  VAL A O   1 
ATOM   260 C  CB  . VAL A 1 35  ? -7.152  -5.239  7.488   1.00 13.82 ? 35  VAL A CB  1 
ATOM   261 C  CG1 . VAL A 1 35  ? -7.826  -6.592  7.536   1.00 14.22 ? 35  VAL A CG1 1 
ATOM   262 C  CG2 . VAL A 1 35  ? -6.782  -4.841  6.056   1.00 14.51 ? 35  VAL A CG2 1 
ATOM   263 N  N   . GLY A 1 36  ? -9.700  -4.231  9.877   1.00 13.50 ? 36  GLY A N   1 
ATOM   264 C  CA  . GLY A 1 36  ? -10.188 -4.261  11.277  1.00 13.87 ? 36  GLY A CA  1 
ATOM   265 C  C   . GLY A 1 36  ? -9.442  -3.223  12.084  1.00 13.24 ? 36  GLY A C   1 
ATOM   266 O  O   . GLY A 1 36  ? -9.585  -2.038  11.735  1.00 13.26 ? 36  GLY A O   1 
ATOM   267 N  N   . ASP A 1 37  ? -8.593  -3.635  13.029  1.00 13.50 ? 37  ASP A N   1 
ATOM   268 C  CA  . ASP A 1 37  ? -7.830  -2.682  13.883  1.00 15.28 ? 37  ASP A CA  1 
ATOM   269 C  C   . ASP A 1 37  ? -6.335  -2.795  13.620  1.00 14.47 ? 37  ASP A C   1 
ATOM   270 O  O   . ASP A 1 37  ? -5.566  -2.524  14.537  1.00 16.37 ? 37  ASP A O   1 
ATOM   271 C  CB  . ASP A 1 37  ? -8.129  -2.910  15.368  1.00 17.76 ? 37  ASP A CB  1 
ATOM   272 C  CG  . ASP A 1 37  ? -9.584  -2.681  15.697  1.00 19.87 ? 37  ASP A CG  1 
ATOM   273 O  OD1 . ASP A 1 37  ? -10.168 -1.698  15.151  1.00 20.20 ? 37  ASP A OD1 1 
ATOM   274 O  OD2 . ASP A 1 37  ? -10.140 -3.503  16.467  1.00 20.21 ? 37  ASP A OD2 1 
ATOM   275 N  N   . GLN A 1 38  ? -5.931  -3.161  12.397  1.00 14.13 ? 38  GLN A N   1 
ATOM   276 C  CA  . GLN A 1 38  ? -4.513  -3.240  12.010  1.00 13.49 ? 38  GLN A CA  1 
ATOM   277 C  C   . GLN A 1 38  ? -4.357  -2.457  10.706  1.00 12.29 ? 38  GLN A C   1 
ATOM   278 O  O   . GLN A 1 38  ? -5.332  -2.297  9.963   1.00 12.79 ? 38  GLN A O   1 
ATOM   279 C  CB  . GLN A 1 38  ? -4.009  -4.678  11.869  1.00 15.07 ? 38  GLN A CB  1 
ATOM   280 C  CG  . GLN A 1 38  ? -4.131  -5.487  13.152  1.00 16.93 ? 38  GLN A CG  1 
ATOM   281 C  CD  . GLN A 1 38  ? -3.880  -6.961  12.910  1.00 19.89 ? 38  GLN A CD  1 
ATOM   282 O  OE1 . GLN A 1 38  ? -3.758  -7.422  11.775  1.00 24.88 ? 38  GLN A OE1 1 
ATOM   283 N  NE2 . GLN A 1 38  ? -3.773  -7.719  13.989  1.00 20.23 ? 38  GLN A NE2 1 
ATOM   284 N  N   . PHE A 1 39  ? -3.163  -1.945  10.514  1.00 11.41 ? 39  PHE A N   1 
ATOM   285 C  CA  . PHE A 1 39  ? -2.782  -1.093  9.361   1.00 10.94 ? 39  PHE A CA  1 
ATOM   286 C  C   . PHE A 1 39  ? -1.669  -1.769  8.578   1.00 10.86 ? 39  PHE A C   1 
ATOM   287 O  O   . PHE A 1 39  ? -0.720  -2.279  9.200   1.00 10.05 ? 39  PHE A O   1 
ATOM   288 C  CB  . PHE A 1 39  ? -2.351  0.294   9.846   1.00 11.59 ? 39  PHE A CB  1 
ATOM   289 C  CG  . PHE A 1 39  ? -3.465  1.074   10.484  1.00 12.14 ? 39  PHE A CG  1 
ATOM   290 C  CD1 . PHE A 1 39  ? -3.731  0.946   11.845  1.00 12.94 ? 39  PHE A CD1 1 
ATOM   291 C  CD2 . PHE A 1 39  ? -4.257  1.912   9.705   1.00 12.83 ? 39  PHE A CD2 1 
ATOM   292 C  CE1 . PHE A 1 39  ? -4.767  1.679   12.423  1.00 13.16 ? 39  PHE A CE1 1 
ATOM   293 C  CE2 . PHE A 1 39  ? -5.270  2.660   10.290  1.00 13.40 ? 39  PHE A CE2 1 
ATOM   294 C  CZ  . PHE A 1 39  ? -5.534  2.507   11.643  1.00 13.36 ? 39  PHE A CZ  1 
ATOM   295 N  N   . TYR A 1 40  ? -1.767  -1.729  7.245   1.00 10.03 ? 40  TYR A N   1 
ATOM   296 C  CA  . TYR A 1 40  ? -0.777  -2.302  6.298   1.00 10.73 ? 40  TYR A CA  1 
ATOM   297 C  C   . TYR A 1 40  ? -0.599  -1.290  5.169   1.00 10.29 ? 40  TYR A C   1 
ATOM   298 O  O   . TYR A 1 40  ? -1.462  -0.398  4.985   1.00 9.78  ? 40  TYR A O   1 
ATOM   299 C  CB  . TYR A 1 40  ? -1.240  -3.673  5.789   1.00 11.26 ? 40  TYR A CB  1 
ATOM   300 C  CG  . TYR A 1 40  ? -1.385  -4.655  6.914   1.00 11.93 ? 40  TYR A CG  1 
ATOM   301 C  CD1 . TYR A 1 40  ? -0.255  -5.261  7.470   1.00 13.57 ? 40  TYR A CD1 1 
ATOM   302 C  CD2 . TYR A 1 40  ? -2.611  -4.871  7.527   1.00 12.60 ? 40  TYR A CD2 1 
ATOM   303 C  CE1 . TYR A 1 40  ? -0.358  -6.113  8.564   1.00 15.43 ? 40  TYR A CE1 1 
ATOM   304 C  CE2 . TYR A 1 40  ? -2.725  -5.733  8.609   1.00 13.18 ? 40  TYR A CE2 1 
ATOM   305 C  CZ  . TYR A 1 40  ? -1.597  -6.350  9.128   1.00 14.82 ? 40  TYR A CZ  1 
ATOM   306 O  OH  . TYR A 1 40  ? -1.693  -7.155  10.228  1.00 17.55 ? 40  TYR A OH  1 
ATOM   307 N  N   . ALA A 1 41  ? 0.492   -1.407  4.441   1.00 9.58  ? 41  ALA A N   1 
ATOM   308 C  CA  . ALA A 1 41  ? 0.749   -0.521  3.296   1.00 9.86  ? 41  ALA A CA  1 
ATOM   309 C  C   . ALA A 1 41  ? 1.442   -1.298  2.191   1.00 9.98  ? 41  ALA A C   1 
ATOM   310 O  O   . ALA A 1 41  ? 2.298   -2.147  2.486   1.00 10.20 ? 41  ALA A O   1 
ATOM   311 C  CB  . ALA A 1 41  ? 1.578   0.664   3.718   1.00 9.48  ? 41  ALA A CB  1 
ATOM   312 N  N   . THR A 1 42  ? 1.102   -0.974  0.962   1.00 9.92  ? 42  THR A N   1 
ATOM   313 C  CA  . THR A 1 42  ? 1.811   -1.471  -0.231  1.00 10.37 ? 42  THR A CA  1 
ATOM   314 C  C   . THR A 1 42  ? 2.049   -0.300  -1.180  1.00 10.52 ? 42  THR A C   1 
ATOM   315 O  O   . THR A 1 42  ? 1.522   0.774   -0.939  1.00 10.32 ? 42  THR A O   1 
ATOM   316 C  CB  . THR A 1 42  ? 0.970   -2.551  -0.932  1.00 10.82 ? 42  THR A CB  1 
ATOM   317 O  OG1 . THR A 1 42  ? -0.251  -2.002  -1.446  1.00 11.40 ? 42  THR A OG1 1 
ATOM   318 C  CG2 . THR A 1 42  ? 0.623   -3.726  -0.045  1.00 10.81 ? 42  THR A CG2 1 
ATOM   319 N  N   . GLU A 1 43  ? 2.738   -0.548  -2.290  1.00 11.32 ? 43  GLU A N   1 
ATOM   320 C  CA  . GLU A 1 43  ? 2.611   0.285   -3.489  1.00 11.45 ? 43  GLU A CA  1 
ATOM   321 C  C   . GLU A 1 43  ? 1.115   0.423   -3.805  1.00 10.93 ? 43  GLU A C   1 
ATOM   322 O  O   . GLU A 1 43  ? 0.344   -0.556  -3.642  1.00 10.31 ? 43  GLU A O   1 
ATOM   323 C  CB  . GLU A 1 43  ? 3.344   -0.340  -4.679  1.00 14.83 ? 43  GLU A CB  1 
ATOM   324 C  CG  . GLU A 1 43  ? 4.839   -0.286  -4.534  1.00 18.47 ? 43  GLU A CG  1 
ATOM   325 C  CD  . GLU A 1 43  ? 5.630   -1.357  -5.286  1.00 24.99 ? 43  GLU A CD  1 
ATOM   326 O  OE1 . GLU A 1 43  ? 5.036   -2.265  -5.996  1.00 20.78 ? 43  GLU A OE1 1 
ATOM   327 O  OE2 . GLU A 1 43  ? 6.881   -1.291  -5.138  1.00 32.07 ? 43  GLU A OE2 1 
ATOM   328 N  N   . ASP A 1 44  ? 0.690   1.600   -4.234  1.00 10.16 ? 44  ASP A N   1 
ATOM   329 C  CA  . ASP A 1 44  ? -0.716  1.838   -4.653  1.00 10.48 ? 44  ASP A CA  1 
ATOM   330 C  C   . ASP A 1 44  ? -0.968  1.268   -6.057  1.00 10.67 ? 44  ASP A C   1 
ATOM   331 O  O   . ASP A 1 44  ? -2.150  0.943   -6.387  1.00 11.11 ? 44  ASP A O   1 
ATOM   332 C  CB  . ASP A 1 44  ? -1.013  3.333   -4.672  1.00 11.01 ? 44  ASP A CB  1 
ATOM   333 C  CG  . ASP A 1 44  ? -2.447  3.657   -5.062  1.00 12.00 ? 44  ASP A CG  1 
ATOM   334 O  OD1 . ASP A 1 44  ? -3.352  3.224   -4.317  1.00 13.14 ? 44  ASP A OD1 1 
ATOM   335 O  OD2 . ASP A 1 44  ? -2.631  4.354   -6.089  1.00 13.39 ? 44  ASP A OD2 1 
ATOM   336 N  N   . THR A 1 45  ? 0.059   1.223   -6.898  1.00 10.62 ? 45  THR A N   1 
ATOM   337 C  CA  . THR A 1 45  ? -0.114  0.925   -8.342  1.00 11.61 ? 45  THR A CA  1 
ATOM   338 C  C   . THR A 1 45  ? -0.180  -0.585  -8.521  1.00 11.05 ? 45  THR A C   1 
ATOM   339 O  O   . THR A 1 45  ? 0.764   -1.249  -8.181  1.00 10.35 ? 45  THR A O   1 
ATOM   340 C  CB  . THR A 1 45  ? 0.979   1.581   -9.180  1.00 12.71 ? 45  THR A CB  1 
ATOM   341 O  OG1 . THR A 1 45  ? 1.018   2.976   -8.832  1.00 12.61 ? 45  THR A OG1 1 
ATOM   342 C  CG2 . THR A 1 45  ? 0.718   1.392   -10.658 1.00 12.81 ? 45  THR A CG2 1 
ATOM   343 N  N   . CYS A 1 46  ? -1.293  -1.085  -9.048  1.00 10.55 ? 46  CYS A N   1 
ATOM   344 C  CA  . CYS A 1 46  ? -1.445  -2.500  -9.419  1.00 12.07 ? 46  CYS A CA  1 
ATOM   345 C  C   . CYS A 1 46  ? -0.319  -2.867  -10.392 1.00 12.64 ? 46  CYS A C   1 
ATOM   346 O  O   . CYS A 1 46  ? -0.134  -2.155  -11.418 1.00 11.26 ? 46  CYS A O   1 
ATOM   347 C  CB  . CYS A 1 46  ? -2.799  -2.757  -10.059 1.00 11.47 ? 46  CYS A CB  1 
ATOM   348 S  SG  . CYS A 1 46  ? -3.061  -4.520  -10.320 1.00 11.38 ? 46  CYS A SG  1 
ATOM   349 N  N   . THR A 1 47  ? 0.384   -3.956  -10.104 1.00 12.69 ? 47  THR A N   1 
ATOM   350 C  CA  . THR A 1 47  ? 1.537   -4.386  -10.937 1.00 13.61 ? 47  THR A CA  1 
ATOM   351 C  C   . THR A 1 47  ? 1.072   -4.870  -12.306 1.00 14.51 ? 47  THR A C   1 
ATOM   352 O  O   . THR A 1 47  ? 1.899   -4.888  -13.229 1.00 16.36 ? 47  THR A O   1 
ATOM   353 C  CB  . THR A 1 47  ? 2.384   -5.436  -10.230 1.00 13.35 ? 47  THR A CB  1 
ATOM   354 O  OG1 . THR A 1 47  ? 1.533   -6.542  -9.943  1.00 11.76 ? 47  THR A OG1 1 
ATOM   355 C  CG2 . THR A 1 47  ? 3.054   -4.854  -9.013  1.00 14.64 ? 47  THR A CG2 1 
ATOM   356 N  N   . HIS A 1 48  ? -0.192  -5.257  -12.432 1.00 14.29 ? 48  HIS A N   1 
ATOM   357 C  CA  . HIS A 1 48  ? -0.750  -5.839  -13.669 1.00 14.27 ? 48  HIS A CA  1 
ATOM   358 C  C   . HIS A 1 48  ? -0.985  -4.748  -14.724 1.00 15.06 ? 48  HIS A C   1 
ATOM   359 O  O   . HIS A 1 48  ? -0.360  -4.801  -15.778 1.00 15.52 ? 48  HIS A O   1 
ATOM   360 C  CB  . HIS A 1 48  ? -2.012  -6.640  -13.357 1.00 13.43 ? 48  HIS A CB  1 
ATOM   361 C  CG  . HIS A 1 48  ? -2.630  -7.182  -14.589 1.00 12.96 ? 48  HIS A CG  1 
ATOM   362 N  ND1 . HIS A 1 48  ? -3.828  -6.682  -15.053 1.00 12.53 ? 48  HIS A ND1 1 
ATOM   363 C  CD2 . HIS A 1 48  ? -2.218  -8.132  -15.462 1.00 12.74 ? 48  HIS A CD2 1 
ATOM   364 C  CE1 . HIS A 1 48  ? -4.167  -7.354  -16.151 1.00 12.41 ? 48  HIS A CE1 1 
ATOM   365 N  NE2 . HIS A 1 48  ? -3.168  -8.217  -16.443 1.00 12.56 ? 48  HIS A NE2 1 
ATOM   366 N  N   . GLY A 1 49  ? -1.921  -3.836  -14.508 1.00 18.32 ? 49  GLY A N   1 
ATOM   367 C  CA  . GLY A 1 49  ? -2.326  -2.859  -15.537 1.00 19.04 ? 49  GLY A CA  1 
ATOM   368 C  C   . GLY A 1 49  ? -2.486  -1.437  -15.013 1.00 22.60 ? 49  GLY A C   1 
ATOM   369 O  O   . GLY A 1 49  ? -3.319  -0.688  -15.607 1.00 22.54 ? 49  GLY A O   1 
ATOM   370 N  N   . ILE A 1 50  ? -1.758  -1.068  -13.947 1.00 21.40 ? 50  ILE A N   1 
ATOM   371 C  CA  . ILE A 1 50  ? -1.438  0.346   -13.599 1.00 22.94 ? 50  ILE A CA  1 
ATOM   372 C  C   . ILE A 1 50  ? -2.613  1.050   -12.905 1.00 19.80 ? 50  ILE A C   1 
ATOM   373 O  O   . ILE A 1 50  ? -2.581  2.294   -12.784 1.00 18.74 ? 50  ILE A O   1 
ATOM   374 C  CB  . ILE A 1 50  ? -1.026  1.099   -14.881 1.00 29.15 ? 50  ILE A CB  1 
ATOM   375 C  CG1 . ILE A 1 50  ? 0.153   0.421   -15.584 1.00 33.25 ? 50  ILE A CG1 1 
ATOM   376 C  CG2 . ILE A 1 50  ? -0.738  2.549   -14.594 1.00 31.84 ? 50  ILE A CG2 1 
ATOM   377 C  CD1 . ILE A 1 50  ? 1.383   0.261   -14.723 1.00 34.31 ? 50  ILE A CD1 1 
ATOM   378 N  N   . ALA A 1 51  ? -3.595  0.311   -12.422 1.00 16.13 ? 51  ALA A N   1 
ATOM   379 C  CA  . ALA A 1 51  ? -4.734  0.887   -11.684 1.00 14.85 ? 51  ALA A CA  1 
ATOM   380 C  C   . ALA A 1 51  ? -4.251  1.364   -10.315 1.00 14.38 ? 51  ALA A C   1 
ATOM   381 O  O   . ALA A 1 51  ? -3.185  0.916   -9.842  1.00 13.09 ? 51  ALA A O   1 
ATOM   382 C  CB  . ALA A 1 51  ? -5.832  -0.121  -11.548 1.00 15.64 ? 51  ALA A CB  1 
ATOM   383 N  N   . SER A 1 52  ? -5.040  2.231   -9.683  1.00 14.00 ? 52  SER A N   1 
ATOM   384 C  CA  . SER A 1 52  ? -4.831  2.627   -8.269  1.00 13.94 ? 52  SER A CA  1 
ATOM   385 C  C   . SER A 1 52  ? -5.577  1.642   -7.360  1.00 13.85 ? 52  SER A C   1 
ATOM   386 O  O   . SER A 1 52  ? -6.822  1.625   -7.356  1.00 13.30 ? 52  SER A O   1 
ATOM   387 C  CB  . SER A 1 52  ? -5.222  4.067   -8.060  1.00 14.19 ? 52  SER A CB  1 
ATOM   388 O  OG  . SER A 1 52  ? -5.068  4.424   -6.710  1.00 15.04 ? 52  SER A OG  1 
ATOM   389 N  N   . LEU A 1 53  ? -4.842  0.865   -6.565  1.00 12.03 ? 53  LEU A N   1 
ATOM   390 C  CA  . LEU A 1 53  ? -5.461  -0.055  -5.582  1.00 12.71 ? 53  LEU A CA  1 
ATOM   391 C  C   . LEU A 1 53  ? -6.283  0.688   -4.518  1.00 12.58 ? 53  LEU A C   1 
ATOM   392 O  O   . LEU A 1 53  ? -7.231  0.099   -4.009  1.00 13.08 ? 53  LEU A O   1 
ATOM   393 C  CB  . LEU A 1 53  ? -4.394  -0.962  -4.962  1.00 12.19 ? 53  LEU A CB  1 
ATOM   394 C  CG  . LEU A 1 53  ? -3.741  -1.926  -5.950  1.00 11.97 ? 53  LEU A CG  1 
ATOM   395 C  CD1 . LEU A 1 53  ? -2.639  -2.698  -5.278  1.00 12.60 ? 53  LEU A CD1 1 
ATOM   396 C  CD2 . LEU A 1 53  ? -4.767  -2.879  -6.550  1.00 13.78 ? 53  LEU A CD2 1 
ATOM   397 N  N   A SER A 1 54  ? -5.946  1.934   -4.179  0.50 12.69 ? 54  SER A N   1 
ATOM   398 N  N   B SER A 1 54  ? -5.926  1.934   -4.193  0.50 13.13 ? 54  SER A N   1 
ATOM   399 C  CA  A SER A 1 54  ? -6.723  2.734   -3.195  0.50 12.98 ? 54  SER A CA  1 
ATOM   400 C  CA  B SER A 1 54  ? -6.689  2.803   -3.256  0.50 13.71 ? 54  SER A CA  1 
ATOM   401 C  C   A SER A 1 54  ? -8.112  3.085   -3.753  0.50 14.32 ? 54  SER A C   1 
ATOM   402 C  C   B SER A 1 54  ? -8.141  2.955   -3.725  0.50 14.76 ? 54  SER A C   1 
ATOM   403 O  O   A SER A 1 54  ? -8.910  3.641   -2.986  0.50 14.58 ? 54  SER A O   1 
ATOM   404 O  O   B SER A 1 54  ? -9.012  3.205   -2.864  0.50 14.70 ? 54  SER A O   1 
ATOM   405 C  CB  A SER A 1 54  ? -5.992  3.967   -2.777  0.50 12.62 ? 54  SER A CB  1 
ATOM   406 C  CB  B SER A 1 54  ? -6.042  4.140   -3.094  0.50 13.82 ? 54  SER A CB  1 
ATOM   407 O  OG  A SER A 1 54  ? -5.696  4.758   -3.908  0.50 11.87 ? 54  SER A OG  1 
ATOM   408 O  OG  B SER A 1 54  ? -4.881  4.018   -2.296  0.50 14.51 ? 54  SER A OG  1 
ATOM   409 N  N   . GLU A 1 55  ? -8.403  2.774   -5.017  1.00 14.73 ? 55  GLU A N   1 
ATOM   410 C  CA  . GLU A 1 55  ? -9.772  2.933   -5.602  1.00 16.30 ? 55  GLU A CA  1 
ATOM   411 C  C   . GLU A 1 55  ? -10.486 1.576   -5.620  1.00 16.19 ? 55  GLU A C   1 
ATOM   412 O  O   . GLU A 1 55  ? -11.609 1.490   -6.159  1.00 16.28 ? 55  GLU A O   1 
ATOM   413 C  CB  . GLU A 1 55  ? -9.670  3.579   -6.983  1.00 19.03 ? 55  GLU A CB  1 
ATOM   414 C  CG  . GLU A 1 55  ? -9.220  5.036   -6.948  1.00 22.16 ? 55  GLU A CG  1 
ATOM   415 C  CD  . GLU A 1 55  ? -8.848  5.635   -8.309  1.00 28.31 ? 55  GLU A CD  1 
ATOM   416 O  OE1 . GLU A 1 55  ? -9.118  4.981   -9.347  1.00 29.20 ? 55  GLU A OE1 1 
ATOM   417 O  OE2 . GLU A 1 55  ? -8.267  6.757   -8.343  1.00 29.70 ? 55  GLU A OE2 1 
ATOM   418 N  N   . GLY A 1 56  ? -9.846  0.526   -5.092  1.00 14.96 ? 56  GLY A N   1 
ATOM   419 C  CA  . GLY A 1 56  ? -10.412 -0.824  -5.039  1.00 15.01 ? 56  GLY A CA  1 
ATOM   420 C  C   . GLY A 1 56  ? -11.250 -1.093  -3.802  1.00 15.18 ? 56  GLY A C   1 
ATOM   421 O  O   . GLY A 1 56  ? -11.778 -0.152  -3.177  1.00 15.89 ? 56  GLY A O   1 
ATOM   422 N  N   . THR A 1 57  ? -11.413 -2.371  -3.500  1.00 16.29 ? 57  THR A N   1 
ATOM   423 C  CA  . THR A 1 57  ? -12.311 -2.910  -2.460  1.00 16.70 ? 57  THR A CA  1 
ATOM   424 C  C   . THR A 1 57  ? -11.507 -3.877  -1.610  1.00 16.39 ? 57  THR A C   1 
ATOM   425 O  O   . THR A 1 57  ? -10.937 -4.817  -2.188  1.00 15.05 ? 57  THR A O   1 
ATOM   426 C  CB  . THR A 1 57  ? -13.500 -3.633  -3.104  1.00 19.97 ? 57  THR A CB  1 
ATOM   427 O  OG1 . THR A 1 57  ? -14.146 -2.653  -3.936  1.00 22.99 ? 57  THR A OG1 1 
ATOM   428 C  CG2 . THR A 1 57  ? -14.432 -4.223  -2.073  1.00 21.30 ? 57  THR A CG2 1 
ATOM   429 N  N   . LEU A 1 58  ? -11.533 -3.711  -0.293  1.00 14.74 ? 58  LEU A N   1 
ATOM   430 C  CA  . LEU A 1 58  ? -10.969 -4.742  0.610   1.00 16.09 ? 58  LEU A CA  1 
ATOM   431 C  C   . LEU A 1 58  ? -11.986 -5.852  0.863   1.00 16.93 ? 58  LEU A C   1 
ATOM   432 O  O   . LEU A 1 58  ? -13.175 -5.579  1.077   1.00 19.54 ? 58  LEU A O   1 
ATOM   433 C  CB  . LEU A 1 58  ? -10.553 -4.098  1.930   1.00 15.96 ? 58  LEU A CB  1 
ATOM   434 C  CG  . LEU A 1 58  ? -9.233  -3.353  1.895   1.00 15.70 ? 58  LEU A CG  1 
ATOM   435 C  CD1 . LEU A 1 58  ? -9.110  -2.428  3.095   1.00 16.83 ? 58  LEU A CD1 1 
ATOM   436 C  CD2 . LEU A 1 58  ? -8.060  -4.340  1.826   1.00 15.78 ? 58  LEU A CD2 1 
ATOM   437 N  N   . ASP A 1 59  ? -11.500 -7.078  0.886   1.00 15.89 ? 59  ASP A N   1 
ATOM   438 C  CA  . ASP A 1 59  ? -12.260 -8.274  1.282   1.00 18.23 ? 59  ASP A CA  1 
ATOM   439 C  C   . ASP A 1 59  ? -11.388 -8.946  2.338   1.00 16.91 ? 59  ASP A C   1 
ATOM   440 O  O   . ASP A 1 59  ? -10.433 -9.644  1.953   1.00 15.35 ? 59  ASP A O   1 
ATOM   441 C  CB  . ASP A 1 59  ? -12.560 -9.130  0.061   1.00 19.08 ? 59  ASP A CB  1 
ATOM   442 C  CG  . ASP A 1 59  ? -13.508 -10.287 0.321   1.00 22.60 ? 59  ASP A CG  1 
ATOM   443 O  OD1 . ASP A 1 59  ? -13.617 -10.733 1.484   1.00 24.97 ? 59  ASP A OD1 1 
ATOM   444 O  OD2 . ASP A 1 59  ? -14.138 -10.730 -0.682  1.00 25.75 ? 59  ASP A OD2 1 
ATOM   445 N  N   . GLY A 1 60  ? -11.617 -8.606  3.606   1.00 16.11 ? 60  GLY A N   1 
ATOM   446 C  CA  . GLY A 1 60  ? -10.684 -8.924  4.705   1.00 16.08 ? 60  GLY A CA  1 
ATOM   447 C  C   . GLY A 1 60  ? -9.304  -8.342  4.446   1.00 17.24 ? 60  GLY A C   1 
ATOM   448 O  O   . GLY A 1 60  ? -9.201  -7.112  4.325   1.00 16.99 ? 60  GLY A O   1 
ATOM   449 N  N   . ASP A 1 61  ? -8.265  -9.182  4.386   1.00 16.87 ? 61  ASP A N   1 
ATOM   450 C  CA  . ASP A 1 61  ? -6.870  -8.709  4.187   1.00 17.93 ? 61  ASP A CA  1 
ATOM   451 C  C   . ASP A 1 61  ? -6.514  -8.758  2.695   1.00 14.98 ? 61  ASP A C   1 
ATOM   452 O  O   . ASP A 1 61  ? -5.356  -8.671  2.398   1.00 13.90 ? 61  ASP A O   1 
ATOM   453 C  CB  . ASP A 1 61  ? -5.878  -9.508  5.035   1.00 23.19 ? 61  ASP A CB  1 
ATOM   454 C  CG  . ASP A 1 61  ? -6.176  -10.994 5.052   1.00 32.17 ? 61  ASP A CG  1 
ATOM   455 O  OD1 . ASP A 1 61  ? -6.707  -11.479 4.008   1.00 32.91 ? 61  ASP A OD1 1 
ATOM   456 O  OD2 . ASP A 1 61  ? -5.949  -11.647 6.138   1.00 37.70 ? 61  ASP A OD2 1 
ATOM   457 N  N   . VAL A 1 62  ? -7.488  -8.894  1.803   1.00 12.24 ? 62  VAL A N   1 
ATOM   458 C  CA  . VAL A 1 62  ? -7.218  -8.865  0.342   1.00 12.07 ? 62  VAL A CA  1 
ATOM   459 C  C   . VAL A 1 62  ? -7.739  -7.573  -0.295  1.00 10.90 ? 62  VAL A C   1 
ATOM   460 O  O   . VAL A 1 62  ? -8.912  -7.251  -0.120  1.00 10.11 ? 62  VAL A O   1 
ATOM   461 C  CB  . VAL A 1 62  ? -7.790  -10.100 -0.355  1.00 13.07 ? 62  VAL A CB  1 
ATOM   462 C  CG1 . VAL A 1 62  ? -7.616  -9.985  -1.850  1.00 12.85 ? 62  VAL A CG1 1 
ATOM   463 C  CG2 . VAL A 1 62  ? -7.131  -11.352 0.187   1.00 13.86 ? 62  VAL A CG2 1 
ATOM   464 N  N   . ILE A 1 63  ? -6.863  -6.883  -1.037  1.00 10.85 ? 63  ILE A N   1 
ATOM   465 C  CA  . ILE A 1 63  ? -7.275  -5.721  -1.866  1.00 11.37 ? 63  ILE A CA  1 
ATOM   466 C  C   . ILE A 1 63  ? -7.621  -6.241  -3.263  1.00 11.50 ? 63  ILE A C   1 
ATOM   467 O  O   . ILE A 1 63  ? -6.757  -6.861  -3.911  1.00 11.49 ? 63  ILE A O   1 
ATOM   468 C  CB  . ILE A 1 63  ? -6.209  -4.608  -1.908  1.00 11.64 ? 63  ILE A CB  1 
ATOM   469 C  CG1 . ILE A 1 63  ? -6.734  -3.417  -2.704  1.00 11.17 ? 63  ILE A CG1 1 
ATOM   470 C  CG2 . ILE A 1 63  ? -4.871  -5.093  -2.451  1.00 10.83 ? 63  ILE A CG2 1 
ATOM   471 C  CD1 . ILE A 1 63  ? -8.035  -2.856  -2.172  1.00 12.93 ? 63  ILE A CD1 1 
ATOM   472 N  N   . GLU A 1 64  ? -8.827  -5.925  -3.712  1.00 12.68 ? 64  GLU A N   1 
ATOM   473 C  CA  . GLU A 1 64  ? -9.342  -6.209  -5.069  1.00 13.69 ? 64  GLU A CA  1 
ATOM   474 C  C   . GLU A 1 64  ? -9.119  -4.978  -5.951  1.00 13.70 ? 64  GLU A C   1 
ATOM   475 O  O   . GLU A 1 64  ? -9.657  -3.914  -5.643  1.00 13.06 ? 64  GLU A O   1 
ATOM   476 C  CB  . GLU A 1 64  ? -10.815 -6.604  -5.004  1.00 14.45 ? 64  GLU A CB  1 
ATOM   477 C  CG  . GLU A 1 64  ? -11.042 -7.813  -4.138  1.00 16.21 ? 64  GLU A CG  1 
ATOM   478 C  CD  . GLU A 1 64  ? -12.493 -8.161  -3.849  1.00 19.61 ? 64  GLU A CD  1 
ATOM   479 O  OE1 . GLU A 1 64  ? -13.361 -7.287  -4.057  1.00 19.00 ? 64  GLU A OE1 1 
ATOM   480 O  OE2 . GLU A 1 64  ? -12.747 -9.334  -3.422  1.00 18.18 ? 64  GLU A OE2 1 
ATOM   481 N  N   . CYS A 1 65  ? -8.332  -5.148  -7.017  1.00 12.48 ? 65  CYS A N   1 
ATOM   482 C  CA  . CYS A 1 65  ? -8.018  -4.096  -7.998  1.00 12.16 ? 65  CYS A CA  1 
ATOM   483 C  C   . CYS A 1 65  ? -9.294  -3.680  -8.729  1.00 13.28 ? 65  CYS A C   1 
ATOM   484 O  O   . CYS A 1 65  ? -10.036 -4.536  -9.203  1.00 12.55 ? 65  CYS A O   1 
ATOM   485 C  CB  . CYS A 1 65  ? -7.025  -4.624  -9.026  1.00 12.35 ? 65  CYS A CB  1 
ATOM   486 S  SG  . CYS A 1 65  ? -6.658  -3.371  -10.272 1.00 12.62 ? 65  CYS A SG  1 
ATOM   487 N  N   . PRO A 1 66  ? -9.574  -2.377  -8.891  1.00 14.40 ? 66  PRO A N   1 
ATOM   488 C  CA  . PRO A 1 66  ? -10.800 -1.957  -9.574  1.00 16.00 ? 66  PRO A CA  1 
ATOM   489 C  C   . PRO A 1 66  ? -10.789 -2.161  -11.095 1.00 17.66 ? 66  PRO A C   1 
ATOM   490 O  O   . PRO A 1 66  ? -11.855 -2.140  -11.685 1.00 18.13 ? 66  PRO A O   1 
ATOM   491 C  CB  . PRO A 1 66  ? -10.865 -0.465  -9.208  1.00 16.32 ? 66  PRO A CB  1 
ATOM   492 C  CG  . PRO A 1 66  ? -9.437  -0.041  -9.061  1.00 15.69 ? 66  PRO A CG  1 
ATOM   493 C  CD  . PRO A 1 66  ? -8.767  -1.239  -8.425  1.00 14.83 ? 66  PRO A CD  1 
ATOM   494 N  N   . PHE A 1 67  ? -9.636  -2.365  -11.736 1.00 17.69 ? 67  PHE A N   1 
ATOM   495 C  CA  A PHE A 1 67  ? -9.585  -2.373  -13.217 0.54 19.46 ? 67  PHE A CA  1 
ATOM   496 C  CA  B PHE A 1 67  ? -9.543  -2.387  -13.225 0.46 18.40 ? 67  PHE A CA  1 
ATOM   497 C  C   . PHE A 1 67  ? -9.965  -3.772  -13.733 1.00 19.25 ? 67  PHE A C   1 
ATOM   498 O  O   . PHE A 1 67  ? -10.996 -3.848  -14.492 1.00 20.04 ? 67  PHE A O   1 
ATOM   499 C  CB  A PHE A 1 67  ? -8.257  -1.809  -13.721 0.54 20.22 ? 67  PHE A CB  1 
ATOM   500 C  CB  B PHE A 1 67  ? -8.143  -2.035  -13.744 0.46 17.96 ? 67  PHE A CB  1 
ATOM   501 C  CG  A PHE A 1 67  ? -8.389  -1.220  -15.098 0.54 22.39 ? 67  PHE A CG  1 
ATOM   502 C  CG  B PHE A 1 67  ? -7.875  -0.570  -13.986 0.46 17.86 ? 67  PHE A CG  1 
ATOM   503 C  CD1 A PHE A 1 67  ? -9.283  -0.181  -15.341 0.54 22.75 ? 67  PHE A CD1 1 
ATOM   504 C  CD1 B PHE A 1 67  ? -8.684  0.412   -13.435 0.46 18.07 ? 67  PHE A CD1 1 
ATOM   505 C  CD2 A PHE A 1 67  ? -7.684  -1.752  -16.166 0.54 22.66 ? 67  PHE A CD2 1 
ATOM   506 C  CD2 B PHE A 1 67  ? -6.765  -0.168  -14.719 0.46 17.74 ? 67  PHE A CD2 1 
ATOM   507 C  CE1 A PHE A 1 67  ? -9.437  0.329   -16.622 0.54 23.78 ? 67  PHE A CE1 1 
ATOM   508 C  CE1 B PHE A 1 67  ? -8.403  1.756   -13.630 0.46 17.29 ? 67  PHE A CE1 1 
ATOM   509 C  CE2 A PHE A 1 67  ? -7.840  -1.241  -17.447 0.54 22.85 ? 67  PHE A CE2 1 
ATOM   510 C  CE2 B PHE A 1 67  ? -6.488  1.180   -14.914 0.46 16.85 ? 67  PHE A CE2 1 
ATOM   511 C  CZ  A PHE A 1 67  ? -8.710  -0.198  -17.671 0.54 23.28 ? 67  PHE A CZ  1 
ATOM   512 C  CZ  B PHE A 1 67  ? -7.314  2.136   -14.376 0.46 17.50 ? 67  PHE A CZ  1 
ATOM   513 N  N   . HIS A 1 68  ? -9.247  -4.825  -13.327 1.00 17.69 ? 68  HIS A N   1 
ATOM   514 C  CA  . HIS A 1 68  ? -9.472  -6.208  -13.829 1.00 17.65 ? 68  HIS A CA  1 
ATOM   515 C  C   . HIS A 1 68  ? -9.818  -7.194  -12.717 1.00 17.46 ? 68  HIS A C   1 
ATOM   516 O  O   . HIS A 1 68  ? -9.877  -8.383  -13.023 1.00 17.28 ? 68  HIS A O   1 
ATOM   517 C  CB  . HIS A 1 68  ? -8.272  -6.793  -14.584 1.00 19.38 ? 68  HIS A CB  1 
ATOM   518 C  CG  . HIS A 1 68  ? -7.782  -5.916  -15.677 1.00 20.70 ? 68  HIS A CG  1 
ATOM   519 N  ND1 . HIS A 1 68  ? -6.541  -5.326  -15.627 1.00 18.61 ? 68  HIS A ND1 1 
ATOM   520 C  CD2 . HIS A 1 68  ? -8.370  -5.501  -16.822 1.00 19.39 ? 68  HIS A CD2 1 
ATOM   521 C  CE1 . HIS A 1 68  ? -6.375  -4.586  -16.714 1.00 20.04 ? 68  HIS A CE1 1 
ATOM   522 N  NE2 . HIS A 1 68  ? -7.486  -4.685  -17.465 1.00 18.57 ? 68  HIS A NE2 1 
ATOM   523 N  N   . GLY A 1 69  ? -10.022 -6.741  -11.485 1.00 16.44 ? 69  GLY A N   1 
ATOM   524 C  CA  . GLY A 1 69  ? -10.393 -7.672  -10.402 1.00 16.80 ? 69  GLY A CA  1 
ATOM   525 C  C   . GLY A 1 69  ? -9.283  -8.654  -10.039 1.00 15.17 ? 69  GLY A C   1 
ATOM   526 O  O   . GLY A 1 69  ? -9.577  -9.650  -9.354  1.00 15.98 ? 69  GLY A O   1 
ATOM   527 N  N   . GLY A 1 70  ? -8.030  -8.384  -10.415 1.00 13.31 ? 70  GLY A N   1 
ATOM   528 C  CA  . GLY A 1 70  ? -6.884  -9.019  -9.743  1.00 12.45 ? 70  GLY A CA  1 
ATOM   529 C  C   . GLY A 1 70  ? -6.903  -8.647  -8.270  1.00 11.54 ? 70  GLY A C   1 
ATOM   530 O  O   . GLY A 1 70  ? -7.737  -7.806  -7.863  1.00 10.69 ? 70  GLY A O   1 
ATOM   531 N  N   . ALA A 1 71  ? -6.065  -9.254  -7.459  1.00 11.63 ? 71  ALA A N   1 
ATOM   532 C  CA  . ALA A 1 71  ? -6.071  -8.964  -6.015  1.00 11.07 ? 71  ALA A CA  1 
ATOM   533 C  C   . ALA A 1 71  ? -4.725  -9.325  -5.399  1.00 10.76 ? 71  ALA A C   1 
ATOM   534 O  O   . ALA A 1 71  ? -3.964  -10.101 -6.022  1.00 10.54 ? 71  ALA A O   1 
ATOM   535 C  CB  . ALA A 1 71  ? -7.209  -9.681  -5.332  1.00 11.13 ? 71  ALA A CB  1 
ATOM   536 N  N   . PHE A 1 72  ? -4.444  -8.721  -4.247  1.00 10.32 ? 72  PHE A N   1 
ATOM   537 C  CA  . PHE A 1 72  ? -3.196  -8.915  -3.482  1.00 10.58 ? 72  PHE A CA  1 
ATOM   538 C  C   . PHE A 1 72  ? -3.541  -9.061  -2.019  1.00 11.20 ? 72  PHE A C   1 
ATOM   539 O  O   . PHE A 1 72  ? -4.481  -8.383  -1.565  1.00 11.85 ? 72  PHE A O   1 
ATOM   540 C  CB  . PHE A 1 72  ? -2.253  -7.723  -3.618  1.00 9.90  ? 72  PHE A CB  1 
ATOM   541 C  CG  . PHE A 1 72  ? -1.821  -7.463  -5.032  1.00 9.87  ? 72  PHE A CG  1 
ATOM   542 C  CD1 . PHE A 1 72  ? -0.678  -8.070  -5.548  1.00 10.65 ? 72  PHE A CD1 1 
ATOM   543 C  CD2 . PHE A 1 72  ? -2.552  -6.609  -5.842  1.00 9.57  ? 72  PHE A CD2 1 
ATOM   544 C  CE1 . PHE A 1 72  ? -0.273  -7.792  -6.844  1.00 10.08 ? 72  PHE A CE1 1 
ATOM   545 C  CE2 . PHE A 1 72  ? -2.158  -6.356  -7.139  1.00 9.90  ? 72  PHE A CE2 1 
ATOM   546 C  CZ  . PHE A 1 72  ? -1.017  -6.951  -7.638  1.00 10.33 ? 72  PHE A CZ  1 
ATOM   547 N  N   . ASN A 1 73  ? -2.770  -9.867  -1.295  1.00 11.13 ? 73  ASN A N   1 
ATOM   548 C  CA  . ASN A 1 73  ? -2.814  -9.865  0.189   1.00 12.38 ? 73  ASN A CA  1 
ATOM   549 C  C   . ASN A 1 73  ? -2.122  -8.573  0.643   1.00 12.26 ? 73  ASN A C   1 
ATOM   550 O  O   . ASN A 1 73  ? -0.978  -8.379  0.233   1.00 12.39 ? 73  ASN A O   1 
ATOM   551 C  CB  . ASN A 1 73  ? -2.142  -11.102 0.763   1.00 14.20 ? 73  ASN A CB  1 
ATOM   552 C  CG  . ASN A 1 73  ? -2.312  -11.158 2.268   1.00 16.72 ? 73  ASN A CG  1 
ATOM   553 O  OD1 . ASN A 1 73  ? -1.687  -10.398 2.992   1.00 20.44 ? 73  ASN A OD1 1 
ATOM   554 N  ND2 . ASN A 1 73  ? -3.120  -12.083 2.745   1.00 19.74 ? 73  ASN A ND2 1 
ATOM   555 N  N   . VAL A 1 74  ? -2.771  -7.702  1.423   1.00 11.50 ? 74  VAL A N   1 
ATOM   556 C  CA  . VAL A 1 74  ? -2.180  -6.388  1.822   1.00 12.32 ? 74  VAL A CA  1 
ATOM   557 C  C   . VAL A 1 74  ? -1.033  -6.544  2.837   1.00 12.51 ? 74  VAL A C   1 
ATOM   558 O  O   . VAL A 1 74  ? -0.183  -5.620  2.952   1.00 12.28 ? 74  VAL A O   1 
ATOM   559 C  CB  . VAL A 1 74  ? -3.255  -5.401  2.316   1.00 13.04 ? 74  VAL A CB  1 
ATOM   560 C  CG1 . VAL A 1 74  ? -4.307  -5.119  1.242   1.00 12.29 ? 74  VAL A CG1 1 
ATOM   561 C  CG2 . VAL A 1 74  ? -3.913  -5.858  3.593   1.00 13.29 ? 74  VAL A CG2 1 
ATOM   562 N  N   . CYS A 1 75  ? -1.005  -7.658  3.567   1.00 12.92 ? 75  CYS A N   1 
ATOM   563 C  CA  . CYS A 1 75  ? 0.015   -7.983  4.600   1.00 14.40 ? 75  CYS A CA  1 
ATOM   564 C  C   . CYS A 1 75  ? 1.318   -8.429  3.932   1.00 13.69 ? 75  CYS A C   1 
ATOM   565 O  O   . CYS A 1 75  ? 2.417   -8.063  4.411   1.00 15.99 ? 75  CYS A O   1 
ATOM   566 C  CB  . CYS A 1 75  ? -0.506  -9.115  5.481   1.00 15.10 ? 75  CYS A CB  1 
ATOM   567 S  SG  . CYS A 1 75  ? -2.079  -8.759  6.300   1.00 19.51 ? 75  CYS A SG  1 
ATOM   568 N  N   . THR A 1 76  ? 1.224   -9.245  2.885   1.00 12.00 ? 76  THR A N   1 
ATOM   569 C  CA  . THR A 1 76  ? 2.407   -9.866  2.225   1.00 12.23 ? 76  THR A CA  1 
ATOM   570 C  C   . THR A 1 76  ? 2.777   -9.182  0.906   1.00 11.80 ? 76  THR A C   1 
ATOM   571 O  O   . THR A 1 76  ? 3.917   -9.400  0.448   1.00 12.73 ? 76  THR A O   1 
ATOM   572 C  CB  . THR A 1 76  ? 2.167   -11.357 1.976   1.00 11.80 ? 76  THR A CB  1 
ATOM   573 O  OG1 . THR A 1 76  ? 1.124   -11.503 1.020   1.00 10.79 ? 76  THR A OG1 1 
ATOM   574 C  CG2 . THR A 1 76  ? 1.845   -12.113 3.249   1.00 11.61 ? 76  THR A CG2 1 
ATOM   575 N  N   . GLY A 1 77  ? 1.808   -8.491  0.286   1.00 10.96 ? 77  GLY A N   1 
ATOM   576 C  CA  . GLY A 1 77  ? 1.918   -7.937  -1.064  1.00 11.01 ? 77  GLY A CA  1 
ATOM   577 C  C   . GLY A 1 77  ? 1.797   -9.008  -2.127  1.00 10.98 ? 77  GLY A C   1 
ATOM   578 O  O   . GLY A 1 77  ? 1.954   -8.676  -3.286  1.00 10.54 ? 77  GLY A O   1 
ATOM   579 N  N   . MET A 1 78  ? 1.523   -10.260 -1.764  1.00 11.73 ? 78  MET A N   1 
ATOM   580 C  CA  . MET A 1 78  ? 1.597   -11.363 -2.749  1.00 13.52 ? 78  MET A CA  1 
ATOM   581 C  C   . MET A 1 78  ? 0.308   -11.390 -3.550  1.00 11.91 ? 78  MET A C   1 
ATOM   582 O  O   . MET A 1 78  ? -0.763  -11.136 -3.012  1.00 12.22 ? 78  MET A O   1 
ATOM   583 C  CB  . MET A 1 78  ? 1.837   -12.705 -2.058  1.00 14.79 ? 78  MET A CB  1 
ATOM   584 C  CG  . MET A 1 78  ? 3.184   -12.781 -1.407  1.00 16.32 ? 78  MET A CG  1 
ATOM   585 S  SD  . MET A 1 78  ? 4.554   -12.697 -2.583  1.00 19.39 ? 78  MET A SD  1 
ATOM   586 C  CE  . MET A 1 78  ? 4.283   -14.202 -3.521  1.00 21.66 ? 78  MET A CE  1 
ATOM   587 N  N   . PRO A 1 79  ? 0.345   -11.726 -4.852  1.00 12.46 ? 79  PRO A N   1 
ATOM   588 C  CA  . PRO A 1 79  ? -0.892  -11.901 -5.616  1.00 12.68 ? 79  PRO A CA  1 
ATOM   589 C  C   . PRO A 1 79  ? -1.867  -12.868 -4.932  1.00 13.89 ? 79  PRO A C   1 
ATOM   590 O  O   . PRO A 1 79  ? -1.439  -13.891 -4.427  1.00 15.52 ? 79  PRO A O   1 
ATOM   591 C  CB  . PRO A 1 79  ? -0.410  -12.470 -6.962  1.00 13.22 ? 79  PRO A CB  1 
ATOM   592 C  CG  . PRO A 1 79  ? 0.986   -12.031 -7.055  1.00 13.43 ? 79  PRO A CG  1 
ATOM   593 C  CD  . PRO A 1 79  ? 1.528   -12.089 -5.647  1.00 12.58 ? 79  PRO A CD  1 
ATOM   594 N  N   . ALA A 1 80  ? -3.159  -12.564 -4.977  1.00 13.92 ? 80  ALA A N   1 
ATOM   595 C  CA  . ALA A 1 80  ? -4.224  -13.393 -4.377  1.00 13.94 ? 80  ALA A CA  1 
ATOM   596 C  C   . ALA A 1 80  ? -5.285  -13.744 -5.420  1.00 14.55 ? 80  ALA A C   1 
ATOM   597 O  O   . ALA A 1 80  ? -6.023  -14.702 -5.200  1.00 14.68 ? 80  ALA A O   1 
ATOM   598 C  CB  . ALA A 1 80  ? -4.836  -12.705 -3.178  1.00 13.71 ? 80  ALA A CB  1 
ATOM   599 N  N   . SER A 1 81  ? -5.386  -12.993 -6.511  1.00 14.61 ? 81  SER A N   1 
ATOM   600 C  CA  . SER A 1 81  ? -6.291  -13.349 -7.617  1.00 14.84 ? 81  SER A CA  1 
ATOM   601 C  C   . SER A 1 81  ? -5.681  -12.968 -8.972  1.00 15.11 ? 81  SER A C   1 
ATOM   602 O  O   . SER A 1 81  ? -5.064  -11.920 -9.090  1.00 14.93 ? 81  SER A O   1 
ATOM   603 C  CB  . SER A 1 81  ? -7.650  -12.720 -7.363  1.00 15.95 ? 81  SER A CB  1 
ATOM   604 O  OG  . SER A 1 81  ? -8.585  -13.189 -8.315  1.00 19.54 ? 81  SER A OG  1 
ATOM   605 N  N   . SER A 1 82  ? -5.878  -13.801 -9.988  1.00 15.49 ? 82  SER A N   1 
ATOM   606 C  CA  A SER A 1 82  ? -5.526  -13.472 -11.394 0.50 15.54 ? 82  SER A CA  1 
ATOM   607 C  CA  B SER A 1 82  ? -5.517  -13.468 -11.389 0.50 15.95 ? 82  SER A CA  1 
ATOM   608 C  C   . SER A 1 82  ? -6.290  -12.216 -11.788 1.00 15.44 ? 82  SER A C   1 
ATOM   609 O  O   . SER A 1 82  ? -7.412  -11.984 -11.323 1.00 15.00 ? 82  SER A O   1 
ATOM   610 C  CB  A SER A 1 82  ? -5.868  -14.591 -12.336 0.50 16.52 ? 82  SER A CB  1 
ATOM   611 C  CB  B SER A 1 82  ? -5.784  -14.622 -12.333 0.50 17.47 ? 82  SER A CB  1 
ATOM   612 O  OG  A SER A 1 82  ? -7.273  -14.753 -12.370 0.50 15.83 ? 82  SER A OG  1 
ATOM   613 O  OG  B SER A 1 82  ? -5.019  -15.759 -11.951 0.50 17.90 ? 82  SER A OG  1 
ATOM   614 N  N   . PRO A 1 83  ? -5.749  -11.378 -12.694 1.00 15.76 ? 83  PRO A N   1 
ATOM   615 C  CA  . PRO A 1 83  ? -4.530  -11.687 -13.462 1.00 15.00 ? 83  PRO A CA  1 
ATOM   616 C  C   . PRO A 1 83  ? -3.184  -11.245 -12.878 1.00 14.98 ? 83  PRO A C   1 
ATOM   617 O  O   . PRO A 1 83  ? -2.187  -11.271 -13.573 1.00 14.87 ? 83  PRO A O   1 
ATOM   618 C  CB  . PRO A 1 83  ? -4.834  -10.920 -14.755 1.00 15.58 ? 83  PRO A CB  1 
ATOM   619 C  CG  . PRO A 1 83  ? -5.549  -9.694  -14.286 1.00 15.79 ? 83  PRO A CG  1 
ATOM   620 C  CD  . PRO A 1 83  ? -6.426  -10.149 -13.139 1.00 16.33 ? 83  PRO A CD  1 
ATOM   621 N  N   . CYS A 1 84  ? -3.163  -10.883 -11.602 1.00 14.94 ? 84  CYS A N   1 
ATOM   622 C  CA  . CYS A 1 84  ? -1.940  -10.390 -10.919 1.00 15.17 ? 84  CYS A CA  1 
ATOM   623 C  C   . CYS A 1 84  ? -0.953  -11.528 -10.660 1.00 15.18 ? 84  CYS A C   1 
ATOM   624 O  O   . CYS A 1 84  ? -1.381  -12.596 -10.197 1.00 15.48 ? 84  CYS A O   1 
ATOM   625 C  CB  . CYS A 1 84  ? -2.312  -9.713  -9.613  1.00 15.88 ? 84  CYS A CB  1 
ATOM   626 S  SG  . CYS A 1 84  ? -3.299  -8.238  -9.932  1.00 16.46 ? 84  CYS A SG  1 
ATOM   627 N  N   . THR A 1 85  ? 0.316   -11.300 -10.999 1.00 15.17 ? 85  THR A N   1 
ATOM   628 C  CA  . THR A 1 85  ? 1.427   -12.273 -10.869 1.00 14.31 ? 85  THR A CA  1 
ATOM   629 C  C   . THR A 1 85  ? 2.636   -11.631 -10.200 1.00 14.53 ? 85  THR A C   1 
ATOM   630 O  O   . THR A 1 85  ? 3.452   -12.385 -9.617  1.00 12.80 ? 85  THR A O   1 
ATOM   631 C  CB  . THR A 1 85  ? 1.798   -12.892 -12.224 1.00 16.25 ? 85  THR A CB  1 
ATOM   632 O  OG1 . THR A 1 85  ? 2.421   -11.897 -13.026 1.00 16.57 ? 85  THR A OG1 1 
ATOM   633 C  CG2 . THR A 1 85  ? 0.595   -13.478 -12.918 1.00 17.94 ? 85  THR A CG2 1 
ATOM   634 N  N   . VAL A 1 86  ? 2.801   -10.309 -10.311 1.00 13.23 ? 86  VAL A N   1 
ATOM   635 C  CA  . VAL A 1 86  ? 3.983   -9.613  -9.753  1.00 12.88 ? 86  VAL A CA  1 
ATOM   636 C  C   . VAL A 1 86  ? 3.636   -9.062  -8.372  1.00 13.66 ? 86  VAL A C   1 
ATOM   637 O  O   . VAL A 1 86  ? 2.721   -8.252  -8.265  1.00 12.26 ? 86  VAL A O   1 
ATOM   638 C  CB  . VAL A 1 86  ? 4.486   -8.493  -10.673 1.00 13.75 ? 86  VAL A CB  1 
ATOM   639 C  CG1 . VAL A 1 86  ? 5.643   -7.770  -10.010 1.00 14.18 ? 86  VAL A CG1 1 
ATOM   640 C  CG2 . VAL A 1 86  ? 4.858   -9.017  -12.051 1.00 14.69 ? 86  VAL A CG2 1 
ATOM   641 N  N   . PRO A 1 87  ? 4.327   -9.489  -7.292  1.00 12.65 ? 87  PRO A N   1 
ATOM   642 C  CA  . PRO A 1 87  ? 4.045   -8.973  -5.947  1.00 12.44 ? 87  PRO A CA  1 
ATOM   643 C  C   . PRO A 1 87  ? 4.288   -7.457  -5.800  1.00 12.34 ? 87  PRO A C   1 
ATOM   644 O  O   . PRO A 1 87  ? 5.106   -6.873  -6.523  1.00 11.35 ? 87  PRO A O   1 
ATOM   645 C  CB  . PRO A 1 87  ? 5.017   -9.725  -5.022  1.00 13.42 ? 87  PRO A CB  1 
ATOM   646 C  CG  . PRO A 1 87  ? 5.484   -10.912 -5.838  1.00 13.57 ? 87  PRO A CG  1 
ATOM   647 C  CD  . PRO A 1 87  ? 5.450   -10.442 -7.276  1.00 13.74 ? 87  PRO A CD  1 
ATOM   648 N  N   . LEU A 1 88  ? 3.494   -6.847  -4.926  1.00 11.75 ? 88  LEU A N   1 
ATOM   649 C  CA  . LEU A 1 88  ? 3.637   -5.443  -4.486  1.00 11.78 ? 88  LEU A CA  1 
ATOM   650 C  C   . LEU A 1 88  ? 4.780   -5.359  -3.482  1.00 12.18 ? 88  LEU A C   1 
ATOM   651 O  O   . LEU A 1 88  ? 4.910   -6.258  -2.639  1.00 11.64 ? 88  LEU A O   1 
ATOM   652 C  CB  . LEU A 1 88  ? 2.346   -4.935  -3.838  1.00 12.16 ? 88  LEU A CB  1 
ATOM   653 C  CG  . LEU A 1 88  ? 1.100   -4.932  -4.699  1.00 12.59 ? 88  LEU A CG  1 
ATOM   654 C  CD1 . LEU A 1 88  ? -0.159  -4.784  -3.845  1.00 13.31 ? 88  LEU A CD1 1 
ATOM   655 C  CD2 . LEU A 1 88  ? 1.187   -3.854  -5.774  1.00 13.61 ? 88  LEU A CD2 1 
ATOM   656 N  N   . GLY A 1 89  ? 5.470   -4.228  -3.520  1.00 12.74 ? 89  GLY A N   1 
ATOM   657 C  CA  . GLY A 1 89  ? 6.314   -3.749  -2.432  1.00 14.95 ? 89  GLY A CA  1 
ATOM   658 C  C   . GLY A 1 89  ? 5.473   -3.588  -1.188  1.00 16.51 ? 89  GLY A C   1 
ATOM   659 O  O   . GLY A 1 89  ? 4.344   -3.072  -1.285  1.00 14.90 ? 89  GLY A O   1 
ATOM   660 N  N   . VAL A 1 90  ? 6.003   -3.988  -0.050  1.00 16.99 ? 90  VAL A N   1 
ATOM   661 C  CA  . VAL A 1 90  ? 5.304   -3.784  1.248   1.00 16.91 ? 90  VAL A CA  1 
ATOM   662 C  C   . VAL A 1 90  ? 6.051   -2.712  2.042   1.00 16.36 ? 90  VAL A C   1 
ATOM   663 O  O   . VAL A 1 90  ? 7.323   -2.649  1.980   1.00 15.78 ? 90  VAL A O   1 
ATOM   664 C  CB  . VAL A 1 90  ? 5.137   -5.095  2.029   1.00 19.44 ? 90  VAL A CB  1 
ATOM   665 C  CG1 . VAL A 1 90  ? 4.285   -6.093  1.242   1.00 21.37 ? 90  VAL A CG1 1 
ATOM   666 C  CG2 . VAL A 1 90  ? 6.458   -5.700  2.442   1.00 21.92 ? 90  VAL A CG2 1 
ATOM   667 N  N   . PHE A 1 91  ? 5.302   -1.891  2.763   1.00 13.65 ? 91  PHE A N   1 
ATOM   668 C  CA  . PHE A 1 91  ? 5.868   -0.796  3.602   1.00 14.54 ? 91  PHE A CA  1 
ATOM   669 C  C   . PHE A 1 91  ? 5.346   -0.959  5.023   1.00 14.36 ? 91  PHE A C   1 
ATOM   670 O  O   . PHE A 1 91  ? 4.147   -1.119  5.191   1.00 13.85 ? 91  PHE A O   1 
ATOM   671 C  CB  . PHE A 1 91  ? 5.528   0.581   3.028   1.00 14.11 ? 91  PHE A CB  1 
ATOM   672 C  CG  . PHE A 1 91  ? 6.100   0.804   1.654   1.00 14.87 ? 91  PHE A CG  1 
ATOM   673 C  CD1 . PHE A 1 91  ? 5.623   0.101   0.555   1.00 15.23 ? 91  PHE A CD1 1 
ATOM   674 C  CD2 . PHE A 1 91  ? 7.193   1.640   1.466   1.00 16.60 ? 91  PHE A CD2 1 
ATOM   675 C  CE1 . PHE A 1 91  ? 6.179   0.271   -0.702  1.00 15.45 ? 91  PHE A CE1 1 
ATOM   676 C  CE2 . PHE A 1 91  ? 7.754   1.803   0.209   1.00 16.55 ? 91  PHE A CE2 1 
ATOM   677 C  CZ  . PHE A 1 91  ? 7.241   1.129   -0.877  1.00 16.97 ? 91  PHE A CZ  1 
ATOM   678 N  N   . GLU A 1 92  ? 6.229   -0.856  6.010   1.00 15.27 ? 92  GLU A N   1 
ATOM   679 C  CA  . GLU A 1 92  ? 5.864   -0.798  7.449   1.00 18.13 ? 92  GLU A CA  1 
ATOM   680 C  C   . GLU A 1 92  ? 4.920   0.380   7.750   1.00 16.39 ? 92  GLU A C   1 
ATOM   681 O  O   . GLU A 1 92  ? 5.069   1.479   7.159   1.00 14.38 ? 92  GLU A O   1 
ATOM   682 C  CB  . GLU A 1 92  ? 7.126   -0.694  8.307   1.00 23.41 ? 92  GLU A CB  1 
ATOM   683 C  CG  . GLU A 1 92  ? 6.857   -0.917  9.784   1.00 30.90 ? 92  GLU A CG  1 
ATOM   684 C  CD  . GLU A 1 92  ? 8.117   -0.970  10.653  1.00 38.24 ? 92  GLU A CD  1 
ATOM   685 O  OE1 . GLU A 1 92  ? 9.234   -1.055  10.073  1.00 47.53 ? 92  GLU A OE1 1 
ATOM   686 O  OE2 . GLU A 1 92  ? 7.984   -0.915  11.906  1.00 40.57 ? 92  GLU A OE2 1 
ATOM   687 N  N   . VAL A 1 93  ? 3.953   0.150   8.633   1.00 15.42 ? 93  VAL A N   1 
ATOM   688 C  CA  . VAL A 1 93  ? 2.980   1.170   9.118   1.00 16.28 ? 93  VAL A CA  1 
ATOM   689 C  C   . VAL A 1 93  ? 3.051   1.192   10.639  1.00 18.93 ? 93  VAL A C   1 
ATOM   690 O  O   . VAL A 1 93  ? 2.959   0.105   11.232  1.00 17.76 ? 93  VAL A O   1 
ATOM   691 C  CB  . VAL A 1 93  ? 1.537   0.905   8.665   1.00 15.52 ? 93  VAL A CB  1 
ATOM   692 C  CG1 . VAL A 1 93  ? 0.610   1.999   9.203   1.00 16.90 ? 93  VAL A CG1 1 
ATOM   693 C  CG2 . VAL A 1 93  ? 1.430   0.803   7.153   1.00 15.93 ? 93  VAL A CG2 1 
ATOM   694 N  N   . GLU A 1 94  ? 3.251   2.367   11.234  1.00 19.65 ? 94  GLU A N   1 
ATOM   695 C  CA  . GLU A 1 94  ? 3.250   2.539   12.718  1.00 19.92 ? 94  GLU A CA  1 
ATOM   696 C  C   . GLU A 1 94  ? 2.188   3.574   13.064  1.00 17.04 ? 94  GLU A C   1 
ATOM   697 O  O   . GLU A 1 94  ? 2.180   4.630   12.421  1.00 15.95 ? 94  GLU A O   1 
ATOM   698 C  CB  . GLU A 1 94  ? 4.628   2.972   13.226  1.00 23.62 ? 94  GLU A CB  1 
ATOM   699 C  CG  . GLU A 1 94  ? 5.625   1.816   13.356  1.00 29.93 ? 94  GLU A CG  1 
ATOM   700 C  CD  . GLU A 1 94  ? 7.083   2.123   13.755  1.00 36.10 ? 94  GLU A CD  1 
ATOM   701 O  OE1 . GLU A 1 94  ? 7.918   1.178   13.692  1.00 37.19 ? 94  GLU A OE1 1 
ATOM   702 O  OE2 . GLU A 1 94  ? 7.408   3.286   14.134  1.00 39.27 ? 94  GLU A OE2 1 
ATOM   703 N  N   . VAL A 1 95  ? 1.374   3.316   14.093  1.00 16.18 ? 95  VAL A N   1 
ATOM   704 C  CA  . VAL A 1 95  ? 0.511   4.355   14.720  1.00 15.73 ? 95  VAL A CA  1 
ATOM   705 C  C   . VAL A 1 95  ? 1.330   4.986   15.851  1.00 15.88 ? 95  VAL A C   1 
ATOM   706 O  O   . VAL A 1 95  ? 1.798   4.258   16.700  1.00 18.37 ? 95  VAL A O   1 
ATOM   707 C  CB  . VAL A 1 95  ? -0.820  3.790   15.220  1.00 16.59 ? 95  VAL A CB  1 
ATOM   708 C  CG1 . VAL A 1 95  ? -1.732  4.905   15.708  1.00 18.64 ? 95  VAL A CG1 1 
ATOM   709 C  CG2 . VAL A 1 95  ? -1.491  2.952   14.146  1.00 17.19 ? 95  VAL A CG2 1 
ATOM   710 N  N   . LYS A 1 96  ? 1.581   6.283   15.759  1.00 17.19 ? 96  LYS A N   1 
ATOM   711 C  CA  . LYS A 1 96  ? 2.394   7.043   16.737  1.00 19.54 ? 96  LYS A CA  1 
ATOM   712 C  C   . LYS A 1 96  ? 1.529   8.193   17.260  1.00 17.75 ? 96  LYS A C   1 
ATOM   713 O  O   . LYS A 1 96  ? 1.058   9.041   16.452  1.00 17.18 ? 96  LYS A O   1 
ATOM   714 C  CB  . LYS A 1 96  ? 3.694   7.535   16.091  1.00 20.24 ? 96  LYS A CB  1 
ATOM   715 C  CG  . LYS A 1 96  ? 4.561   6.541   15.324  1.00 22.66 ? 96  LYS A CG  1 
ATOM   716 C  CD  . LYS A 1 96  ? 5.564   7.270   14.392  1.00 23.88 ? 96  LYS A CD  1 
ATOM   717 C  CE  . LYS A 1 96  ? 6.150   6.504   13.209  1.00 23.25 ? 96  LYS A CE  1 
ATOM   718 N  NZ  . LYS A 1 96  ? 7.338   5.692   13.537  1.00 21.88 ? 96  LYS A NZ  1 
ATOM   719 N  N   . GLU A 1 97  ? 1.252   8.205   18.568  1.00 18.96 ? 97  GLU A N   1 
ATOM   720 C  CA  . GLU A 1 97  ? 0.365   9.204   19.221  1.00 20.11 ? 97  GLU A CA  1 
ATOM   721 C  C   . GLU A 1 97  ? -0.965  9.270   18.452  1.00 18.10 ? 97  GLU A C   1 
ATOM   722 O  O   . GLU A 1 97  ? -1.450  10.391  18.240  1.00 20.83 ? 97  GLU A O   1 
ATOM   723 C  CB  . GLU A 1 97  ? 0.960   10.619  19.201  1.00 23.73 ? 97  GLU A CB  1 
ATOM   724 C  CG  . GLU A 1 97  ? 2.370   10.750  19.745  1.00 25.76 ? 97  GLU A CG  1 
ATOM   725 C  CD  . GLU A 1 97  ? 2.468   10.715  21.269  1.00 25.19 ? 97  GLU A CD  1 
ATOM   726 O  OE1 . GLU A 1 97  ? 1.443   10.600  21.948  1.00 28.94 ? 97  GLU A OE1 1 
ATOM   727 O  OE2 . GLU A 1 97  ? 3.574   10.730  21.760  1.00 25.44 ? 97  GLU A OE2 1 
ATOM   728 N  N   . GLY A 1 98  ? -1.523  8.126   18.039  1.00 17.31 ? 98  GLY A N   1 
ATOM   729 C  CA  . GLY A 1 98  ? -2.865  8.044   17.417  1.00 16.89 ? 98  GLY A CA  1 
ATOM   730 C  C   . GLY A 1 98  ? -2.880  8.499   15.961  1.00 16.54 ? 98  GLY A C   1 
ATOM   731 O  O   . GLY A 1 98  ? -3.993  8.639   15.344  1.00 16.31 ? 98  GLY A O   1 
ATOM   732 N  N   . GLU A 1 99  ? -1.694  8.677   15.395  1.00 15.85 ? 99  GLU A N   1 
ATOM   733 C  CA  . GLU A 1 99  ? -1.547  9.075   13.985  1.00 16.48 ? 99  GLU A CA  1 
ATOM   734 C  C   . GLU A 1 99  ? -0.860  7.956   13.216  1.00 14.20 ? 99  GLU A C   1 
ATOM   735 O  O   . GLU A 1 99  ? 0.134   7.423   13.704  1.00 13.08 ? 99  GLU A O   1 
ATOM   736 C  CB  . GLU A 1 99  ? -0.812  10.412  13.941  1.00 20.80 ? 99  GLU A CB  1 
ATOM   737 C  CG  . GLU A 1 99  ? -1.759  11.543  14.337  1.00 27.75 ? 99  GLU A CG  1 
ATOM   738 C  CD  . GLU A 1 99  ? -1.649  12.813  13.515  1.00 34.14 ? 99  GLU A CD  1 
ATOM   739 O  OE1 . GLU A 1 99  ? -0.911  13.712  13.952  1.00 36.71 ? 99  GLU A OE1 1 
ATOM   740 O  OE2 . GLU A 1 99  ? -2.338  12.906  12.466  1.00 47.81 ? 99  GLU A OE2 1 
ATOM   741 N  N   . VAL A 1 100 ? -1.363  7.701   12.012  1.00 13.91 ? 100 VAL A N   1 
ATOM   742 C  CA  . VAL A 1 100 ? -0.844  6.621   11.123  1.00 14.02 ? 100 VAL A CA  1 
ATOM   743 C  C   . VAL A 1 100 ? 0.343   7.174   10.325  1.00 13.30 ? 100 VAL A C   1 
ATOM   744 O  O   . VAL A 1 100 ? 0.206   8.253   9.686   1.00 13.12 ? 100 VAL A O   1 
ATOM   745 C  CB  . VAL A 1 100 ? -1.952  6.132   10.175  1.00 14.13 ? 100 VAL A CB  1 
ATOM   746 C  CG1 . VAL A 1 100 ? -1.388  5.079   9.239   1.00 14.42 ? 100 VAL A CG1 1 
ATOM   747 C  CG2 . VAL A 1 100 ? -3.140  5.616   10.985  1.00 14.44 ? 100 VAL A CG2 1 
ATOM   748 N  N   . TYR A 1 101 ? 1.458   6.478   10.386  1.00 13.65 ? 101 TYR A N   1 
ATOM   749 C  CA  . TYR A 1 101 ? 2.659   6.769   9.580   1.00 14.39 ? 101 TYR A CA  1 
ATOM   750 C  C   . TYR A 1 101 ? 3.017   5.556   8.751   1.00 15.25 ? 101 TYR A C   1 
ATOM   751 O  O   . TYR A 1 101 ? 3.052   4.423   9.274   1.00 13.64 ? 101 TYR A O   1 
ATOM   752 C  CB  . TYR A 1 101 ? 3.847   7.117   10.474  1.00 14.94 ? 101 TYR A CB  1 
ATOM   753 C  CG  . TYR A 1 101 ? 3.684   8.407   11.222  1.00 16.28 ? 101 TYR A CG  1 
ATOM   754 C  CD1 . TYR A 1 101 ? 2.880   8.460   12.350  1.00 17.88 ? 101 TYR A CD1 1 
ATOM   755 C  CD2 . TYR A 1 101 ? 4.383   9.547   10.870  1.00 16.76 ? 101 TYR A CD2 1 
ATOM   756 C  CE1 . TYR A 1 101 ? 2.713   9.635   13.067  1.00 17.08 ? 101 TYR A CE1 1 
ATOM   757 C  CE2 . TYR A 1 101 ? 4.231   10.737  11.578  1.00 18.57 ? 101 TYR A CE2 1 
ATOM   758 C  CZ  . TYR A 1 101 ? 3.401   10.774  12.701  1.00 20.01 ? 101 TYR A CZ  1 
ATOM   759 O  OH  . TYR A 1 101 ? 3.237   11.905  13.464  1.00 20.06 ? 101 TYR A OH  1 
ATOM   760 N  N   . VAL A 1 102 ? 3.372   5.810   7.499   1.00 13.92 ? 102 VAL A N   1 
ATOM   761 C  CA  . VAL A 1 102 ? 3.914   4.744   6.627   1.00 13.84 ? 102 VAL A CA  1 
ATOM   762 C  C   . VAL A 1 102 ? 5.393   5.012   6.358   1.00 14.33 ? 102 VAL A C   1 
ATOM   763 O  O   . VAL A 1 102 ? 5.764   6.145   6.102   1.00 13.56 ? 102 VAL A O   1 
ATOM   764 C  CB  . VAL A 1 102 ? 3.047   4.558   5.361   1.00 13.35 ? 102 VAL A CB  1 
ATOM   765 C  CG1 . VAL A 1 102 ? 2.957   5.788   4.475   1.00 14.63 ? 102 VAL A CG1 1 
ATOM   766 C  CG2 . VAL A 1 102 ? 3.552   3.379   4.564   1.00 13.76 ? 102 VAL A CG2 1 
ATOM   767 N  N   . ALA A 1 103 ? 6.209   3.975   6.432   1.00 16.01 ? 103 ALA A N   1 
ATOM   768 C  CA  . ALA A 1 103 ? 7.644   4.064   6.132   1.00 19.08 ? 103 ALA A CA  1 
ATOM   769 C  C   . ALA A 1 103 ? 7.788   4.553   4.690   1.00 23.71 ? 103 ALA A C   1 
ATOM   770 O  O   . ALA A 1 103 ? 6.906   4.227   3.813   1.00 24.60 ? 103 ALA A O   1 
ATOM   771 C  CB  . ALA A 1 103 ? 8.321   2.757   6.373   1.00 21.20 ? 103 ALA A CB  1 
ATOM   772 N  N   . GLY A 1 104 ? 8.763   5.429   4.483   1.00 23.58 ? 104 GLY A N   1 
ATOM   773 C  CA  . GLY A 1 104 ? 9.053   6.031   3.178   1.00 29.58 ? 104 GLY A CA  1 
ATOM   774 C  C   . GLY A 1 104 ? 9.908   5.075   2.393   1.00 33.80 ? 104 GLY A C   1 
ATOM   775 O  O   . GLY A 1 104 ? 10.124  5.391   1.211   1.00 43.89 ? 104 GLY A O   1 
ATOM   776 N  N   . GLU A 1 105 ? 10.353  3.989   3.064   1.00 38.23 ? 105 GLU A N   1 
ATOM   777 C  CA  A GLU A 1 105 ? 11.225  2.899   2.526   0.50 44.04 ? 105 GLU A CA  1 
ATOM   778 C  CA  B GLU A 1 105 ? 11.300  2.936   2.587   0.50 42.42 ? 105 GLU A CA  1 
ATOM   779 C  C   . GLU A 1 105 ? 11.986  3.440   1.302   1.00 50.43 ? 105 GLU A C   1 
ATOM   780 O  O   . GLU A 1 105 ? 12.152  2.665   0.315   1.00 58.84 ? 105 GLU A O   1 
ATOM   781 C  CB  A GLU A 1 105 ? 10.400  1.610   2.316   0.50 41.91 ? 105 GLU A CB  1 
ATOM   782 C  CB  B GLU A 1 105 ? 10.591  1.571   2.575   0.50 38.22 ? 105 GLU A CB  1 
ATOM   783 C  CG  A GLU A 1 105 ? 10.838  0.694   1.164   0.50 38.42 ? 105 GLU A CG  1 
ATOM   784 C  CG  B GLU A 1 105 ? 9.876   1.284   3.894   0.50 32.77 ? 105 GLU A CG  1 
ATOM   785 C  CD  A GLU A 1 105 ? 10.167  -0.671  1.061   0.50 38.82 ? 105 GLU A CD  1 
ATOM   786 C  CD  B GLU A 1 105 ? 9.609   -0.154  4.322   0.50 32.71 ? 105 GLU A CD  1 
ATOM   787 O  OE1 A GLU A 1 105 ? 9.783   -1.073  -0.058  0.50 33.88 ? 105 GLU A OE1 1 
ATOM   788 O  OE1 B GLU A 1 105 ? 10.134  -1.081  3.658   0.50 38.18 ? 105 GLU A OE1 1 
ATOM   789 O  OE2 A GLU A 1 105 ? 10.063  -1.356  2.091   0.50 40.32 ? 105 GLU A OE2 1 
ATOM   790 O  OE2 B GLU A 1 105 ? 8.892   -0.350  5.344   0.50 21.55 ? 105 GLU A OE2 1 
ATOM   791 N  N   . LYS A 1 106 ? 12.427  4.705   1.379   1.00 54.80 ? 106 LYS A N   1 
ATOM   792 C  CA  . LYS A 1 106 ? 13.256  5.427   0.384   1.00 59.04 ? 106 LYS A CA  1 
ATOM   793 C  C   . LYS A 1 106 ? 14.655  5.503   0.994   1.00 69.22 ? 106 LYS A C   1 
ATOM   794 O  O   . LYS A 1 106 ? 14.850  4.887   2.070   1.00 72.12 ? 106 LYS A O   1 
ATOM   795 C  CB  . LYS A 1 106 ? 12.684  6.818   0.089   1.00 58.19 ? 106 LYS A CB  1 
ATOM   796 N  N   . LYS A 1 107 ? 15.574  6.231   0.355   1.00 78.88 ? 107 LYS A N   1 
ATOM   797 C  CA  . LYS A 1 107 ? 17.034  6.153   0.637   1.00 84.70 ? 107 LYS A CA  1 
ATOM   798 C  C   . LYS A 1 107 ? 17.578  4.841   0.055   1.00 82.32 ? 107 LYS A C   1 
ATOM   799 O  O   . LYS A 1 107 ? 18.660  4.406   0.501   1.00 94.23 ? 107 LYS A O   1 
ATOM   800 C  CB  . LYS A 1 107 ? 17.316  6.275   2.142   1.00 88.10 ? 107 LYS A CB  1 
ATOM   801 N  N   . LEU A 1 108 ? 16.846  4.231   -0.890  1.00 79.63 ? 108 LEU A N   1 
ATOM   802 C  CA  . LEU A 1 108 ? 17.385  3.223   -1.842  1.00 75.12 ? 108 LEU A CA  1 
ATOM   803 C  C   . LEU A 1 108 ? 18.407  3.957   -2.724  1.00 70.90 ? 108 LEU A C   1 
ATOM   804 O  O   . LEU A 1 108 ? 17.990  4.866   -3.482  1.00 66.53 ? 108 LEU A O   1 
ATOM   805 C  CB  . LEU A 1 108 ? 16.243  2.616   -2.667  1.00 70.20 ? 108 LEU A CB  1 
ATOM   806 N  N   . GLU A 1 109 ? 19.691  3.614   -2.578  1.00 59.58 ? 109 GLU A N   1 
ATOM   807 C  CA  . GLU A 1 109 ? 20.849  4.377   -3.121  1.00 51.20 ? 109 GLU A CA  1 
ATOM   808 C  C   . GLU A 1 109 ? 21.880  3.394   -3.703  1.00 46.68 ? 109 GLU A C   1 
ATOM   809 O  O   . GLU A 1 109 ? 22.169  2.370   -3.041  1.00 31.09 ? 109 GLU A O   1 
ATOM   810 C  CB  . GLU A 1 109 ? 21.407  5.238   -1.993  1.00 51.46 ? 109 GLU A CB  1 
ATOM   811 C  CG  . GLU A 1 109 ? 22.721  5.893   -2.322  1.00 50.97 ? 109 GLU A CG  1 
ATOM   812 C  CD  . GLU A 1 109 ? 23.357  6.549   -1.115  1.00 58.21 ? 109 GLU A CD  1 
ATOM   813 O  OE1 . GLU A 1 109 ? 23.092  6.101   0.041   1.00 59.25 ? 109 GLU A OE1 1 
ATOM   814 O  OE2 . GLU A 1 109 ? 24.101  7.518   -1.330  1.00 62.51 ? 109 GLU A OE2 1 
ATOM   815 N  N   . HIS A 1 110 ? 22.384  3.642   -4.920  1.00 46.32 ? 110 HIS A N   1 
ATOM   816 C  CA  . HIS A 1 110 ? 23.240  2.665   -5.654  1.00 52.63 ? 110 HIS A CA  1 
ATOM   817 C  C   . HIS A 1 110 ? 24.076  3.389   -6.709  1.00 43.78 ? 110 HIS A C   1 
ATOM   818 O  O   . HIS A 1 110 ? 23.490  4.120   -7.507  1.00 42.50 ? 110 HIS A O   1 
ATOM   819 C  CB  . HIS A 1 110 ? 22.378  1.548   -6.266  1.00 62.24 ? 110 HIS A CB  1 
ATOM   820 C  CG  . HIS A 1 110 ? 23.101  0.255   -6.465  1.00 76.44 ? 110 HIS A CG  1 
ATOM   821 N  ND1 . HIS A 1 110 ? 22.589  -0.758  -7.258  1.00 83.40 ? 110 HIS A ND1 1 
ATOM   822 C  CD2 . HIS A 1 110 ? 24.281  -0.201  -5.982  1.00 82.62 ? 110 HIS A CD2 1 
ATOM   823 C  CE1 . HIS A 1 110 ? 23.414  -1.784  -7.245  1.00 87.39 ? 110 HIS A CE1 1 
ATOM   824 N  NE2 . HIS A 1 110 ? 24.462  -1.468  -6.471  1.00 88.44 ? 110 HIS A NE2 1 
ATOM   825 N  N   . HIS A 1 111 ? 25.391  3.164   -6.707  1.00 41.89 ? 111 HIS A N   1 
ATOM   826 C  CA  . HIS A 1 111 ? 26.373  3.860   -7.582  1.00 42.98 ? 111 HIS A CA  1 
ATOM   827 C  C   . HIS A 1 111 ? 26.472  3.168   -8.952  1.00 46.59 ? 111 HIS A C   1 
ATOM   828 O  O   . HIS A 1 111 ? 26.050  1.998   -9.070  1.00 43.15 ? 111 HIS A O   1 
ATOM   829 C  CB  . HIS A 1 111 ? 27.736  3.955   -6.876  1.00 37.34 ? 111 HIS A CB  1 
ATOM   830 C  CG  . HIS A 1 111 ? 28.398  2.637   -6.639  1.00 37.92 ? 111 HIS A CG  1 
ATOM   831 N  ND1 . HIS A 1 111 ? 27.993  1.769   -5.620  1.00 36.66 ? 111 HIS A ND1 1 
ATOM   832 C  CD2 . HIS A 1 111 ? 29.425  2.027   -7.287  1.00 36.24 ? 111 HIS A CD2 1 
ATOM   833 C  CE1 . HIS A 1 111 ? 28.761  0.693   -5.642  1.00 36.34 ? 111 HIS A CE1 1 
ATOM   834 N  NE2 . HIS A 1 111 ? 29.668  0.831   -6.647  1.00 32.72 ? 111 HIS A NE2 1 
ATOM   835 N  N   . HIS A 1 112 ? 27.011  3.902   -9.933  1.00 55.93 ? 112 HIS A N   1 
ATOM   836 C  CA  . HIS A 1 112 ? 27.485  3.423   -11.265 1.00 62.66 ? 112 HIS A CA  1 
ATOM   837 C  C   . HIS A 1 112 ? 28.641  2.421   -11.104 1.00 63.65 ? 112 HIS A C   1 
ATOM   838 O  O   . HIS A 1 112 ? 29.726  2.828   -10.596 1.00 55.06 ? 112 HIS A O   1 
ATOM   839 C  CB  . HIS A 1 112 ? 27.922  4.613   -12.142 1.00 70.14 ? 112 HIS A CB  1 
ATOM   840 C  CG  . HIS A 1 112 ? 29.039  5.436   -11.571 1.00 80.91 ? 112 HIS A CG  1 
ATOM   841 N  ND1 . HIS A 1 112 ? 29.005  5.967   -10.283 1.00 83.94 ? 112 HIS A ND1 1 
ATOM   842 C  CD2 . HIS A 1 112 ? 30.217  5.833   -12.105 1.00 85.31 ? 112 HIS A CD2 1 
ATOM   843 C  CE1 . HIS A 1 112 ? 30.114  6.642   -10.054 1.00 84.81 ? 112 HIS A CE1 1 
ATOM   844 N  NE2 . HIS A 1 112 ? 30.876  6.573   -11.154 1.00 84.68 ? 112 HIS A NE2 1 
ATOM   845 N  N   . HIS A 1 113 ? 28.432  1.172   -11.543 1.00 63.44 ? 113 HIS A N   1 
ATOM   846 C  CA  . HIS A 1 113 ? 29.455  0.086   -11.584 1.00 62.40 ? 113 HIS A CA  1 
ATOM   847 C  C   . HIS A 1 113 ? 30.128  0.088   -12.963 1.00 61.38 ? 113 HIS A C   1 
ATOM   848 O  O   . HIS A 1 113 ? 29.434  0.373   -13.959 1.00 55.33 ? 113 HIS A O   1 
ATOM   849 C  CB  . HIS A 1 113 ? 28.823  -1.273  -11.224 1.00 59.02 ? 113 HIS A CB  1 
ATOM   850 C  CG  . HIS A 1 113 ? 28.198  -1.307  -9.865  1.00 55.86 ? 113 HIS A CG  1 
ATOM   851 N  ND1 . HIS A 1 113 ? 28.812  -1.907  -8.772  1.00 51.34 ? 113 HIS A ND1 1 
ATOM   852 C  CD2 . HIS A 1 113 ? 27.017  -0.822  -9.419  1.00 54.27 ? 113 HIS A CD2 1 
ATOM   853 C  CE1 . HIS A 1 113 ? 28.027  -1.787  -7.713  1.00 53.77 ? 113 HIS A CE1 1 
ATOM   854 N  NE2 . HIS A 1 113 ? 26.924  -1.122  -8.085  1.00 57.43 ? 113 HIS A NE2 1 
ATOM   855 N  N   . HIS A 1 114 ? 31.434  -0.198  -13.013 1.00 65.43 ? 114 HIS A N   1 
ATOM   856 C  CA  . HIS A 1 114 ? 32.270  -0.139  -14.243 1.00 68.66 ? 114 HIS A CA  1 
ATOM   857 C  C   . HIS A 1 114 ? 32.555  -1.566  -14.723 1.00 65.49 ? 114 HIS A C   1 
ATOM   858 O  O   . HIS A 1 114 ? 33.658  -2.069  -14.519 1.00 59.89 ? 114 HIS A O   1 
ATOM   859 C  CB  . HIS A 1 114 ? 33.551  0.680   -13.987 1.00 71.36 ? 114 HIS A CB  1 
ATOM   860 C  CG  . HIS A 1 114 ? 33.318  2.147   -13.817 1.00 75.29 ? 114 HIS A CG  1 
ATOM   861 N  ND1 . HIS A 1 114 ? 33.541  2.801   -12.617 1.00 73.71 ? 114 HIS A ND1 1 
ATOM   862 C  CD2 . HIS A 1 114 ? 32.881  3.089   -14.686 1.00 77.15 ? 114 HIS A CD2 1 
ATOM   863 C  CE1 . HIS A 1 114 ? 33.258  4.082   -12.758 1.00 76.52 ? 114 HIS A CE1 1 
ATOM   864 N  NE2 . HIS A 1 114 ? 32.846  4.285   -14.018 1.00 77.10 ? 114 HIS A NE2 1 
HETATM 865 FE FE1 . FES B 2 .   ? -5.189  -5.429  -13.976 1.00 13.90 ? 501 FES A FE1 1 
HETATM 866 FE FE2 . FES B 2 .   ? -5.028  -4.452  -11.495 1.00 12.17 ? 501 FES A FE2 1 
HETATM 867 S  S1  . FES B 2 .   ? -4.701  -3.314  -13.371 1.00 13.43 ? 501 FES A S1  1 
HETATM 868 S  S2  . FES B 2 .   ? -5.749  -6.467  -12.118 1.00 12.74 ? 501 FES A S2  1 
HETATM 869 NA NA  . NA  C 3 .   ? -14.729 -10.177 -2.897  1.00 12.68 ? 502 NA  A NA  1 
HETATM 870 C  C1  . EDO D 4 .   ? -13.619 -6.680  4.842   1.00 35.59 ? 503 EDO A C1  1 
HETATM 871 O  O1  . EDO D 4 .   ? -14.183 -7.911  4.423   1.00 39.57 ? 503 EDO A O1  1 
HETATM 872 C  C2  . EDO D 4 .   ? -13.980 -5.545  3.972   1.00 34.94 ? 503 EDO A C2  1 
HETATM 873 O  O2  . EDO D 4 .   ? -13.306 -4.363  4.290   1.00 35.13 ? 503 EDO A O2  1 
HETATM 874 O  O   . HOH E 5 .   ? -0.672  10.780  22.409  1.00 30.20 ? 601 HOH A O   1 
HETATM 875 O  O   . HOH E 5 .   ? -9.357  -11.954 -10.195 1.00 22.72 ? 602 HOH A O   1 
HETATM 876 O  O   . HOH E 5 .   ? -4.196  -1.233  -17.630 1.00 29.68 ? 603 HOH A O   1 
HETATM 877 O  O   . HOH E 5 .   ? 9.792   11.280  -2.559  1.00 37.37 ? 604 HOH A O   1 
HETATM 878 O  O   . HOH E 5 .   ? -13.259 6.485   13.983  1.00 37.47 ? 605 HOH A O   1 
HETATM 879 O  O   . HOH E 5 .   ? -1.062  -11.785 -15.738 1.00 30.35 ? 606 HOH A O   1 
HETATM 880 O  O   . HOH E 5 .   ? -13.436 7.478   10.881  1.00 28.12 ? 607 HOH A O   1 
HETATM 881 O  O   . HOH E 5 .   ? 1.950   -4.730  3.915   1.00 19.46 ? 608 HOH A O   1 
HETATM 882 O  O   . HOH E 5 .   ? -10.247 5.746   5.289   1.00 24.66 ? 609 HOH A O   1 
HETATM 883 O  O   . HOH E 5 .   ? -12.605 -1.084  14.834  1.00 25.37 ? 610 HOH A O   1 
HETATM 884 O  O   . HOH E 5 .   ? -11.585 -2.984  -16.847 1.00 30.58 ? 611 HOH A O   1 
HETATM 885 O  O   . HOH E 5 .   ? -13.835 -5.644  -6.011  1.00 28.87 ? 612 HOH A O   1 
HETATM 886 O  O   . HOH E 5 .   ? -3.006  10.125  2.441   1.00 31.80 ? 613 HOH A O   1 
HETATM 887 O  O   . HOH E 5 .   ? -3.802  10.849  -4.279  1.00 35.94 ? 614 HOH A O   1 
HETATM 888 O  O   . HOH E 5 .   ? -8.193  12.222  6.947   0.50 25.05 ? 615 HOH A O   1 
HETATM 889 O  O   . HOH E 5 .   ? -10.446 -12.244 1.752   1.00 28.97 ? 616 HOH A O   1 
HETATM 890 O  O   . HOH E 5 .   ? -11.469 2.586   -2.228  1.00 21.69 ? 617 HOH A O   1 
HETATM 891 O  O   . HOH E 5 .   ? 0.064   -13.883 0.823   1.00 20.38 ? 618 HOH A O   1 
HETATM 892 O  O   . HOH E 5 .   ? 2.611   -3.046  6.069   1.00 15.77 ? 619 HOH A O   1 
HETATM 893 O  O   . HOH E 5 .   ? 3.393   -1.122  -8.224  1.00 16.97 ? 620 HOH A O   1 
HETATM 894 O  O   . HOH E 5 .   ? -10.191 6.453   2.695   1.00 33.96 ? 621 HOH A O   1 
HETATM 895 O  O   . HOH E 5 .   ? 1.746   -6.242  -16.516 1.00 15.31 ? 622 HOH A O   1 
HETATM 896 O  O   . HOH E 5 .   ? 11.496  4.354   5.865   1.00 32.25 ? 623 HOH A O   1 
HETATM 897 O  O   . HOH E 5 .   ? -10.165 -10.942 -12.346 1.00 25.28 ? 624 HOH A O   1 
HETATM 898 O  O   . HOH E 5 .   ? -2.552  -14.765 -11.822 1.00 27.36 ? 625 HOH A O   1 
HETATM 899 O  O   . HOH E 5 .   ? 5.373   10.211  -8.642  1.00 35.38 ? 626 HOH A O   1 
HETATM 900 O  O   . HOH E 5 .   ? 5.595   -8.622  -1.576  1.00 14.75 ? 627 HOH A O   1 
HETATM 901 O  O   . HOH E 5 .   ? -2.412  4.296   -11.005 1.00 30.74 ? 628 HOH A O   1 
HETATM 902 O  O   . HOH E 5 .   ? 5.038   -12.432 -13.299 1.00 30.53 ? 629 HOH A O   1 
HETATM 903 O  O   . HOH E 5 .   ? 3.478   9.234   -5.286  1.00 14.66 ? 630 HOH A O   1 
HETATM 904 O  O   . HOH E 5 .   ? -9.119  5.527   -1.030  1.00 27.41 ? 631 HOH A O   1 
HETATM 905 O  O   . HOH E 5 .   ? -1.364  4.305   -8.468  1.00 15.49 ? 632 HOH A O   1 
HETATM 906 O  O   . HOH E 5 .   ? -10.829 -5.257  5.420   1.00 17.46 ? 633 HOH A O   1 
HETATM 907 O  O   . HOH E 5 .   ? 2.692   2.730   -6.631  1.00 12.95 ? 634 HOH A O   1 
HETATM 908 O  O   . HOH E 5 .   ? -10.936 -10.243 -7.088  1.00 31.19 ? 635 HOH A O   1 
HETATM 909 O  O   . HOH E 5 .   ? -11.683 -4.951  14.774  1.00 23.40 ? 636 HOH A O   1 
HETATM 910 O  O   . HOH E 5 .   ? 1.274   10.395  -6.924  1.00 19.83 ? 637 HOH A O   1 
HETATM 911 O  O   . HOH E 5 .   ? -0.938  11.884  -0.264  1.00 29.65 ? 638 HOH A O   1 
HETATM 912 O  O   . HOH E 5 .   ? -6.258  6.853   -6.316  1.00 27.61 ? 639 HOH A O   1 
HETATM 913 O  O   . HOH E 5 .   ? 6.315   -4.531  -7.259  1.00 18.99 ? 640 HOH A O   1 
HETATM 914 O  O   . HOH E 5 .   ? -7.305  3.245   -10.875 1.00 25.54 ? 641 HOH A O   1 
HETATM 915 O  O   . HOH E 5 .   ? 0.986   -8.511  -11.789 1.00 13.80 ? 642 HOH A O   1 
HETATM 916 O  O   . HOH E 5 .   ? -12.969 -1.750  1.007   1.00 23.74 ? 643 HOH A O   1 
HETATM 917 O  O   . HOH E 5 .   ? 7.728   -7.676  -6.881  1.00 30.34 ? 644 HOH A O   1 
HETATM 918 O  O   . HOH E 5 .   ? 2.410   -2.397  -14.321 1.00 30.79 ? 645 HOH A O   1 
HETATM 919 O  O   . HOH E 5 .   ? 0.764   9.022   -9.202  1.00 21.84 ? 646 HOH A O   1 
HETATM 920 O  O   . HOH E 5 .   ? 2.252   11.555  16.038  1.00 29.40 ? 647 HOH A O   1 
HETATM 921 O  O   . HOH E 5 .   ? -7.224  7.687   -0.849  1.00 29.41 ? 648 HOH A O   1 
HETATM 922 O  O   . HOH E 5 .   ? -8.429  9.752   17.745  1.00 20.55 ? 649 HOH A O   1 
HETATM 923 O  O   . HOH E 5 .   ? -11.725 -4.582  7.940   1.00 15.54 ? 650 HOH A O   1 
HETATM 924 O  O   . HOH E 5 .   ? 2.940   -15.169 -9.604  1.00 29.96 ? 651 HOH A O   1 
HETATM 925 O  O   . HOH E 5 .   ? -15.438 -9.056  -4.837  0.50 25.39 ? 652 HOH A O   1 
HETATM 926 O  O   . HOH E 5 .   ? -12.343 3.770   12.802  1.00 26.52 ? 653 HOH A O   1 
HETATM 927 O  O   . HOH E 5 .   ? -6.967  -7.317  11.182  1.00 19.26 ? 654 HOH A O   1 
HETATM 928 O  O   . HOH E 5 .   ? -3.462  -10.469 -18.184 1.00 26.77 ? 655 HOH A O   1 
HETATM 929 O  O   . HOH E 5 .   ? -12.785 -5.218  -9.643  1.00 23.47 ? 656 HOH A O   1 
HETATM 930 O  O   . HOH E 5 .   ? -8.750  -5.634  17.788  1.00 27.37 ? 657 HOH A O   1 
HETATM 931 O  O   . HOH E 5 .   ? -11.378 11.095  13.755  1.00 25.27 ? 658 HOH A O   1 
HETATM 932 O  O   . HOH E 5 .   ? -5.197  -4.342  16.769  1.00 35.75 ? 659 HOH A O   1 
HETATM 933 O  O   . HOH E 5 .   ? -5.314  -16.649 -3.165  1.00 34.35 ? 660 HOH A O   1 
HETATM 934 O  O   . HOH E 5 .   ? -12.795 5.987   6.739   1.00 26.45 ? 661 HOH A O   1 
HETATM 935 O  O   . HOH E 5 .   ? 0.492   -0.568  12.614  1.00 41.49 ? 662 HOH A O   1 
HETATM 936 O  O   . HOH E 5 .   ? 6.216   11.263  22.926  1.00 24.32 ? 663 HOH A O   1 
HETATM 937 O  O   . HOH E 5 .   ? 1.030   -15.477 -4.227  1.00 24.64 ? 664 HOH A O   1 
HETATM 938 O  O   . HOH E 5 .   ? -7.943  -6.415  13.760  1.00 18.03 ? 665 HOH A O   1 
HETATM 939 O  O   . HOH E 5 .   ? 9.941   8.298   0.721   1.00 30.56 ? 666 HOH A O   1 
HETATM 940 O  O   . HOH E 5 .   ? 3.664   14.249  -1.700  1.00 31.29 ? 667 HOH A O   1 
HETATM 941 O  O   . HOH E 5 .   ? 1.348   0.571   15.213  1.00 27.06 ? 668 HOH A O   1 
HETATM 942 O  O   . HOH E 5 .   ? -1.332  -2.367  12.812  1.00 19.68 ? 669 HOH A O   1 
HETATM 943 O  O   . HOH E 5 .   ? 2.933   -7.662  7.311   1.00 33.84 ? 670 HOH A O   1 
HETATM 944 O  O   . HOH E 5 .   ? 13.953  5.538   5.340   1.00 30.86 ? 671 HOH A O   1 
HETATM 945 O  O   . HOH E 5 .   ? 8.646   -5.341  -0.250  1.00 18.21 ? 672 HOH A O   1 
HETATM 946 O  O   . HOH E 5 .   ? 9.059   4.754   -6.268  1.00 27.34 ? 673 HOH A O   1 
HETATM 947 O  O   . HOH E 5 .   ? 18.608  9.745   11.807  1.00 30.65 ? 674 HOH A O   1 
HETATM 948 O  O   . HOH E 5 .   ? -11.584 3.236   1.035   1.00 24.90 ? 675 HOH A O   1 
HETATM 949 O  O   . HOH E 5 .   ? -8.236  -13.192 -14.762 1.00 37.54 ? 676 HOH A O   1 
HETATM 950 O  O   . HOH E 5 .   ? -10.974 2.960   -10.621 1.00 33.40 ? 677 HOH A O   1 
HETATM 951 O  O   . HOH E 5 .   ? 16.019  4.253   6.618   1.00 39.75 ? 678 HOH A O   1 
HETATM 952 O  O   . HOH E 5 .   ? -4.420  -13.651 0.468   1.00 37.27 ? 679 HOH A O   1 
HETATM 953 O  O   . HOH E 5 .   ? 4.201   -14.081 -7.181  1.00 30.47 ? 680 HOH A O   1 
HETATM 954 O  O   . HOH E 5 .   ? -15.668 -7.865  -2.127  1.00 21.53 ? 681 HOH A O   1 
HETATM 955 O  O   . HOH E 5 .   ? 2.350   -2.572  8.797   1.00 24.87 ? 682 HOH A O   1 
HETATM 956 O  O   . HOH E 5 .   ? -12.519 -3.395  -6.767  1.00 24.98 ? 683 HOH A O   1 
HETATM 957 O  O   . HOH E 5 .   ? -15.634 -7.165  -0.081  1.00 24.92 ? 684 HOH A O   1 
HETATM 958 O  O   . HOH E 5 .   ? -1.863  -13.997 -1.306  1.00 27.01 ? 685 HOH A O   1 
HETATM 959 O  O   . HOH E 5 .   ? -16.343 -8.595  2.129   1.00 33.22 ? 686 HOH A O   1 
HETATM 960 O  O   . HOH E 5 .   ? 1.014   1.356   18.046  1.00 32.16 ? 687 HOH A O   1 
HETATM 961 O  O   . HOH E 5 .   ? 8.685   -4.113  -5.349  1.00 36.34 ? 688 HOH A O   1 
HETATM 962 O  O   . HOH E 5 .   ? -6.399  -6.565  15.771  1.00 25.48 ? 689 HOH A O   1 
HETATM 963 O  O   . HOH E 5 .   ? -11.559 2.540   16.631  1.00 32.74 ? 690 HOH A O   1 
HETATM 964 O  O   . HOH E 5 .   ? -16.691 -6.220  2.555   1.00 37.51 ? 691 HOH A O   1 
HETATM 965 O  O   . HOH E 5 .   ? 33.873  7.597   -14.939 1.00 37.54 ? 692 HOH A O   1 
HETATM 966 O  O   . HOH E 5 .   ? -7.272  8.005   -4.148  1.00 39.64 ? 693 HOH A O   1 
HETATM 967 O  O   . HOH E 5 .   ? -13.127 1.580   14.063  1.00 27.15 ? 694 HOH A O   1 
HETATM 968 O  O   . HOH E 5 .   ? 6.784   3.956   17.756  1.00 32.92 ? 695 HOH A O   1 
HETATM 969 O  O   . HOH E 5 .   ? -12.931 -7.421  -7.813  1.00 35.15 ? 696 HOH A O   1 
HETATM 970 O  O   . HOH E 5 .   ? 35.824  5.704   -16.085 1.00 37.19 ? 697 HOH A O   1 
HETATM 971 O  O   . HOH E 5 .   ? -12.983 -3.526  13.140  1.00 33.52 ? 698 HOH A O   1 
HETATM 972 O  O   . HOH E 5 .   ? -11.585 -7.330  8.403   1.00 32.79 ? 699 HOH A O   1 
HETATM 973 O  O   . HOH E 5 .   ? -10.458 -6.971  14.668  1.00 25.54 ? 700 HOH A O   1 
HETATM 974 O  O   . HOH E 5 .   ? -1.251  9.965   -11.347 1.00 27.35 ? 701 HOH A O   1 
HETATM 975 O  O   . HOH E 5 .   ? 4.653   1.291   -7.825  1.00 17.21 ? 702 HOH A O   1 
HETATM 976 O  O   . HOH E 5 .   ? 9.129   4.633   -9.028  1.00 35.59 ? 703 HOH A O   1 
HETATM 977 O  O   . HOH E 5 .   ? 2.327   -15.485 1.027   1.00 39.70 ? 704 HOH A O   1 
HETATM 978 O  O   . HOH E 5 .   ? 18.249  5.461   6.772   1.00 30.10 ? 705 HOH A O   1 
HETATM 979 O  O   . HOH E 5 .   ? -15.074 5.541   5.869   1.00 39.13 ? 706 HOH A O   1 
# 
loop_
_pdbx_poly_seq_scheme.asym_id 
_pdbx_poly_seq_scheme.entity_id 
_pdbx_poly_seq_scheme.seq_id 
_pdbx_poly_seq_scheme.mon_id 
_pdbx_poly_seq_scheme.ndb_seq_num 
_pdbx_poly_seq_scheme.pdb_seq_num 
_pdbx_poly_seq_scheme.auth_seq_num 
_pdbx_poly_seq_scheme.pdb_mon_id 
_pdbx_poly_seq_scheme.auth_mon_id 
_pdbx_poly_seq_scheme.pdb_strand_id 
_pdbx_poly_seq_scheme.pdb_ins_code 
_pdbx_poly_seq_scheme.hetero 
A 1 1   MET 1   1   ?   ?   ?   A . n 
A 1 2   ASN 2   2   2   ASN ASN A . n 
A 1 3   GLN 3   3   3   GLN GLN A . n 
A 1 4   ILE 4   4   4   ILE ILE A . n 
A 1 5   TRP 5   5   5   TRP TRP A . n 
A 1 6   LEU 6   6   6   LEU LEU A . n 
A 1 7   LYS 7   7   7   LYS LYS A . n 
A 1 8   VAL 8   8   8   VAL VAL A . n 
A 1 9   CYS 9   9   9   CYS CYS A . n 
A 1 10  ALA 10  10  10  ALA ALA A . n 
A 1 11  ALA 11  11  11  ALA ALA A . n 
A 1 12  SER 12  12  12  SER SER A . n 
A 1 13  ASP 13  13  13  ASP ASP A . n 
A 1 14  MET 14  14  14  MET MET A . n 
A 1 15  GLN 15  15  15  GLN GLN A . n 
A 1 16  PRO 16  16  16  PRO PRO A . n 
A 1 17  GLY 17  17  17  GLY GLY A . n 
A 1 18  THR 18  18  18  THR THR A . n 
A 1 19  ILE 19  19  19  ILE ILE A . n 
A 1 20  ARG 20  20  20  ARG ARG A . n 
A 1 21  ARG 21  21  21  ARG ARG A . n 
A 1 22  VAL 22  22  22  VAL VAL A . n 
A 1 23  ASN 23  23  23  ASN ASN A . n 
A 1 24  ARG 24  24  24  ARG ARG A . n 
A 1 25  VAL 25  25  25  VAL VAL A . n 
A 1 26  GLY 26  26  26  GLY GLY A . n 
A 1 27  ALA 27  27  27  ALA ALA A . n 
A 1 28  ALA 28  28  28  ALA ALA A . n 
A 1 29  PRO 29  29  29  PRO PRO A . n 
A 1 30  LEU 30  30  30  LEU LEU A . n 
A 1 31  ALA 31  31  31  ALA ALA A . n 
A 1 32  VAL 32  32  32  VAL VAL A . n 
A 1 33  TYR 33  33  33  TYR TYR A . n 
A 1 34  ARG 34  34  34  ARG ARG A . n 
A 1 35  VAL 35  35  35  VAL VAL A . n 
A 1 36  GLY 36  36  36  GLY GLY A . n 
A 1 37  ASP 37  37  37  ASP ASP A . n 
A 1 38  GLN 38  38  38  GLN GLN A . n 
A 1 39  PHE 39  39  39  PHE PHE A . n 
A 1 40  TYR 40  40  40  TYR TYR A . n 
A 1 41  ALA 41  41  41  ALA ALA A . n 
A 1 42  THR 42  42  42  THR THR A . n 
A 1 43  GLU 43  43  43  GLU GLU A . n 
A 1 44  ASP 44  44  44  ASP ASP A . n 
A 1 45  THR 45  45  45  THR THR A . n 
A 1 46  CYS 46  46  46  CYS CYS A . n 
A 1 47  THR 47  47  47  THR THR A . n 
A 1 48  HIS 48  48  48  HIS HIS A . n 
A 1 49  GLY 49  49  49  GLY GLY A . n 
A 1 50  ILE 50  50  50  ILE ILE A . n 
A 1 51  ALA 51  51  51  ALA ALA A . n 
A 1 52  SER 52  52  52  SER SER A . n 
A 1 53  LEU 53  53  53  LEU LEU A . n 
A 1 54  SER 54  54  54  SER SER A . n 
A 1 55  GLU 55  55  55  GLU GLU A . n 
A 1 56  GLY 56  56  56  GLY GLY A . n 
A 1 57  THR 57  57  57  THR THR A . n 
A 1 58  LEU 58  58  58  LEU LEU A . n 
A 1 59  ASP 59  59  59  ASP ASP A . n 
A 1 60  GLY 60  60  60  GLY GLY A . n 
A 1 61  ASP 61  61  61  ASP ASP A . n 
A 1 62  VAL 62  62  62  VAL VAL A . n 
A 1 63  ILE 63  63  63  ILE ILE A . n 
A 1 64  GLU 64  64  64  GLU GLU A . n 
A 1 65  CYS 65  65  65  CYS CYS A . n 
A 1 66  PRO 66  66  66  PRO PRO A . n 
A 1 67  PHE 67  67  67  PHE PHE A . n 
A 1 68  HIS 68  68  68  HIS HIS A . n 
A 1 69  GLY 69  69  69  GLY GLY A . n 
A 1 70  GLY 70  70  70  GLY GLY A . n 
A 1 71  ALA 71  71  71  ALA ALA A . n 
A 1 72  PHE 72  72  72  PHE PHE A . n 
A 1 73  ASN 73  73  73  ASN ASN A . n 
A 1 74  VAL 74  74  74  VAL VAL A . n 
A 1 75  CYS 75  75  75  CYS CYS A . n 
A 1 76  THR 76  76  76  THR THR A . n 
A 1 77  GLY 77  77  77  GLY GLY A . n 
A 1 78  MET 78  78  78  MET MET A . n 
A 1 79  PRO 79  79  79  PRO PRO A . n 
A 1 80  ALA 80  80  80  ALA ALA A . n 
A 1 81  SER 81  81  81  SER SER A . n 
A 1 82  SER 82  82  82  SER SER A . n 
A 1 83  PRO 83  83  83  PRO PRO A . n 
A 1 84  CYS 84  84  84  CYS CYS A . n 
A 1 85  THR 85  85  85  THR THR A . n 
A 1 86  VAL 86  86  86  VAL VAL A . n 
A 1 87  PRO 87  87  87  PRO PRO A . n 
A 1 88  LEU 88  88  88  LEU LEU A . n 
A 1 89  GLY 89  89  89  GLY GLY A . n 
A 1 90  VAL 90  90  90  VAL VAL A . n 
A 1 91  PHE 91  91  91  PHE PHE A . n 
A 1 92  GLU 92  92  92  GLU GLU A . n 
A 1 93  VAL 93  93  93  VAL VAL A . n 
A 1 94  GLU 94  94  94  GLU GLU A . n 
A 1 95  VAL 95  95  95  VAL VAL A . n 
A 1 96  LYS 96  96  96  LYS LYS A . n 
A 1 97  GLU 97  97  97  GLU GLU A . n 
A 1 98  GLY 98  98  98  GLY GLY A . n 
A 1 99  GLU 99  99  99  GLU GLU A . n 
A 1 100 VAL 100 100 100 VAL VAL A . n 
A 1 101 TYR 101 101 101 TYR TYR A . n 
A 1 102 VAL 102 102 102 VAL VAL A . n 
A 1 103 ALA 103 103 103 ALA ALA A . n 
A 1 104 GLY 104 104 104 GLY GLY A . n 
A 1 105 GLU 105 105 105 GLU GLU A . n 
A 1 106 LYS 106 106 106 LYS LYS A . n 
A 1 107 LYS 107 107 107 LYS LYS A . n 
A 1 108 LEU 108 108 108 LEU LEU A . n 
A 1 109 GLU 109 109 109 GLU GLU A . n 
A 1 110 HIS 110 110 110 HIS HIS A . n 
A 1 111 HIS 111 111 111 HIS HIS A . n 
A 1 112 HIS 112 112 112 HIS HIS A . n 
A 1 113 HIS 113 113 113 HIS HIS A . n 
A 1 114 HIS 114 114 114 HIS HIS A . n 
A 1 115 HIS 115 115 ?   ?   ?   A . n 
# 
loop_
_pdbx_nonpoly_scheme.asym_id 
_pdbx_nonpoly_scheme.entity_id 
_pdbx_nonpoly_scheme.mon_id 
_pdbx_nonpoly_scheme.ndb_seq_num 
_pdbx_nonpoly_scheme.pdb_seq_num 
_pdbx_nonpoly_scheme.auth_seq_num 
_pdbx_nonpoly_scheme.pdb_mon_id 
_pdbx_nonpoly_scheme.auth_mon_id 
_pdbx_nonpoly_scheme.pdb_strand_id 
_pdbx_nonpoly_scheme.pdb_ins_code 
B 2 FES 1   501 501 FES FES A . 
C 3 NA  1   502 1   NA  NA  A . 
D 4 EDO 1   503 1   EDO EDO A . 
E 5 HOH 1   601 48  HOH HOH A . 
E 5 HOH 2   602 21  HOH HOH A . 
E 5 HOH 3   603 58  HOH HOH A . 
E 5 HOH 4   604 92  HOH HOH A . 
E 5 HOH 5   605 82  HOH HOH A . 
E 5 HOH 6   606 38  HOH HOH A . 
E 5 HOH 7   607 66  HOH HOH A . 
E 5 HOH 8   608 37  HOH HOH A . 
E 5 HOH 9   609 17  HOH HOH A . 
E 5 HOH 10  610 11  HOH HOH A . 
E 5 HOH 11  611 80  HOH HOH A . 
E 5 HOH 12  612 31  HOH HOH A . 
E 5 HOH 13  613 51  HOH HOH A . 
E 5 HOH 14  614 44  HOH HOH A . 
E 5 HOH 15  615 93  HOH HOH A . 
E 5 HOH 16  616 70  HOH HOH A . 
E 5 HOH 17  617 26  HOH HOH A . 
E 5 HOH 18  618 23  HOH HOH A . 
E 5 HOH 19  619 24  HOH HOH A . 
E 5 HOH 20  620 7   HOH HOH A . 
E 5 HOH 21  621 65  HOH HOH A . 
E 5 HOH 22  622 3   HOH HOH A . 
E 5 HOH 23  623 50  HOH HOH A . 
E 5 HOH 24  624 35  HOH HOH A . 
E 5 HOH 25  625 60  HOH HOH A . 
E 5 HOH 26  626 101 HOH HOH A . 
E 5 HOH 27  627 14  HOH HOH A . 
E 5 HOH 28  628 18  HOH HOH A . 
E 5 HOH 29  629 98  HOH HOH A . 
E 5 HOH 30  630 2   HOH HOH A . 
E 5 HOH 31  631 15  HOH HOH A . 
E 5 HOH 32  632 1   HOH HOH A . 
E 5 HOH 33  633 5   HOH HOH A . 
E 5 HOH 34  634 8   HOH HOH A . 
E 5 HOH 35  635 71  HOH HOH A . 
E 5 HOH 36  636 45  HOH HOH A . 
E 5 HOH 37  637 4   HOH HOH A . 
E 5 HOH 38  638 104 HOH HOH A . 
E 5 HOH 39  639 46  HOH HOH A . 
E 5 HOH 40  640 40  HOH HOH A . 
E 5 HOH 41  641 59  HOH HOH A . 
E 5 HOH 42  642 25  HOH HOH A . 
E 5 HOH 43  643 99  HOH HOH A . 
E 5 HOH 44  644 94  HOH HOH A . 
E 5 HOH 45  645 88  HOH HOH A . 
E 5 HOH 46  646 55  HOH HOH A . 
E 5 HOH 47  647 63  HOH HOH A . 
E 5 HOH 48  648 33  HOH HOH A . 
E 5 HOH 49  649 13  HOH HOH A . 
E 5 HOH 50  650 22  HOH HOH A . 
E 5 HOH 51  651 39  HOH HOH A . 
E 5 HOH 52  652 96  HOH HOH A . 
E 5 HOH 53  653 67  HOH HOH A . 
E 5 HOH 54  654 6   HOH HOH A . 
E 5 HOH 55  655 79  HOH HOH A . 
E 5 HOH 56  656 47  HOH HOH A . 
E 5 HOH 57  657 53  HOH HOH A . 
E 5 HOH 58  658 43  HOH HOH A . 
E 5 HOH 59  659 81  HOH HOH A . 
E 5 HOH 60  660 42  HOH HOH A . 
E 5 HOH 61  661 34  HOH HOH A . 
E 5 HOH 62  662 91  HOH HOH A . 
E 5 HOH 63  663 62  HOH HOH A . 
E 5 HOH 64  664 72  HOH HOH A . 
E 5 HOH 65  665 9   HOH HOH A . 
E 5 HOH 66  666 102 HOH HOH A . 
E 5 HOH 67  667 54  HOH HOH A . 
E 5 HOH 68  668 19  HOH HOH A . 
E 5 HOH 69  669 12  HOH HOH A . 
E 5 HOH 70  670 68  HOH HOH A . 
E 5 HOH 71  671 74  HOH HOH A . 
E 5 HOH 72  672 20  HOH HOH A . 
E 5 HOH 73  673 56  HOH HOH A . 
E 5 HOH 74  674 77  HOH HOH A . 
E 5 HOH 75  675 16  HOH HOH A . 
E 5 HOH 76  676 61  HOH HOH A . 
E 5 HOH 77  677 106 HOH HOH A . 
E 5 HOH 78  678 75  HOH HOH A . 
E 5 HOH 79  679 95  HOH HOH A . 
E 5 HOH 80  680 27  HOH HOH A . 
E 5 HOH 81  681 69  HOH HOH A . 
E 5 HOH 82  682 10  HOH HOH A . 
E 5 HOH 83  683 32  HOH HOH A . 
E 5 HOH 84  684 78  HOH HOH A . 
E 5 HOH 85  685 36  HOH HOH A . 
E 5 HOH 86  686 89  HOH HOH A . 
E 5 HOH 87  687 87  HOH HOH A . 
E 5 HOH 88  688 86  HOH HOH A . 
E 5 HOH 89  689 30  HOH HOH A . 
E 5 HOH 90  690 29  HOH HOH A . 
E 5 HOH 91  691 90  HOH HOH A . 
E 5 HOH 92  692 73  HOH HOH A . 
E 5 HOH 93  693 105 HOH HOH A . 
E 5 HOH 94  694 41  HOH HOH A . 
E 5 HOH 95  695 64  HOH HOH A . 
E 5 HOH 96  696 83  HOH HOH A . 
E 5 HOH 97  697 85  HOH HOH A . 
E 5 HOH 98  698 100 HOH HOH A . 
E 5 HOH 99  699 57  HOH HOH A . 
E 5 HOH 100 700 52  HOH HOH A . 
E 5 HOH 101 701 49  HOH HOH A . 
E 5 HOH 102 702 28  HOH HOH A . 
E 5 HOH 103 703 97  HOH HOH A . 
E 5 HOH 104 704 84  HOH HOH A . 
E 5 HOH 105 705 76  HOH HOH A . 
E 5 HOH 106 706 103 HOH HOH A . 
# 
_pdbx_struct_assembly.id                   1 
_pdbx_struct_assembly.details              author_and_software_defined_assembly 
_pdbx_struct_assembly.method_details       PISA 
_pdbx_struct_assembly.oligomeric_details   monomeric 
_pdbx_struct_assembly.oligomeric_count     1 
# 
_pdbx_struct_assembly_gen.assembly_id       1 
_pdbx_struct_assembly_gen.oper_expression   1 
_pdbx_struct_assembly_gen.asym_id_list      A,B,C,D,E 
# 
loop_
_pdbx_struct_assembly_prop.biol_id 
_pdbx_struct_assembly_prop.type 
_pdbx_struct_assembly_prop.value 
_pdbx_struct_assembly_prop.details 
1 'ABSA (A^2)' 230  ? 
1 MORE         -16  ? 
1 'SSA (A^2)'  6580 ? 
# 
_pdbx_struct_oper_list.id                   1 
_pdbx_struct_oper_list.type                 'identity operation' 
_pdbx_struct_oper_list.name                 1_555 
_pdbx_struct_oper_list.symmetry_operation   x,y,z 
_pdbx_struct_oper_list.matrix[1][1]         1.0000000000 
_pdbx_struct_oper_list.matrix[1][2]         0.0000000000 
_pdbx_struct_oper_list.matrix[1][3]         0.0000000000 
_pdbx_struct_oper_list.vector[1]            0.0000000000 
_pdbx_struct_oper_list.matrix[2][1]         0.0000000000 
_pdbx_struct_oper_list.matrix[2][2]         1.0000000000 
_pdbx_struct_oper_list.matrix[2][3]         0.0000000000 
_pdbx_struct_oper_list.vector[2]            0.0000000000 
_pdbx_struct_oper_list.matrix[3][1]         0.0000000000 
_pdbx_struct_oper_list.matrix[3][2]         0.0000000000 
_pdbx_struct_oper_list.matrix[3][3]         1.0000000000 
_pdbx_struct_oper_list.vector[3]            0.0000000000 
# 
loop_
_pdbx_struct_special_symmetry.id 
_pdbx_struct_special_symmetry.PDB_model_num 
_pdbx_struct_special_symmetry.auth_asym_id 
_pdbx_struct_special_symmetry.auth_comp_id 
_pdbx_struct_special_symmetry.auth_seq_id 
_pdbx_struct_special_symmetry.PDB_ins_code 
_pdbx_struct_special_symmetry.label_asym_id 
_pdbx_struct_special_symmetry.label_comp_id 
_pdbx_struct_special_symmetry.label_seq_id 
1 1 A HOH 615 ? E HOH . 
2 1 A HOH 652 ? E HOH . 
# 
loop_
_pdbx_struct_conn_angle.id 
_pdbx_struct_conn_angle.ptnr1_label_atom_id 
_pdbx_struct_conn_angle.ptnr1_label_alt_id 
_pdbx_struct_conn_angle.ptnr1_label_asym_id 
_pdbx_struct_conn_angle.ptnr1_label_comp_id 
_pdbx_struct_conn_angle.ptnr1_label_seq_id 
_pdbx_struct_conn_angle.ptnr1_auth_atom_id 
_pdbx_struct_conn_angle.ptnr1_auth_asym_id 
_pdbx_struct_conn_angle.ptnr1_auth_comp_id 
_pdbx_struct_conn_angle.ptnr1_auth_seq_id 
_pdbx_struct_conn_angle.ptnr1_PDB_ins_code 
_pdbx_struct_conn_angle.ptnr1_symmetry 
_pdbx_struct_conn_angle.ptnr2_label_atom_id 
_pdbx_struct_conn_angle.ptnr2_label_alt_id 
_pdbx_struct_conn_angle.ptnr2_label_asym_id 
_pdbx_struct_conn_angle.ptnr2_label_comp_id 
_pdbx_struct_conn_angle.ptnr2_label_seq_id 
_pdbx_struct_conn_angle.ptnr2_auth_atom_id 
_pdbx_struct_conn_angle.ptnr2_auth_asym_id 
_pdbx_struct_conn_angle.ptnr2_auth_comp_id 
_pdbx_struct_conn_angle.ptnr2_auth_seq_id 
_pdbx_struct_conn_angle.ptnr2_PDB_ins_code 
_pdbx_struct_conn_angle.ptnr2_symmetry 
_pdbx_struct_conn_angle.ptnr3_label_atom_id 
_pdbx_struct_conn_angle.ptnr3_label_alt_id 
_pdbx_struct_conn_angle.ptnr3_label_asym_id 
_pdbx_struct_conn_angle.ptnr3_label_comp_id 
_pdbx_struct_conn_angle.ptnr3_label_seq_id 
_pdbx_struct_conn_angle.ptnr3_auth_atom_id 
_pdbx_struct_conn_angle.ptnr3_auth_asym_id 
_pdbx_struct_conn_angle.ptnr3_auth_comp_id 
_pdbx_struct_conn_angle.ptnr3_auth_seq_id 
_pdbx_struct_conn_angle.ptnr3_PDB_ins_code 
_pdbx_struct_conn_angle.ptnr3_symmetry 
_pdbx_struct_conn_angle.value 
_pdbx_struct_conn_angle.value_esd 
1  SG  ? A CYS 46 ? A CYS 46  ? 1_555 FE2 ? B FES . ? A FES 501 ? 1_555 S1  ? B FES .  ? A FES 501 ? 1_555 108.8 ? 
2  SG  ? A CYS 46 ? A CYS 46  ? 1_555 FE2 ? B FES . ? A FES 501 ? 1_555 S2  ? B FES .  ? A FES 501 ? 1_555 113.2 ? 
3  S1  ? B FES .  ? A FES 501 ? 1_555 FE2 ? B FES . ? A FES 501 ? 1_555 S2  ? B FES .  ? A FES 501 ? 1_555 106.0 ? 
4  SG  ? A CYS 46 ? A CYS 46  ? 1_555 FE2 ? B FES . ? A FES 501 ? 1_555 SG  ? A CYS 65 ? A CYS 65  ? 1_555 110.4 ? 
5  S1  ? B FES .  ? A FES 501 ? 1_555 FE2 ? B FES . ? A FES 501 ? 1_555 SG  ? A CYS 65 ? A CYS 65  ? 1_555 108.2 ? 
6  S2  ? B FES .  ? A FES 501 ? 1_555 FE2 ? B FES . ? A FES 501 ? 1_555 SG  ? A CYS 65 ? A CYS 65  ? 1_555 110.1 ? 
7  ND1 ? A HIS 48 ? A HIS 48  ? 1_555 FE1 ? B FES . ? A FES 501 ? 1_555 S1  ? B FES .  ? A FES 501 ? 1_555 123.2 ? 
8  ND1 ? A HIS 48 ? A HIS 48  ? 1_555 FE1 ? B FES . ? A FES 501 ? 1_555 S2  ? B FES .  ? A FES 501 ? 1_555 108.1 ? 
9  S1  ? B FES .  ? A FES 501 ? 1_555 FE1 ? B FES . ? A FES 501 ? 1_555 S2  ? B FES .  ? A FES 501 ? 1_555 105.7 ? 
10 ND1 ? A HIS 48 ? A HIS 48  ? 1_555 FE1 ? B FES . ? A FES 501 ? 1_555 ND1 ? A HIS 68 ? A HIS 68  ? 1_555 92.4  ? 
11 S1  ? B FES .  ? A FES 501 ? 1_555 FE1 ? B FES . ? A FES 501 ? 1_555 ND1 ? A HIS 68 ? A HIS 68  ? 1_555 107.4 ? 
12 S2  ? B FES .  ? A FES 501 ? 1_555 FE1 ? B FES . ? A FES 501 ? 1_555 ND1 ? A HIS 68 ? A HIS 68  ? 1_555 120.9 ? 
13 OD2 ? A ASP 59 ? A ASP 59  ? 1_555 NA  ? C NA  . ? A NA  502 ? 1_555 OE2 ? A GLU 64 ? A GLU 64  ? 1_555 95.0  ? 
14 OD2 ? A ASP 59 ? A ASP 59  ? 1_555 NA  ? C NA  . ? A NA  502 ? 1_555 O   ? E HOH .  ? A HOH 652 ? 1_555 164.3 ? 
15 OE2 ? A GLU 64 ? A GLU 64  ? 1_555 NA  ? C NA  . ? A NA  502 ? 1_555 O   ? E HOH .  ? A HOH 652 ? 1_555 83.9  ? 
16 OD2 ? A ASP 59 ? A ASP 59  ? 1_555 NA  ? C NA  . ? A NA  502 ? 1_555 O   ? E HOH .  ? A HOH 652 ? 4_545 164.3 ? 
17 OE2 ? A GLU 64 ? A GLU 64  ? 1_555 NA  ? C NA  . ? A NA  502 ? 1_555 O   ? E HOH .  ? A HOH 652 ? 4_545 83.9  ? 
18 O   ? E HOH .  ? A HOH 652 ? 1_555 NA  ? C NA  . ? A NA  502 ? 1_555 O   ? E HOH .  ? A HOH 652 ? 4_545 0.0   ? 
19 OD2 ? A ASP 59 ? A ASP 59  ? 1_555 NA  ? C NA  . ? A NA  502 ? 1_555 O   ? E HOH .  ? A HOH 681 ? 1_555 91.2  ? 
20 OE2 ? A GLU 64 ? A GLU 64  ? 1_555 NA  ? C NA  . ? A NA  502 ? 1_555 O   ? E HOH .  ? A HOH 681 ? 1_555 93.1  ? 
21 O   ? E HOH .  ? A HOH 652 ? 1_555 NA  ? C NA  . ? A NA  502 ? 1_555 O   ? E HOH .  ? A HOH 681 ? 1_555 73.3  ? 
22 O   ? E HOH .  ? A HOH 652 ? 4_545 NA  ? C NA  . ? A NA  502 ? 1_555 O   ? E HOH .  ? A HOH 681 ? 1_555 73.3  ? 
23 OD2 ? A ASP 59 ? A ASP 59  ? 1_555 NA  ? C NA  . ? A NA  502 ? 1_555 O   ? E HOH .  ? A HOH 681 ? 4_545 109.8 ? 
24 OE2 ? A GLU 64 ? A GLU 64  ? 1_555 NA  ? C NA  . ? A NA  502 ? 1_555 O   ? E HOH .  ? A HOH 681 ? 4_545 155.0 ? 
25 O   ? E HOH .  ? A HOH 652 ? 1_555 NA  ? C NA  . ? A NA  502 ? 1_555 O   ? E HOH .  ? A HOH 681 ? 4_545 73.0  ? 
26 O   ? E HOH .  ? A HOH 652 ? 4_545 NA  ? C NA  . ? A NA  502 ? 1_555 O   ? E HOH .  ? A HOH 681 ? 4_545 73.0  ? 
27 O   ? E HOH .  ? A HOH 681 ? 1_555 NA  ? C NA  . ? A NA  502 ? 1_555 O   ? E HOH .  ? A HOH 681 ? 4_545 89.3  ? 
# 
loop_
_pdbx_audit_revision_history.ordinal 
_pdbx_audit_revision_history.data_content_type 
_pdbx_audit_revision_history.major_revision 
_pdbx_audit_revision_history.minor_revision 
_pdbx_audit_revision_history.revision_date 
1 'Structure model' 1 0 2021-04-07 
2 'Structure model' 1 1 2023-11-29 
# 
_pdbx_audit_revision_details.ordinal             1 
_pdbx_audit_revision_details.revision_ordinal    1 
_pdbx_audit_revision_details.data_content_type   'Structure model' 
_pdbx_audit_revision_details.provider            repository 
_pdbx_audit_revision_details.type                'Initial release' 
_pdbx_audit_revision_details.description         ? 
_pdbx_audit_revision_details.details             ? 
# 
loop_
_pdbx_audit_revision_group.ordinal 
_pdbx_audit_revision_group.revision_ordinal 
_pdbx_audit_revision_group.data_content_type 
_pdbx_audit_revision_group.group 
1 2 'Structure model' 'Data collection'        
2 2 'Structure model' 'Database references'    
3 2 'Structure model' 'Refinement description' 
# 
loop_
_pdbx_audit_revision_category.ordinal 
_pdbx_audit_revision_category.revision_ordinal 
_pdbx_audit_revision_category.data_content_type 
_pdbx_audit_revision_category.category 
1 2 'Structure model' chem_comp_atom                
2 2 'Structure model' chem_comp_bond                
3 2 'Structure model' database_2                    
4 2 'Structure model' pdbx_initial_refinement_model 
# 
loop_
_pdbx_audit_revision_item.ordinal 
_pdbx_audit_revision_item.revision_ordinal 
_pdbx_audit_revision_item.data_content_type 
_pdbx_audit_revision_item.item 
1 2 'Structure model' '_database_2.pdbx_DOI'                
2 2 'Structure model' '_database_2.pdbx_database_accession' 
# 
loop_
_software.citation_id 
_software.classification 
_software.compiler_name 
_software.compiler_version 
_software.contact_author 
_software.contact_author_email 
_software.date 
_software.description 
_software.dependencies 
_software.hardware 
_software.language 
_software.location 
_software.mods 
_software.name 
_software.os 
_software.os_version 
_software.type 
_software.version 
_software.pdbx_ordinal 
? refinement       ? ? ? ? ? ? ? ? ? ? ? REFMAC  ? ? ? 5.8.0238 1 
? 'data reduction' ? ? ? ? ? ? ? ? ? ? ? iMOSFLM ? ? ? .        2 
? 'data scaling'   ? ? ? ? ? ? ? ? ? ? ? Aimless ? ? ? .        3 
? phasing          ? ? ? ? ? ? ? ? ? ? ? MOLREP  ? ? ? .        4 
# 
_pdbx_entry_details.entry_id                 7BUH 
_pdbx_entry_details.has_ligand_of_interest   Y 
_pdbx_entry_details.compound_details         ? 
_pdbx_entry_details.source_details           ? 
_pdbx_entry_details.nonpolymer_details       ? 
_pdbx_entry_details.sequence_details         ? 
# 
loop_
_pdbx_validate_close_contact.id 
_pdbx_validate_close_contact.PDB_model_num 
_pdbx_validate_close_contact.auth_atom_id_1 
_pdbx_validate_close_contact.auth_asym_id_1 
_pdbx_validate_close_contact.auth_comp_id_1 
_pdbx_validate_close_contact.auth_seq_id_1 
_pdbx_validate_close_contact.PDB_ins_code_1 
_pdbx_validate_close_contact.label_alt_id_1 
_pdbx_validate_close_contact.auth_atom_id_2 
_pdbx_validate_close_contact.auth_asym_id_2 
_pdbx_validate_close_contact.auth_comp_id_2 
_pdbx_validate_close_contact.auth_seq_id_2 
_pdbx_validate_close_contact.PDB_ins_code_2 
_pdbx_validate_close_contact.label_alt_id_2 
_pdbx_validate_close_contact.dist 
1 1 O   A HOH 681 ? ? O A HOH 684 ? ? 2.16 
2 1 OE1 A GLU 97  ? ? O A HOH 601 ? ? 2.17 
# 
loop_
_pdbx_validate_torsion.id 
_pdbx_validate_torsion.PDB_model_num 
_pdbx_validate_torsion.auth_comp_id 
_pdbx_validate_torsion.auth_asym_id 
_pdbx_validate_torsion.auth_seq_id 
_pdbx_validate_torsion.PDB_ins_code 
_pdbx_validate_torsion.label_alt_id 
_pdbx_validate_torsion.phi 
_pdbx_validate_torsion.psi 
1 1 VAL A 8   ? ? -99.98 -64.25 
2 1 GLU A 105 ? ? 21.90  39.03  
3 1 GLU A 105 ? ? 13.60  45.86  
# 
loop_
_pdbx_unobs_or_zero_occ_atoms.id 
_pdbx_unobs_or_zero_occ_atoms.PDB_model_num 
_pdbx_unobs_or_zero_occ_atoms.polymer_flag 
_pdbx_unobs_or_zero_occ_atoms.occupancy_flag 
_pdbx_unobs_or_zero_occ_atoms.auth_asym_id 
_pdbx_unobs_or_zero_occ_atoms.auth_comp_id 
_pdbx_unobs_or_zero_occ_atoms.auth_seq_id 
_pdbx_unobs_or_zero_occ_atoms.PDB_ins_code 
_pdbx_unobs_or_zero_occ_atoms.auth_atom_id 
_pdbx_unobs_or_zero_occ_atoms.label_alt_id 
_pdbx_unobs_or_zero_occ_atoms.label_asym_id 
_pdbx_unobs_or_zero_occ_atoms.label_comp_id 
_pdbx_unobs_or_zero_occ_atoms.label_seq_id 
_pdbx_unobs_or_zero_occ_atoms.label_atom_id 
1  1 Y 1 A LYS 106 ? CG  ? A LYS 106 CG  
2  1 Y 1 A LYS 106 ? CD  ? A LYS 106 CD  
3  1 Y 1 A LYS 106 ? CE  ? A LYS 106 CE  
4  1 Y 1 A LYS 106 ? NZ  ? A LYS 106 NZ  
5  1 Y 1 A LYS 107 ? CG  ? A LYS 107 CG  
6  1 Y 1 A LYS 107 ? CD  ? A LYS 107 CD  
7  1 Y 1 A LYS 107 ? CE  ? A LYS 107 CE  
8  1 Y 1 A LYS 107 ? NZ  ? A LYS 107 NZ  
9  1 Y 1 A LEU 108 ? CG  ? A LEU 108 CG  
10 1 Y 1 A LEU 108 ? CD1 ? A LEU 108 CD1 
11 1 Y 1 A LEU 108 ? CD2 ? A LEU 108 CD2 
# 
loop_
_pdbx_unobs_or_zero_occ_residues.id 
_pdbx_unobs_or_zero_occ_residues.PDB_model_num 
_pdbx_unobs_or_zero_occ_residues.polymer_flag 
_pdbx_unobs_or_zero_occ_residues.occupancy_flag 
_pdbx_unobs_or_zero_occ_residues.auth_asym_id 
_pdbx_unobs_or_zero_occ_residues.auth_comp_id 
_pdbx_unobs_or_zero_occ_residues.auth_seq_id 
_pdbx_unobs_or_zero_occ_residues.PDB_ins_code 
_pdbx_unobs_or_zero_occ_residues.label_asym_id 
_pdbx_unobs_or_zero_occ_residues.label_comp_id 
_pdbx_unobs_or_zero_occ_residues.label_seq_id 
1 1 Y 1 A MET 1   ? A MET 1   
2 1 Y 1 A HIS 115 ? A HIS 115 
# 
loop_
_chem_comp_atom.comp_id 
_chem_comp_atom.atom_id 
_chem_comp_atom.type_symbol 
_chem_comp_atom.pdbx_aromatic_flag 
_chem_comp_atom.pdbx_stereo_config 
_chem_comp_atom.pdbx_ordinal 
ALA N    N  N N 1   
ALA CA   C  N S 2   
ALA C    C  N N 3   
ALA O    O  N N 4   
ALA CB   C  N N 5   
ALA OXT  O  N N 6   
ALA H    H  N N 7   
ALA H2   H  N N 8   
ALA HA   H  N N 9   
ALA HB1  H  N N 10  
ALA HB2  H  N N 11  
ALA HB3  H  N N 12  
ALA HXT  H  N N 13  
ARG N    N  N N 14  
ARG CA   C  N S 15  
ARG C    C  N N 16  
ARG O    O  N N 17  
ARG CB   C  N N 18  
ARG CG   C  N N 19  
ARG CD   C  N N 20  
ARG NE   N  N N 21  
ARG CZ   C  N N 22  
ARG NH1  N  N N 23  
ARG NH2  N  N N 24  
ARG OXT  O  N N 25  
ARG H    H  N N 26  
ARG H2   H  N N 27  
ARG HA   H  N N 28  
ARG HB2  H  N N 29  
ARG HB3  H  N N 30  
ARG HG2  H  N N 31  
ARG HG3  H  N N 32  
ARG HD2  H  N N 33  
ARG HD3  H  N N 34  
ARG HE   H  N N 35  
ARG HH11 H  N N 36  
ARG HH12 H  N N 37  
ARG HH21 H  N N 38  
ARG HH22 H  N N 39  
ARG HXT  H  N N 40  
ASN N    N  N N 41  
ASN CA   C  N S 42  
ASN C    C  N N 43  
ASN O    O  N N 44  
ASN CB   C  N N 45  
ASN CG   C  N N 46  
ASN OD1  O  N N 47  
ASN ND2  N  N N 48  
ASN OXT  O  N N 49  
ASN H    H  N N 50  
ASN H2   H  N N 51  
ASN HA   H  N N 52  
ASN HB2  H  N N 53  
ASN HB3  H  N N 54  
ASN HD21 H  N N 55  
ASN HD22 H  N N 56  
ASN HXT  H  N N 57  
ASP N    N  N N 58  
ASP CA   C  N S 59  
ASP C    C  N N 60  
ASP O    O  N N 61  
ASP CB   C  N N 62  
ASP CG   C  N N 63  
ASP OD1  O  N N 64  
ASP OD2  O  N N 65  
ASP OXT  O  N N 66  
ASP H    H  N N 67  
ASP H2   H  N N 68  
ASP HA   H  N N 69  
ASP HB2  H  N N 70  
ASP HB3  H  N N 71  
ASP HD2  H  N N 72  
ASP HXT  H  N N 73  
CYS N    N  N N 74  
CYS CA   C  N R 75  
CYS C    C  N N 76  
CYS O    O  N N 77  
CYS CB   C  N N 78  
CYS SG   S  N N 79  
CYS OXT  O  N N 80  
CYS H    H  N N 81  
CYS H2   H  N N 82  
CYS HA   H  N N 83  
CYS HB2  H  N N 84  
CYS HB3  H  N N 85  
CYS HG   H  N N 86  
CYS HXT  H  N N 87  
EDO C1   C  N N 88  
EDO O1   O  N N 89  
EDO C2   C  N N 90  
EDO O2   O  N N 91  
EDO H11  H  N N 92  
EDO H12  H  N N 93  
EDO HO1  H  N N 94  
EDO H21  H  N N 95  
EDO H22  H  N N 96  
EDO HO2  H  N N 97  
FES FE1  FE N N 98  
FES FE2  FE N N 99  
FES S1   S  N N 100 
FES S2   S  N N 101 
GLN N    N  N N 102 
GLN CA   C  N S 103 
GLN C    C  N N 104 
GLN O    O  N N 105 
GLN CB   C  N N 106 
GLN CG   C  N N 107 
GLN CD   C  N N 108 
GLN OE1  O  N N 109 
GLN NE2  N  N N 110 
GLN OXT  O  N N 111 
GLN H    H  N N 112 
GLN H2   H  N N 113 
GLN HA   H  N N 114 
GLN HB2  H  N N 115 
GLN HB3  H  N N 116 
GLN HG2  H  N N 117 
GLN HG3  H  N N 118 
GLN HE21 H  N N 119 
GLN HE22 H  N N 120 
GLN HXT  H  N N 121 
GLU N    N  N N 122 
GLU CA   C  N S 123 
GLU C    C  N N 124 
GLU O    O  N N 125 
GLU CB   C  N N 126 
GLU CG   C  N N 127 
GLU CD   C  N N 128 
GLU OE1  O  N N 129 
GLU OE2  O  N N 130 
GLU OXT  O  N N 131 
GLU H    H  N N 132 
GLU H2   H  N N 133 
GLU HA   H  N N 134 
GLU HB2  H  N N 135 
GLU HB3  H  N N 136 
GLU HG2  H  N N 137 
GLU HG3  H  N N 138 
GLU HE2  H  N N 139 
GLU HXT  H  N N 140 
GLY N    N  N N 141 
GLY CA   C  N N 142 
GLY C    C  N N 143 
GLY O    O  N N 144 
GLY OXT  O  N N 145 
GLY H    H  N N 146 
GLY H2   H  N N 147 
GLY HA2  H  N N 148 
GLY HA3  H  N N 149 
GLY HXT  H  N N 150 
HIS N    N  N N 151 
HIS CA   C  N S 152 
HIS C    C  N N 153 
HIS O    O  N N 154 
HIS CB   C  N N 155 
HIS CG   C  Y N 156 
HIS ND1  N  Y N 157 
HIS CD2  C  Y N 158 
HIS CE1  C  Y N 159 
HIS NE2  N  Y N 160 
HIS OXT  O  N N 161 
HIS H    H  N N 162 
HIS H2   H  N N 163 
HIS HA   H  N N 164 
HIS HB2  H  N N 165 
HIS HB3  H  N N 166 
HIS HD1  H  N N 167 
HIS HD2  H  N N 168 
HIS HE1  H  N N 169 
HIS HE2  H  N N 170 
HIS HXT  H  N N 171 
HOH O    O  N N 172 
HOH H1   H  N N 173 
HOH H2   H  N N 174 
ILE N    N  N N 175 
ILE CA   C  N S 176 
ILE C    C  N N 177 
ILE O    O  N N 178 
ILE CB   C  N S 179 
ILE CG1  C  N N 180 
ILE CG2  C  N N 181 
ILE CD1  C  N N 182 
ILE OXT  O  N N 183 
ILE H    H  N N 184 
ILE H2   H  N N 185 
ILE HA   H  N N 186 
ILE HB   H  N N 187 
ILE HG12 H  N N 188 
ILE HG13 H  N N 189 
ILE HG21 H  N N 190 
ILE HG22 H  N N 191 
ILE HG23 H  N N 192 
ILE HD11 H  N N 193 
ILE HD12 H  N N 194 
ILE HD13 H  N N 195 
ILE HXT  H  N N 196 
LEU N    N  N N 197 
LEU CA   C  N S 198 
LEU C    C  N N 199 
LEU O    O  N N 200 
LEU CB   C  N N 201 
LEU CG   C  N N 202 
LEU CD1  C  N N 203 
LEU CD2  C  N N 204 
LEU OXT  O  N N 205 
LEU H    H  N N 206 
LEU H2   H  N N 207 
LEU HA   H  N N 208 
LEU HB2  H  N N 209 
LEU HB3  H  N N 210 
LEU HG   H  N N 211 
LEU HD11 H  N N 212 
LEU HD12 H  N N 213 
LEU HD13 H  N N 214 
LEU HD21 H  N N 215 
LEU HD22 H  N N 216 
LEU HD23 H  N N 217 
LEU HXT  H  N N 218 
LYS N    N  N N 219 
LYS CA   C  N S 220 
LYS C    C  N N 221 
LYS O    O  N N 222 
LYS CB   C  N N 223 
LYS CG   C  N N 224 
LYS CD   C  N N 225 
LYS CE   C  N N 226 
LYS NZ   N  N N 227 
LYS OXT  O  N N 228 
LYS H    H  N N 229 
LYS H2   H  N N 230 
LYS HA   H  N N 231 
LYS HB2  H  N N 232 
LYS HB3  H  N N 233 
LYS HG2  H  N N 234 
LYS HG3  H  N N 235 
LYS HD2  H  N N 236 
LYS HD3  H  N N 237 
LYS HE2  H  N N 238 
LYS HE3  H  N N 239 
LYS HZ1  H  N N 240 
LYS HZ2  H  N N 241 
LYS HZ3  H  N N 242 
LYS HXT  H  N N 243 
MET N    N  N N 244 
MET CA   C  N S 245 
MET C    C  N N 246 
MET O    O  N N 247 
MET CB   C  N N 248 
MET CG   C  N N 249 
MET SD   S  N N 250 
MET CE   C  N N 251 
MET OXT  O  N N 252 
MET H    H  N N 253 
MET H2   H  N N 254 
MET HA   H  N N 255 
MET HB2  H  N N 256 
MET HB3  H  N N 257 
MET HG2  H  N N 258 
MET HG3  H  N N 259 
MET HE1  H  N N 260 
MET HE2  H  N N 261 
MET HE3  H  N N 262 
MET HXT  H  N N 263 
NA  NA   NA N N 264 
PHE N    N  N N 265 
PHE CA   C  N S 266 
PHE C    C  N N 267 
PHE O    O  N N 268 
PHE CB   C  N N 269 
PHE CG   C  Y N 270 
PHE CD1  C  Y N 271 
PHE CD2  C  Y N 272 
PHE CE1  C  Y N 273 
PHE CE2  C  Y N 274 
PHE CZ   C  Y N 275 
PHE OXT  O  N N 276 
PHE H    H  N N 277 
PHE H2   H  N N 278 
PHE HA   H  N N 279 
PHE HB2  H  N N 280 
PHE HB3  H  N N 281 
PHE HD1  H  N N 282 
PHE HD2  H  N N 283 
PHE HE1  H  N N 284 
PHE HE2  H  N N 285 
PHE HZ   H  N N 286 
PHE HXT  H  N N 287 
PRO N    N  N N 288 
PRO CA   C  N S 289 
PRO C    C  N N 290 
PRO O    O  N N 291 
PRO CB   C  N N 292 
PRO CG   C  N N 293 
PRO CD   C  N N 294 
PRO OXT  O  N N 295 
PRO H    H  N N 296 
PRO HA   H  N N 297 
PRO HB2  H  N N 298 
PRO HB3  H  N N 299 
PRO HG2  H  N N 300 
PRO HG3  H  N N 301 
PRO HD2  H  N N 302 
PRO HD3  H  N N 303 
PRO HXT  H  N N 304 
SER N    N  N N 305 
SER CA   C  N S 306 
SER C    C  N N 307 
SER O    O  N N 308 
SER CB   C  N N 309 
SER OG   O  N N 310 
SER OXT  O  N N 311 
SER H    H  N N 312 
SER H2   H  N N 313 
SER HA   H  N N 314 
SER HB2  H  N N 315 
SER HB3  H  N N 316 
SER HG   H  N N 317 
SER HXT  H  N N 318 
THR N    N  N N 319 
THR CA   C  N S 320 
THR C    C  N N 321 
THR O    O  N N 322 
THR CB   C  N R 323 
THR OG1  O  N N 324 
THR CG2  C  N N 325 
THR OXT  O  N N 326 
THR H    H  N N 327 
THR H2   H  N N 328 
THR HA   H  N N 329 
THR HB   H  N N 330 
THR HG1  H  N N 331 
THR HG21 H  N N 332 
THR HG22 H  N N 333 
THR HG23 H  N N 334 
THR HXT  H  N N 335 
TRP N    N  N N 336 
TRP CA   C  N S 337 
TRP C    C  N N 338 
TRP O    O  N N 339 
TRP CB   C  N N 340 
TRP CG   C  Y N 341 
TRP CD1  C  Y N 342 
TRP CD2  C  Y N 343 
TRP NE1  N  Y N 344 
TRP CE2  C  Y N 345 
TRP CE3  C  Y N 346 
TRP CZ2  C  Y N 347 
TRP CZ3  C  Y N 348 
TRP CH2  C  Y N 349 
TRP OXT  O  N N 350 
TRP H    H  N N 351 
TRP H2   H  N N 352 
TRP HA   H  N N 353 
TRP HB2  H  N N 354 
TRP HB3  H  N N 355 
TRP HD1  H  N N 356 
TRP HE1  H  N N 357 
TRP HE3  H  N N 358 
TRP HZ2  H  N N 359 
TRP HZ3  H  N N 360 
TRP HH2  H  N N 361 
TRP HXT  H  N N 362 
TYR N    N  N N 363 
TYR CA   C  N S 364 
TYR C    C  N N 365 
TYR O    O  N N 366 
TYR CB   C  N N 367 
TYR CG   C  Y N 368 
TYR CD1  C  Y N 369 
TYR CD2  C  Y N 370 
TYR CE1  C  Y N 371 
TYR CE2  C  Y N 372 
TYR CZ   C  Y N 373 
TYR OH   O  N N 374 
TYR OXT  O  N N 375 
TYR H    H  N N 376 
TYR H2   H  N N 377 
TYR HA   H  N N 378 
TYR HB2  H  N N 379 
TYR HB3  H  N N 380 
TYR HD1  H  N N 381 
TYR HD2  H  N N 382 
TYR HE1  H  N N 383 
TYR HE2  H  N N 384 
TYR HH   H  N N 385 
TYR HXT  H  N N 386 
VAL N    N  N N 387 
VAL CA   C  N S 388 
VAL C    C  N N 389 
VAL O    O  N N 390 
VAL CB   C  N N 391 
VAL CG1  C  N N 392 
VAL CG2  C  N N 393 
VAL OXT  O  N N 394 
VAL H    H  N N 395 
VAL H2   H  N N 396 
VAL HA   H  N N 397 
VAL HB   H  N N 398 
VAL HG11 H  N N 399 
VAL HG12 H  N N 400 
VAL HG13 H  N N 401 
VAL HG21 H  N N 402 
VAL HG22 H  N N 403 
VAL HG23 H  N N 404 
VAL HXT  H  N N 405 
# 
loop_
_chem_comp_bond.comp_id 
_chem_comp_bond.atom_id_1 
_chem_comp_bond.atom_id_2 
_chem_comp_bond.value_order 
_chem_comp_bond.pdbx_aromatic_flag 
_chem_comp_bond.pdbx_stereo_config 
_chem_comp_bond.pdbx_ordinal 
ALA N   CA   sing N N 1   
ALA N   H    sing N N 2   
ALA N   H2   sing N N 3   
ALA CA  C    sing N N 4   
ALA CA  CB   sing N N 5   
ALA CA  HA   sing N N 6   
ALA C   O    doub N N 7   
ALA C   OXT  sing N N 8   
ALA CB  HB1  sing N N 9   
ALA CB  HB2  sing N N 10  
ALA CB  HB3  sing N N 11  
ALA OXT HXT  sing N N 12  
ARG N   CA   sing N N 13  
ARG N   H    sing N N 14  
ARG N   H2   sing N N 15  
ARG CA  C    sing N N 16  
ARG CA  CB   sing N N 17  
ARG CA  HA   sing N N 18  
ARG C   O    doub N N 19  
ARG C   OXT  sing N N 20  
ARG CB  CG   sing N N 21  
ARG CB  HB2  sing N N 22  
ARG CB  HB3  sing N N 23  
ARG CG  CD   sing N N 24  
ARG CG  HG2  sing N N 25  
ARG CG  HG3  sing N N 26  
ARG CD  NE   sing N N 27  
ARG CD  HD2  sing N N 28  
ARG CD  HD3  sing N N 29  
ARG NE  CZ   sing N N 30  
ARG NE  HE   sing N N 31  
ARG CZ  NH1  sing N N 32  
ARG CZ  NH2  doub N N 33  
ARG NH1 HH11 sing N N 34  
ARG NH1 HH12 sing N N 35  
ARG NH2 HH21 sing N N 36  
ARG NH2 HH22 sing N N 37  
ARG OXT HXT  sing N N 38  
ASN N   CA   sing N N 39  
ASN N   H    sing N N 40  
ASN N   H2   sing N N 41  
ASN CA  C    sing N N 42  
ASN CA  CB   sing N N 43  
ASN CA  HA   sing N N 44  
ASN C   O    doub N N 45  
ASN C   OXT  sing N N 46  
ASN CB  CG   sing N N 47  
ASN CB  HB2  sing N N 48  
ASN CB  HB3  sing N N 49  
ASN CG  OD1  doub N N 50  
ASN CG  ND2  sing N N 51  
ASN ND2 HD21 sing N N 52  
ASN ND2 HD22 sing N N 53  
ASN OXT HXT  sing N N 54  
ASP N   CA   sing N N 55  
ASP N   H    sing N N 56  
ASP N   H2   sing N N 57  
ASP CA  C    sing N N 58  
ASP CA  CB   sing N N 59  
ASP CA  HA   sing N N 60  
ASP C   O    doub N N 61  
ASP C   OXT  sing N N 62  
ASP CB  CG   sing N N 63  
ASP CB  HB2  sing N N 64  
ASP CB  HB3  sing N N 65  
ASP CG  OD1  doub N N 66  
ASP CG  OD2  sing N N 67  
ASP OD2 HD2  sing N N 68  
ASP OXT HXT  sing N N 69  
CYS N   CA   sing N N 70  
CYS N   H    sing N N 71  
CYS N   H2   sing N N 72  
CYS CA  C    sing N N 73  
CYS CA  CB   sing N N 74  
CYS CA  HA   sing N N 75  
CYS C   O    doub N N 76  
CYS C   OXT  sing N N 77  
CYS CB  SG   sing N N 78  
CYS CB  HB2  sing N N 79  
CYS CB  HB3  sing N N 80  
CYS SG  HG   sing N N 81  
CYS OXT HXT  sing N N 82  
EDO C1  O1   sing N N 83  
EDO C1  C2   sing N N 84  
EDO C1  H11  sing N N 85  
EDO C1  H12  sing N N 86  
EDO O1  HO1  sing N N 87  
EDO C2  O2   sing N N 88  
EDO C2  H21  sing N N 89  
EDO C2  H22  sing N N 90  
EDO O2  HO2  sing N N 91  
FES FE1 S1   sing N N 92  
FES FE1 S2   sing N N 93  
FES FE2 S1   sing N N 94  
FES FE2 S2   sing N N 95  
GLN N   CA   sing N N 96  
GLN N   H    sing N N 97  
GLN N   H2   sing N N 98  
GLN CA  C    sing N N 99  
GLN CA  CB   sing N N 100 
GLN CA  HA   sing N N 101 
GLN C   O    doub N N 102 
GLN C   OXT  sing N N 103 
GLN CB  CG   sing N N 104 
GLN CB  HB2  sing N N 105 
GLN CB  HB3  sing N N 106 
GLN CG  CD   sing N N 107 
GLN CG  HG2  sing N N 108 
GLN CG  HG3  sing N N 109 
GLN CD  OE1  doub N N 110 
GLN CD  NE2  sing N N 111 
GLN NE2 HE21 sing N N 112 
GLN NE2 HE22 sing N N 113 
GLN OXT HXT  sing N N 114 
GLU N   CA   sing N N 115 
GLU N   H    sing N N 116 
GLU N   H2   sing N N 117 
GLU CA  C    sing N N 118 
GLU CA  CB   sing N N 119 
GLU CA  HA   sing N N 120 
GLU C   O    doub N N 121 
GLU C   OXT  sing N N 122 
GLU CB  CG   sing N N 123 
GLU CB  HB2  sing N N 124 
GLU CB  HB3  sing N N 125 
GLU CG  CD   sing N N 126 
GLU CG  HG2  sing N N 127 
GLU CG  HG3  sing N N 128 
GLU CD  OE1  doub N N 129 
GLU CD  OE2  sing N N 130 
GLU OE2 HE2  sing N N 131 
GLU OXT HXT  sing N N 132 
GLY N   CA   sing N N 133 
GLY N   H    sing N N 134 
GLY N   H2   sing N N 135 
GLY CA  C    sing N N 136 
GLY CA  HA2  sing N N 137 
GLY CA  HA3  sing N N 138 
GLY C   O    doub N N 139 
GLY C   OXT  sing N N 140 
GLY OXT HXT  sing N N 141 
HIS N   CA   sing N N 142 
HIS N   H    sing N N 143 
HIS N   H2   sing N N 144 
HIS CA  C    sing N N 145 
HIS CA  CB   sing N N 146 
HIS CA  HA   sing N N 147 
HIS C   O    doub N N 148 
HIS C   OXT  sing N N 149 
HIS CB  CG   sing N N 150 
HIS CB  HB2  sing N N 151 
HIS CB  HB3  sing N N 152 
HIS CG  ND1  sing Y N 153 
HIS CG  CD2  doub Y N 154 
HIS ND1 CE1  doub Y N 155 
HIS ND1 HD1  sing N N 156 
HIS CD2 NE2  sing Y N 157 
HIS CD2 HD2  sing N N 158 
HIS CE1 NE2  sing Y N 159 
HIS CE1 HE1  sing N N 160 
HIS NE2 HE2  sing N N 161 
HIS OXT HXT  sing N N 162 
HOH O   H1   sing N N 163 
HOH O   H2   sing N N 164 
ILE N   CA   sing N N 165 
ILE N   H    sing N N 166 
ILE N   H2   sing N N 167 
ILE CA  C    sing N N 168 
ILE CA  CB   sing N N 169 
ILE CA  HA   sing N N 170 
ILE C   O    doub N N 171 
ILE C   OXT  sing N N 172 
ILE CB  CG1  sing N N 173 
ILE CB  CG2  sing N N 174 
ILE CB  HB   sing N N 175 
ILE CG1 CD1  sing N N 176 
ILE CG1 HG12 sing N N 177 
ILE CG1 HG13 sing N N 178 
ILE CG2 HG21 sing N N 179 
ILE CG2 HG22 sing N N 180 
ILE CG2 HG23 sing N N 181 
ILE CD1 HD11 sing N N 182 
ILE CD1 HD12 sing N N 183 
ILE CD1 HD13 sing N N 184 
ILE OXT HXT  sing N N 185 
LEU N   CA   sing N N 186 
LEU N   H    sing N N 187 
LEU N   H2   sing N N 188 
LEU CA  C    sing N N 189 
LEU CA  CB   sing N N 190 
LEU CA  HA   sing N N 191 
LEU C   O    doub N N 192 
LEU C   OXT  sing N N 193 
LEU CB  CG   sing N N 194 
LEU CB  HB2  sing N N 195 
LEU CB  HB3  sing N N 196 
LEU CG  CD1  sing N N 197 
LEU CG  CD2  sing N N 198 
LEU CG  HG   sing N N 199 
LEU CD1 HD11 sing N N 200 
LEU CD1 HD12 sing N N 201 
LEU CD1 HD13 sing N N 202 
LEU CD2 HD21 sing N N 203 
LEU CD2 HD22 sing N N 204 
LEU CD2 HD23 sing N N 205 
LEU OXT HXT  sing N N 206 
LYS N   CA   sing N N 207 
LYS N   H    sing N N 208 
LYS N   H2   sing N N 209 
LYS CA  C    sing N N 210 
LYS CA  CB   sing N N 211 
LYS CA  HA   sing N N 212 
LYS C   O    doub N N 213 
LYS C   OXT  sing N N 214 
LYS CB  CG   sing N N 215 
LYS CB  HB2  sing N N 216 
LYS CB  HB3  sing N N 217 
LYS CG  CD   sing N N 218 
LYS CG  HG2  sing N N 219 
LYS CG  HG3  sing N N 220 
LYS CD  CE   sing N N 221 
LYS CD  HD2  sing N N 222 
LYS CD  HD3  sing N N 223 
LYS CE  NZ   sing N N 224 
LYS CE  HE2  sing N N 225 
LYS CE  HE3  sing N N 226 
LYS NZ  HZ1  sing N N 227 
LYS NZ  HZ2  sing N N 228 
LYS NZ  HZ3  sing N N 229 
LYS OXT HXT  sing N N 230 
MET N   CA   sing N N 231 
MET N   H    sing N N 232 
MET N   H2   sing N N 233 
MET CA  C    sing N N 234 
MET CA  CB   sing N N 235 
MET CA  HA   sing N N 236 
MET C   O    doub N N 237 
MET C   OXT  sing N N 238 
MET CB  CG   sing N N 239 
MET CB  HB2  sing N N 240 
MET CB  HB3  sing N N 241 
MET CG  SD   sing N N 242 
MET CG  HG2  sing N N 243 
MET CG  HG3  sing N N 244 
MET SD  CE   sing N N 245 
MET CE  HE1  sing N N 246 
MET CE  HE2  sing N N 247 
MET CE  HE3  sing N N 248 
MET OXT HXT  sing N N 249 
PHE N   CA   sing N N 250 
PHE N   H    sing N N 251 
PHE N   H2   sing N N 252 
PHE CA  C    sing N N 253 
PHE CA  CB   sing N N 254 
PHE CA  HA   sing N N 255 
PHE C   O    doub N N 256 
PHE C   OXT  sing N N 257 
PHE CB  CG   sing N N 258 
PHE CB  HB2  sing N N 259 
PHE CB  HB3  sing N N 260 
PHE CG  CD1  doub Y N 261 
PHE CG  CD2  sing Y N 262 
PHE CD1 CE1  sing Y N 263 
PHE CD1 HD1  sing N N 264 
PHE CD2 CE2  doub Y N 265 
PHE CD2 HD2  sing N N 266 
PHE CE1 CZ   doub Y N 267 
PHE CE1 HE1  sing N N 268 
PHE CE2 CZ   sing Y N 269 
PHE CE2 HE2  sing N N 270 
PHE CZ  HZ   sing N N 271 
PHE OXT HXT  sing N N 272 
PRO N   CA   sing N N 273 
PRO N   CD   sing N N 274 
PRO N   H    sing N N 275 
PRO CA  C    sing N N 276 
PRO CA  CB   sing N N 277 
PRO CA  HA   sing N N 278 
PRO C   O    doub N N 279 
PRO C   OXT  sing N N 280 
PRO CB  CG   sing N N 281 
PRO CB  HB2  sing N N 282 
PRO CB  HB3  sing N N 283 
PRO CG  CD   sing N N 284 
PRO CG  HG2  sing N N 285 
PRO CG  HG3  sing N N 286 
PRO CD  HD2  sing N N 287 
PRO CD  HD3  sing N N 288 
PRO OXT HXT  sing N N 289 
SER N   CA   sing N N 290 
SER N   H    sing N N 291 
SER N   H2   sing N N 292 
SER CA  C    sing N N 293 
SER CA  CB   sing N N 294 
SER CA  HA   sing N N 295 
SER C   O    doub N N 296 
SER C   OXT  sing N N 297 
SER CB  OG   sing N N 298 
SER CB  HB2  sing N N 299 
SER CB  HB3  sing N N 300 
SER OG  HG   sing N N 301 
SER OXT HXT  sing N N 302 
THR N   CA   sing N N 303 
THR N   H    sing N N 304 
THR N   H2   sing N N 305 
THR CA  C    sing N N 306 
THR CA  CB   sing N N 307 
THR CA  HA   sing N N 308 
THR C   O    doub N N 309 
THR C   OXT  sing N N 310 
THR CB  OG1  sing N N 311 
THR CB  CG2  sing N N 312 
THR CB  HB   sing N N 313 
THR OG1 HG1  sing N N 314 
THR CG2 HG21 sing N N 315 
THR CG2 HG22 sing N N 316 
THR CG2 HG23 sing N N 317 
THR OXT HXT  sing N N 318 
TRP N   CA   sing N N 319 
TRP N   H    sing N N 320 
TRP N   H2   sing N N 321 
TRP CA  C    sing N N 322 
TRP CA  CB   sing N N 323 
TRP CA  HA   sing N N 324 
TRP C   O    doub N N 325 
TRP C   OXT  sing N N 326 
TRP CB  CG   sing N N 327 
TRP CB  HB2  sing N N 328 
TRP CB  HB3  sing N N 329 
TRP CG  CD1  doub Y N 330 
TRP CG  CD2  sing Y N 331 
TRP CD1 NE1  sing Y N 332 
TRP CD1 HD1  sing N N 333 
TRP CD2 CE2  doub Y N 334 
TRP CD2 CE3  sing Y N 335 
TRP NE1 CE2  sing Y N 336 
TRP NE1 HE1  sing N N 337 
TRP CE2 CZ2  sing Y N 338 
TRP CE3 CZ3  doub Y N 339 
TRP CE3 HE3  sing N N 340 
TRP CZ2 CH2  doub Y N 341 
TRP CZ2 HZ2  sing N N 342 
TRP CZ3 CH2  sing Y N 343 
TRP CZ3 HZ3  sing N N 344 
TRP CH2 HH2  sing N N 345 
TRP OXT HXT  sing N N 346 
TYR N   CA   sing N N 347 
TYR N   H    sing N N 348 
TYR N   H2   sing N N 349 
TYR CA  C    sing N N 350 
TYR CA  CB   sing N N 351 
TYR CA  HA   sing N N 352 
TYR C   O    doub N N 353 
TYR C   OXT  sing N N 354 
TYR CB  CG   sing N N 355 
TYR CB  HB2  sing N N 356 
TYR CB  HB3  sing N N 357 
TYR CG  CD1  doub Y N 358 
TYR CG  CD2  sing Y N 359 
TYR CD1 CE1  sing Y N 360 
TYR CD1 HD1  sing N N 361 
TYR CD2 CE2  doub Y N 362 
TYR CD2 HD2  sing N N 363 
TYR CE1 CZ   doub Y N 364 
TYR CE1 HE1  sing N N 365 
TYR CE2 CZ   sing Y N 366 
TYR CE2 HE2  sing N N 367 
TYR CZ  OH   sing N N 368 
TYR OH  HH   sing N N 369 
TYR OXT HXT  sing N N 370 
VAL N   CA   sing N N 371 
VAL N   H    sing N N 372 
VAL N   H2   sing N N 373 
VAL CA  C    sing N N 374 
VAL CA  CB   sing N N 375 
VAL CA  HA   sing N N 376 
VAL C   O    doub N N 377 
VAL C   OXT  sing N N 378 
VAL CB  CG1  sing N N 379 
VAL CB  CG2  sing N N 380 
VAL CB  HB   sing N N 381 
VAL CG1 HG11 sing N N 382 
VAL CG1 HG12 sing N N 383 
VAL CG1 HG13 sing N N 384 
VAL CG2 HG21 sing N N 385 
VAL CG2 HG22 sing N N 386 
VAL CG2 HG23 sing N N 387 
VAL OXT HXT  sing N N 388 
# 
_pdbx_audit_support.funding_organization   'Noda Institute for Scientific Research' 
_pdbx_audit_support.country                Japan 
_pdbx_audit_support.grant_number           ? 
_pdbx_audit_support.ordinal                1 
# 
_pdbx_entity_instance_feature.ordinal        1 
_pdbx_entity_instance_feature.comp_id        FES 
_pdbx_entity_instance_feature.asym_id        ? 
_pdbx_entity_instance_feature.seq_num        ? 
_pdbx_entity_instance_feature.auth_comp_id   FES 
_pdbx_entity_instance_feature.auth_asym_id   ? 
_pdbx_entity_instance_feature.auth_seq_num   ? 
_pdbx_entity_instance_feature.feature_type   'SUBJECT OF INVESTIGATION' 
_pdbx_entity_instance_feature.details        ? 
# 
loop_
_pdbx_entity_nonpoly.entity_id 
_pdbx_entity_nonpoly.name 
_pdbx_entity_nonpoly.comp_id 
2 'FE2/S2 (INORGANIC) CLUSTER' FES 
3 'SODIUM ION'                 NA  
4 1,2-ETHANEDIOL               EDO 
5 water                        HOH 
# 
_pdbx_initial_refinement_model.id               1 
_pdbx_initial_refinement_model.entity_id_list   ? 
_pdbx_initial_refinement_model.type             'experimental model' 
_pdbx_initial_refinement_model.source_name      PDB 
_pdbx_initial_refinement_model.accession_code   1VCK 
_pdbx_initial_refinement_model.details          ? 
# 
_pdbx_struct_assembly_auth_evidence.id                     1 
_pdbx_struct_assembly_auth_evidence.assembly_id            1 
_pdbx_struct_assembly_auth_evidence.experimental_support   none 
_pdbx_struct_assembly_auth_evidence.details                ? 
# 
